data_1U14
# 
_entry.id   1U14 
# 
_audit_conform.dict_name       mmcif_pdbx.dic 
_audit_conform.dict_version    5.399 
_audit_conform.dict_location   http://mmcif.pdb.org/dictionaries/ascii/mmcif_pdbx.dic 
# 
loop_
_database_2.database_id 
_database_2.database_code 
_database_2.pdbx_database_accession 
_database_2.pdbx_DOI 
PDB   1U14         pdb_00001u14 10.2210/pdb1u14/pdb 
RCSB  RCSB023114   ?            ?                   
WWPDB D_1000023114 ?            ?                   
# 
loop_
_pdbx_audit_revision_history.ordinal 
_pdbx_audit_revision_history.data_content_type 
_pdbx_audit_revision_history.major_revision 
_pdbx_audit_revision_history.minor_revision 
_pdbx_audit_revision_history.revision_date 
1 'Structure model' 1 0 2004-09-21 
2 'Structure model' 1 1 2008-04-30 
3 'Structure model' 1 2 2011-07-13 
4 'Structure model' 1 3 2024-11-20 
# 
_pdbx_audit_revision_details.ordinal             1 
_pdbx_audit_revision_details.revision_ordinal    1 
_pdbx_audit_revision_details.data_content_type   'Structure model' 
_pdbx_audit_revision_details.provider            repository 
_pdbx_audit_revision_details.type                'Initial release' 
_pdbx_audit_revision_details.description         ? 
_pdbx_audit_revision_details.details             ? 
# 
loop_
_pdbx_audit_revision_group.ordinal 
_pdbx_audit_revision_group.revision_ordinal 
_pdbx_audit_revision_group.data_content_type 
_pdbx_audit_revision_group.group 
1 2 'Structure model' 'Version format compliance' 
2 3 'Structure model' 'Version format compliance' 
3 4 'Structure model' 'Data collection'           
4 4 'Structure model' 'Database references'       
5 4 'Structure model' 'Derived calculations'      
6 4 'Structure model' 'Structure summary'         
# 
loop_
_pdbx_audit_revision_category.ordinal 
_pdbx_audit_revision_category.revision_ordinal 
_pdbx_audit_revision_category.data_content_type 
_pdbx_audit_revision_category.category 
1 4 'Structure model' chem_comp_atom            
2 4 'Structure model' chem_comp_bond            
3 4 'Structure model' database_2                
4 4 'Structure model' pdbx_entry_details        
5 4 'Structure model' pdbx_modification_feature 
6 4 'Structure model' struct_conn               
7 4 'Structure model' struct_ref_seq_dif        
8 4 'Structure model' struct_site               
# 
loop_
_pdbx_audit_revision_item.ordinal 
_pdbx_audit_revision_item.revision_ordinal 
_pdbx_audit_revision_item.data_content_type 
_pdbx_audit_revision_item.item 
1 4 'Structure model' '_database_2.pdbx_DOI'                
2 4 'Structure model' '_database_2.pdbx_database_accession' 
3 4 'Structure model' '_struct_conn.pdbx_leaving_atom_flag' 
4 4 'Structure model' '_struct_ref_seq_dif.details'         
5 4 'Structure model' '_struct_site.pdbx_auth_asym_id'      
6 4 'Structure model' '_struct_site.pdbx_auth_comp_id'      
7 4 'Structure model' '_struct_site.pdbx_auth_seq_id'       
# 
_pdbx_database_status.status_code                     REL 
_pdbx_database_status.entry_id                        1U14 
_pdbx_database_status.recvd_initial_deposition_date   2004-07-14 
_pdbx_database_status.deposit_site                    RCSB 
_pdbx_database_status.process_site                    RCSB 
_pdbx_database_status.SG_entry                        Y 
_pdbx_database_status.status_code_sf                  REL 
_pdbx_database_status.pdb_format_compatible           Y 
_pdbx_database_status.status_code_mr                  ? 
_pdbx_database_status.status_code_cs                  ? 
_pdbx_database_status.status_code_nmr_data            ? 
_pdbx_database_status.methods_development_category    ? 
# 
_pdbx_database_related.db_name        TargetDB 
_pdbx_database_related.db_id          APC24231 
_pdbx_database_related.details        . 
_pdbx_database_related.content_type   unspecified 
# 
loop_
_audit_author.name 
_audit_author.pdbx_ordinal 
'Qiu, Y.'                                       1 
'Kim, Y.'                                       2 
'Cuff, M.'                                      3 
'Collart, F.'                                   4 
'Joachimiak, A.'                                5 
'Kossiakoff, A.'                                6 
'Midwest Center for Structural Genomics (MCSG)' 7 
# 
_citation.id                        primary 
_citation.title                     'The crystal structure of hypothetical UPF0244 protein yjjX at resolution 1.68 Angstrom' 
_citation.journal_abbrev            'To be Published' 
_citation.journal_volume            ? 
_citation.page_first                ? 
_citation.page_last                 ? 
_citation.year                      ? 
_citation.journal_id_ASTM           ? 
_citation.country                   ? 
_citation.journal_id_ISSN           ? 
_citation.journal_id_CSD            0353 
_citation.book_publisher            ? 
_citation.pdbx_database_id_PubMed   ? 
_citation.pdbx_database_id_DOI      ? 
# 
loop_
_citation_author.citation_id 
_citation_author.name 
_citation_author.ordinal 
_citation_author.identifier_ORCID 
primary 'Qiu, Y.'        1 ? 
primary 'Kim, Y.'        2 ? 
primary 'Cuff, M.'       3 ? 
primary 'Collart, F.'    4 ? 
primary 'Joachimiak, A.' 5 ? 
primary 'Kossiakoff, A.' 6 ? 
# 
loop_
_entity.id 
_entity.type 
_entity.src_method 
_entity.pdbx_description 
_entity.formula_weight 
_entity.pdbx_number_of_molecules 
_entity.pdbx_ec 
_entity.pdbx_mutation 
_entity.pdbx_fragment 
_entity.details 
1 polymer     man 'Hypothetical UPF0244 protein yjjX' 18702.674 1   ? ? ? ? 
2 non-polymer syn 'PHOSPHATE ION'                     94.971    1   ? ? ? ? 
3 water       nat water                               18.015    143 ? ? ? ? 
# 
_entity_poly.entity_id                      1 
_entity_poly.type                           'polypeptide(L)' 
_entity_poly.nstd_linkage                   no 
_entity_poly.nstd_monomer                   yes 
_entity_poly.pdbx_seq_one_letter_code       
;A(MSE)HQVISATTNPAKIQAILQAFEEIFGEGSCHITPVAVESGVPEQPFGSEETRAGARNRVDNARRLHPQADFWVAI
EAGIDDDATFSWVVIDNGVQRGEARSATLPLPAVILDRVRQGEALGPV(MSE)SQYTGIDEIGRKEGAIGVFTAGKLTRS
SVYYQAVILALSPFHNAVYR
;
_entity_poly.pdbx_seq_one_letter_code_can   
;AMHQVISATTNPAKIQAILQAFEEIFGEGSCHITPVAVESGVPEQPFGSEETRAGARNRVDNARRLHPQADFWVAIEAGI
DDDATFSWVVIDNGVQRGEARSATLPLPAVILDRVRQGEALGPVMSQYTGIDEIGRKEGAIGVFTAGKLTRSSVYYQAVI
LALSPFHNAVYR
;
_entity_poly.pdbx_strand_id                 A 
_entity_poly.pdbx_target_identifier         APC24231 
# 
loop_
_pdbx_entity_nonpoly.entity_id 
_pdbx_entity_nonpoly.name 
_pdbx_entity_nonpoly.comp_id 
2 'PHOSPHATE ION' PO4 
3 water           HOH 
# 
loop_
_entity_poly_seq.entity_id 
_entity_poly_seq.num 
_entity_poly_seq.mon_id 
_entity_poly_seq.hetero 
1 1   ALA n 
1 2   MSE n 
1 3   HIS n 
1 4   GLN n 
1 5   VAL n 
1 6   ILE n 
1 7   SER n 
1 8   ALA n 
1 9   THR n 
1 10  THR n 
1 11  ASN n 
1 12  PRO n 
1 13  ALA n 
1 14  LYS n 
1 15  ILE n 
1 16  GLN n 
1 17  ALA n 
1 18  ILE n 
1 19  LEU n 
1 20  GLN n 
1 21  ALA n 
1 22  PHE n 
1 23  GLU n 
1 24  GLU n 
1 25  ILE n 
1 26  PHE n 
1 27  GLY n 
1 28  GLU n 
1 29  GLY n 
1 30  SER n 
1 31  CYS n 
1 32  HIS n 
1 33  ILE n 
1 34  THR n 
1 35  PRO n 
1 36  VAL n 
1 37  ALA n 
1 38  VAL n 
1 39  GLU n 
1 40  SER n 
1 41  GLY n 
1 42  VAL n 
1 43  PRO n 
1 44  GLU n 
1 45  GLN n 
1 46  PRO n 
1 47  PHE n 
1 48  GLY n 
1 49  SER n 
1 50  GLU n 
1 51  GLU n 
1 52  THR n 
1 53  ARG n 
1 54  ALA n 
1 55  GLY n 
1 56  ALA n 
1 57  ARG n 
1 58  ASN n 
1 59  ARG n 
1 60  VAL n 
1 61  ASP n 
1 62  ASN n 
1 63  ALA n 
1 64  ARG n 
1 65  ARG n 
1 66  LEU n 
1 67  HIS n 
1 68  PRO n 
1 69  GLN n 
1 70  ALA n 
1 71  ASP n 
1 72  PHE n 
1 73  TRP n 
1 74  VAL n 
1 75  ALA n 
1 76  ILE n 
1 77  GLU n 
1 78  ALA n 
1 79  GLY n 
1 80  ILE n 
1 81  ASP n 
1 82  ASP n 
1 83  ASP n 
1 84  ALA n 
1 85  THR n 
1 86  PHE n 
1 87  SER n 
1 88  TRP n 
1 89  VAL n 
1 90  VAL n 
1 91  ILE n 
1 92  ASP n 
1 93  ASN n 
1 94  GLY n 
1 95  VAL n 
1 96  GLN n 
1 97  ARG n 
1 98  GLY n 
1 99  GLU n 
1 100 ALA n 
1 101 ARG n 
1 102 SER n 
1 103 ALA n 
1 104 THR n 
1 105 LEU n 
1 106 PRO n 
1 107 LEU n 
1 108 PRO n 
1 109 ALA n 
1 110 VAL n 
1 111 ILE n 
1 112 LEU n 
1 113 ASP n 
1 114 ARG n 
1 115 VAL n 
1 116 ARG n 
1 117 GLN n 
1 118 GLY n 
1 119 GLU n 
1 120 ALA n 
1 121 LEU n 
1 122 GLY n 
1 123 PRO n 
1 124 VAL n 
1 125 MSE n 
1 126 SER n 
1 127 GLN n 
1 128 TYR n 
1 129 THR n 
1 130 GLY n 
1 131 ILE n 
1 132 ASP n 
1 133 GLU n 
1 134 ILE n 
1 135 GLY n 
1 136 ARG n 
1 137 LYS n 
1 138 GLU n 
1 139 GLY n 
1 140 ALA n 
1 141 ILE n 
1 142 GLY n 
1 143 VAL n 
1 144 PHE n 
1 145 THR n 
1 146 ALA n 
1 147 GLY n 
1 148 LYS n 
1 149 LEU n 
1 150 THR n 
1 151 ARG n 
1 152 SER n 
1 153 SER n 
1 154 VAL n 
1 155 TYR n 
1 156 TYR n 
1 157 GLN n 
1 158 ALA n 
1 159 VAL n 
1 160 ILE n 
1 161 LEU n 
1 162 ALA n 
1 163 LEU n 
1 164 SER n 
1 165 PRO n 
1 166 PHE n 
1 167 HIS n 
1 168 ASN n 
1 169 ALA n 
1 170 VAL n 
1 171 TYR n 
1 172 ARG n 
# 
_entity_src_gen.entity_id                          1 
_entity_src_gen.pdbx_src_id                        1 
_entity_src_gen.pdbx_alt_source_flag               sample 
_entity_src_gen.pdbx_seq_type                      ? 
_entity_src_gen.pdbx_beg_seq_num                   ? 
_entity_src_gen.pdbx_end_seq_num                   ? 
_entity_src_gen.gene_src_common_name               ? 
_entity_src_gen.gene_src_genus                     Salmonella 
_entity_src_gen.pdbx_gene_src_gene                 yjjX 
_entity_src_gen.gene_src_species                   ? 
_entity_src_gen.gene_src_strain                    ? 
_entity_src_gen.gene_src_tissue                    ? 
_entity_src_gen.gene_src_tissue_fraction           ? 
_entity_src_gen.gene_src_details                   ? 
_entity_src_gen.pdbx_gene_src_fragment             ? 
_entity_src_gen.pdbx_gene_src_scientific_name      'Salmonella typhimurium' 
_entity_src_gen.pdbx_gene_src_ncbi_taxonomy_id     602 
_entity_src_gen.pdbx_gene_src_variant              ? 
_entity_src_gen.pdbx_gene_src_cell_line            ? 
_entity_src_gen.pdbx_gene_src_atcc                 ? 
_entity_src_gen.pdbx_gene_src_organ                ? 
_entity_src_gen.pdbx_gene_src_organelle            ? 
_entity_src_gen.pdbx_gene_src_cell                 ? 
_entity_src_gen.pdbx_gene_src_cellular_location    ? 
_entity_src_gen.host_org_common_name               ? 
_entity_src_gen.pdbx_host_org_scientific_name      'Escherichia coli BL21' 
_entity_src_gen.pdbx_host_org_ncbi_taxonomy_id     511693 
_entity_src_gen.host_org_genus                     Escherichia 
_entity_src_gen.pdbx_host_org_gene                 ? 
_entity_src_gen.pdbx_host_org_organ                ? 
_entity_src_gen.host_org_species                   'Escherichia coli' 
_entity_src_gen.pdbx_host_org_tissue               ? 
_entity_src_gen.pdbx_host_org_tissue_fraction      ? 
_entity_src_gen.pdbx_host_org_strain               BL21 
_entity_src_gen.pdbx_host_org_variant              ? 
_entity_src_gen.pdbx_host_org_cell_line            ? 
_entity_src_gen.pdbx_host_org_atcc                 ? 
_entity_src_gen.pdbx_host_org_culture_collection   ? 
_entity_src_gen.pdbx_host_org_cell                 ? 
_entity_src_gen.pdbx_host_org_organelle            ? 
_entity_src_gen.pdbx_host_org_cellular_location    ? 
_entity_src_gen.pdbx_host_org_vector_type          plasmid 
_entity_src_gen.pdbx_host_org_vector               ? 
_entity_src_gen.host_org_details                   ? 
_entity_src_gen.expression_system_id               ? 
_entity_src_gen.plasmid_name                       pMCSG7 
_entity_src_gen.plasmid_details                    ? 
_entity_src_gen.pdbx_description                   ? 
# 
loop_
_chem_comp.id 
_chem_comp.type 
_chem_comp.mon_nstd_flag 
_chem_comp.name 
_chem_comp.pdbx_synonyms 
_chem_comp.formula 
_chem_comp.formula_weight 
ALA 'L-peptide linking' y ALANINE          ? 'C3 H7 N O2'     89.093  
ARG 'L-peptide linking' y ARGININE         ? 'C6 H15 N4 O2 1' 175.209 
ASN 'L-peptide linking' y ASPARAGINE       ? 'C4 H8 N2 O3'    132.118 
ASP 'L-peptide linking' y 'ASPARTIC ACID'  ? 'C4 H7 N O4'     133.103 
CYS 'L-peptide linking' y CYSTEINE         ? 'C3 H7 N O2 S'   121.158 
GLN 'L-peptide linking' y GLUTAMINE        ? 'C5 H10 N2 O3'   146.144 
GLU 'L-peptide linking' y 'GLUTAMIC ACID'  ? 'C5 H9 N O4'     147.129 
GLY 'peptide linking'   y GLYCINE          ? 'C2 H5 N O2'     75.067  
HIS 'L-peptide linking' y HISTIDINE        ? 'C6 H10 N3 O2 1' 156.162 
HOH non-polymer         . WATER            ? 'H2 O'           18.015  
ILE 'L-peptide linking' y ISOLEUCINE       ? 'C6 H13 N O2'    131.173 
LEU 'L-peptide linking' y LEUCINE          ? 'C6 H13 N O2'    131.173 
LYS 'L-peptide linking' y LYSINE           ? 'C6 H15 N2 O2 1' 147.195 
MET 'L-peptide linking' y METHIONINE       ? 'C5 H11 N O2 S'  149.211 
MSE 'L-peptide linking' n SELENOMETHIONINE ? 'C5 H11 N O2 Se' 196.106 
PHE 'L-peptide linking' y PHENYLALANINE    ? 'C9 H11 N O2'    165.189 
PO4 non-polymer         . 'PHOSPHATE ION'  ? 'O4 P -3'        94.971  
PRO 'L-peptide linking' y PROLINE          ? 'C5 H9 N O2'     115.130 
SER 'L-peptide linking' y SERINE           ? 'C3 H7 N O3'     105.093 
THR 'L-peptide linking' y THREONINE        ? 'C4 H9 N O3'     119.119 
TRP 'L-peptide linking' y TRYPTOPHAN       ? 'C11 H12 N2 O2'  204.225 
TYR 'L-peptide linking' y TYROSINE         ? 'C9 H11 N O3'    181.189 
VAL 'L-peptide linking' y VALINE           ? 'C5 H11 N O2'    117.146 
# 
loop_
_pdbx_poly_seq_scheme.asym_id 
_pdbx_poly_seq_scheme.entity_id 
_pdbx_poly_seq_scheme.seq_id 
_pdbx_poly_seq_scheme.mon_id 
_pdbx_poly_seq_scheme.ndb_seq_num 
_pdbx_poly_seq_scheme.pdb_seq_num 
_pdbx_poly_seq_scheme.auth_seq_num 
_pdbx_poly_seq_scheme.pdb_mon_id 
_pdbx_poly_seq_scheme.auth_mon_id 
_pdbx_poly_seq_scheme.pdb_strand_id 
_pdbx_poly_seq_scheme.pdb_ins_code 
_pdbx_poly_seq_scheme.hetero 
A 1 1   ALA 1   0   1001 ALA ALA A . n 
A 1 2   MSE 2   1   1    MSE MSE A . n 
A 1 3   HIS 3   2   2    HIS HIS A . n 
A 1 4   GLN 4   3   3    GLN GLN A . n 
A 1 5   VAL 5   4   4    VAL VAL A . n 
A 1 6   ILE 6   5   5    ILE ILE A . n 
A 1 7   SER 7   6   6    SER SER A . n 
A 1 8   ALA 8   7   7    ALA ALA A . n 
A 1 9   THR 9   8   8    THR THR A . n 
A 1 10  THR 10  9   9    THR THR A . n 
A 1 11  ASN 11  10  10   ASN ASN A . n 
A 1 12  PRO 12  11  11   PRO PRO A . n 
A 1 13  ALA 13  12  12   ALA ALA A . n 
A 1 14  LYS 14  13  13   LYS LYS A . n 
A 1 15  ILE 15  14  14   ILE ILE A . n 
A 1 16  GLN 16  15  15   GLN GLN A . n 
A 1 17  ALA 17  16  16   ALA ALA A . n 
A 1 18  ILE 18  17  17   ILE ILE A . n 
A 1 19  LEU 19  18  18   LEU LEU A . n 
A 1 20  GLN 20  19  19   GLN GLN A . n 
A 1 21  ALA 21  20  20   ALA ALA A . n 
A 1 22  PHE 22  21  21   PHE PHE A . n 
A 1 23  GLU 23  22  22   GLU GLU A . n 
A 1 24  GLU 24  23  23   GLU GLU A . n 
A 1 25  ILE 25  24  24   ILE ILE A . n 
A 1 26  PHE 26  25  25   PHE PHE A . n 
A 1 27  GLY 27  26  26   GLY GLY A . n 
A 1 28  GLU 28  27  27   GLU GLU A . n 
A 1 29  GLY 29  28  28   GLY GLY A . n 
A 1 30  SER 30  29  29   SER SER A . n 
A 1 31  CYS 31  30  30   CYS CYS A . n 
A 1 32  HIS 32  31  31   HIS HIS A . n 
A 1 33  ILE 33  32  32   ILE ILE A . n 
A 1 34  THR 34  33  33   THR THR A . n 
A 1 35  PRO 35  34  34   PRO PRO A . n 
A 1 36  VAL 36  35  35   VAL VAL A . n 
A 1 37  ALA 37  36  36   ALA ALA A . n 
A 1 38  VAL 38  37  37   VAL VAL A . n 
A 1 39  GLU 39  38  38   GLU GLU A . n 
A 1 40  SER 40  39  39   SER SER A . n 
A 1 41  GLY 41  40  40   GLY GLY A . n 
A 1 42  VAL 42  41  41   VAL VAL A . n 
A 1 43  PRO 43  42  42   PRO PRO A . n 
A 1 44  GLU 44  43  43   GLU GLU A . n 
A 1 45  GLN 45  44  44   GLN GLN A . n 
A 1 46  PRO 46  45  45   PRO PRO A . n 
A 1 47  PHE 47  46  46   PHE PHE A . n 
A 1 48  GLY 48  47  47   GLY GLY A . n 
A 1 49  SER 49  48  48   SER SER A . n 
A 1 50  GLU 50  49  49   GLU GLU A . n 
A 1 51  GLU 51  50  50   GLU GLU A . n 
A 1 52  THR 52  51  51   THR THR A . n 
A 1 53  ARG 53  52  52   ARG ARG A . n 
A 1 54  ALA 54  53  53   ALA ALA A . n 
A 1 55  GLY 55  54  54   GLY GLY A . n 
A 1 56  ALA 56  55  55   ALA ALA A . n 
A 1 57  ARG 57  56  56   ARG ARG A . n 
A 1 58  ASN 58  57  57   ASN ASN A . n 
A 1 59  ARG 59  58  58   ARG ARG A . n 
A 1 60  VAL 60  59  59   VAL VAL A . n 
A 1 61  ASP 61  60  60   ASP ASP A . n 
A 1 62  ASN 62  61  61   ASN ASN A . n 
A 1 63  ALA 63  62  62   ALA ALA A . n 
A 1 64  ARG 64  63  63   ARG ARG A . n 
A 1 65  ARG 65  64  64   ARG ARG A . n 
A 1 66  LEU 66  65  65   LEU LEU A . n 
A 1 67  HIS 67  66  66   HIS HIS A . n 
A 1 68  PRO 68  67  67   PRO PRO A . n 
A 1 69  GLN 69  68  68   GLN GLN A . n 
A 1 70  ALA 70  69  69   ALA ALA A . n 
A 1 71  ASP 71  70  70   ASP ASP A . n 
A 1 72  PHE 72  71  71   PHE PHE A . n 
A 1 73  TRP 73  72  72   TRP TRP A . n 
A 1 74  VAL 74  73  73   VAL VAL A . n 
A 1 75  ALA 75  74  74   ALA ALA A . n 
A 1 76  ILE 76  75  75   ILE ILE A . n 
A 1 77  GLU 77  76  76   GLU GLU A . n 
A 1 78  ALA 78  77  77   ALA ALA A . n 
A 1 79  GLY 79  78  78   GLY GLY A . n 
A 1 80  ILE 80  79  79   ILE ILE A . n 
A 1 81  ASP 81  80  80   ASP ASP A . n 
A 1 82  ASP 82  81  81   ASP ASP A . n 
A 1 83  ASP 83  82  82   ASP ASP A . n 
A 1 84  ALA 84  83  83   ALA ALA A . n 
A 1 85  THR 85  84  84   THR THR A . n 
A 1 86  PHE 86  85  85   PHE PHE A . n 
A 1 87  SER 87  86  86   SER SER A . n 
A 1 88  TRP 88  87  87   TRP TRP A . n 
A 1 89  VAL 89  88  88   VAL VAL A . n 
A 1 90  VAL 90  89  89   VAL VAL A . n 
A 1 91  ILE 91  90  90   ILE ILE A . n 
A 1 92  ASP 92  91  91   ASP ASP A . n 
A 1 93  ASN 93  92  92   ASN ASN A . n 
A 1 94  GLY 94  93  93   GLY GLY A . n 
A 1 95  VAL 95  94  94   VAL VAL A . n 
A 1 96  GLN 96  95  95   GLN GLN A . n 
A 1 97  ARG 97  96  96   ARG ARG A . n 
A 1 98  GLY 98  97  97   GLY GLY A . n 
A 1 99  GLU 99  98  98   GLU GLU A . n 
A 1 100 ALA 100 99  99   ALA ALA A . n 
A 1 101 ARG 101 100 100  ARG ARG A . n 
A 1 102 SER 102 101 101  SER SER A . n 
A 1 103 ALA 103 102 102  ALA ALA A . n 
A 1 104 THR 104 103 103  THR THR A . n 
A 1 105 LEU 105 104 104  LEU LEU A . n 
A 1 106 PRO 106 105 105  PRO PRO A . n 
A 1 107 LEU 107 106 106  LEU LEU A . n 
A 1 108 PRO 108 107 107  PRO PRO A . n 
A 1 109 ALA 109 108 108  ALA ALA A . n 
A 1 110 VAL 110 109 109  VAL VAL A . n 
A 1 111 ILE 111 110 110  ILE ILE A . n 
A 1 112 LEU 112 111 111  LEU LEU A . n 
A 1 113 ASP 113 112 112  ASP ASP A . n 
A 1 114 ARG 114 113 113  ARG ARG A . n 
A 1 115 VAL 115 114 114  VAL VAL A . n 
A 1 116 ARG 116 115 115  ARG ARG A . n 
A 1 117 GLN 117 116 116  GLN GLN A . n 
A 1 118 GLY 118 117 117  GLY GLY A . n 
A 1 119 GLU 119 118 118  GLU GLU A . n 
A 1 120 ALA 120 119 119  ALA ALA A . n 
A 1 121 LEU 121 120 120  LEU LEU A . n 
A 1 122 GLY 122 121 121  GLY GLY A . n 
A 1 123 PRO 123 122 122  PRO PRO A . n 
A 1 124 VAL 124 123 123  VAL VAL A . n 
A 1 125 MSE 125 124 124  MSE MSE A . n 
A 1 126 SER 126 125 125  SER SER A . n 
A 1 127 GLN 127 126 126  GLN GLN A . n 
A 1 128 TYR 128 127 127  TYR TYR A . n 
A 1 129 THR 129 128 128  THR THR A . n 
A 1 130 GLY 130 129 129  GLY GLY A . n 
A 1 131 ILE 131 130 130  ILE ILE A . n 
A 1 132 ASP 132 131 131  ASP ASP A . n 
A 1 133 GLU 133 132 132  GLU GLU A . n 
A 1 134 ILE 134 133 133  ILE ILE A . n 
A 1 135 GLY 135 134 134  GLY GLY A . n 
A 1 136 ARG 136 135 135  ARG ARG A . n 
A 1 137 LYS 137 136 136  LYS LYS A . n 
A 1 138 GLU 138 137 137  GLU GLU A . n 
A 1 139 GLY 139 138 138  GLY GLY A . n 
A 1 140 ALA 140 139 139  ALA ALA A . n 
A 1 141 ILE 141 140 140  ILE ILE A . n 
A 1 142 GLY 142 141 141  GLY GLY A . n 
A 1 143 VAL 143 142 142  VAL VAL A . n 
A 1 144 PHE 144 143 143  PHE PHE A . n 
A 1 145 THR 145 144 144  THR THR A . n 
A 1 146 ALA 146 145 145  ALA ALA A . n 
A 1 147 GLY 147 146 146  GLY GLY A . n 
A 1 148 LYS 148 147 147  LYS LYS A . n 
A 1 149 LEU 149 148 148  LEU LEU A . n 
A 1 150 THR 150 149 149  THR THR A . n 
A 1 151 ARG 151 150 150  ARG ARG A . n 
A 1 152 SER 152 151 151  SER SER A . n 
A 1 153 SER 153 152 152  SER SER A . n 
A 1 154 VAL 154 153 153  VAL VAL A . n 
A 1 155 TYR 155 154 154  TYR TYR A . n 
A 1 156 TYR 156 155 155  TYR TYR A . n 
A 1 157 GLN 157 156 156  GLN GLN A . n 
A 1 158 ALA 158 157 157  ALA ALA A . n 
A 1 159 VAL 159 158 158  VAL VAL A . n 
A 1 160 ILE 160 159 159  ILE ILE A . n 
A 1 161 LEU 161 160 160  LEU LEU A . n 
A 1 162 ALA 162 161 161  ALA ALA A . n 
A 1 163 LEU 163 162 162  LEU LEU A . n 
A 1 164 SER 164 163 163  SER SER A . n 
A 1 165 PRO 165 164 164  PRO PRO A . n 
A 1 166 PHE 166 165 165  PHE PHE A . n 
A 1 167 HIS 167 166 166  HIS HIS A . n 
A 1 168 ASN 168 167 167  ASN ASN A . n 
A 1 169 ALA 169 168 168  ALA ALA A . n 
A 1 170 VAL 170 169 ?    ?   ?   A . n 
A 1 171 TYR 171 170 ?    ?   ?   A . n 
A 1 172 ARG 172 171 ?    ?   ?   A . n 
# 
loop_
_pdbx_nonpoly_scheme.asym_id 
_pdbx_nonpoly_scheme.entity_id 
_pdbx_nonpoly_scheme.mon_id 
_pdbx_nonpoly_scheme.ndb_seq_num 
_pdbx_nonpoly_scheme.pdb_seq_num 
_pdbx_nonpoly_scheme.auth_seq_num 
_pdbx_nonpoly_scheme.pdb_mon_id 
_pdbx_nonpoly_scheme.auth_mon_id 
_pdbx_nonpoly_scheme.pdb_strand_id 
_pdbx_nonpoly_scheme.pdb_ins_code 
B 2 PO4 1   201 201 PO4 PO4 A . 
C 3 HOH 1   330 330 HOH HOH A . 
C 3 HOH 2   331 331 HOH HOH A . 
C 3 HOH 3   334 334 HOH HOH A . 
C 3 HOH 4   344 344 HOH HOH A . 
C 3 HOH 5   374 374 HOH HOH A . 
C 3 HOH 6   375 375 HOH HOH A . 
C 3 HOH 7   377 377 HOH HOH A . 
C 3 HOH 8   383 383 HOH HOH A . 
C 3 HOH 9   385 385 HOH HOH A . 
C 3 HOH 10  386 386 HOH HOH A . 
C 3 HOH 11  387 387 HOH HOH A . 
C 3 HOH 12  388 388 HOH HOH A . 
C 3 HOH 13  389 389 HOH HOH A . 
C 3 HOH 14  390 390 HOH HOH A . 
C 3 HOH 15  392 392 HOH HOH A . 
C 3 HOH 16  393 393 HOH HOH A . 
C 3 HOH 17  394 394 HOH HOH A . 
C 3 HOH 18  395 395 HOH HOH A . 
C 3 HOH 19  396 396 HOH HOH A . 
C 3 HOH 20  398 398 HOH HOH A . 
C 3 HOH 21  399 399 HOH HOH A . 
C 3 HOH 22  401 401 HOH HOH A . 
C 3 HOH 23  402 402 HOH HOH A . 
C 3 HOH 24  404 404 HOH HOH A . 
C 3 HOH 25  406 406 HOH HOH A . 
C 3 HOH 26  407 407 HOH HOH A . 
C 3 HOH 27  408 408 HOH HOH A . 
C 3 HOH 28  410 410 HOH HOH A . 
C 3 HOH 29  411 411 HOH HOH A . 
C 3 HOH 30  412 412 HOH HOH A . 
C 3 HOH 31  413 413 HOH HOH A . 
C 3 HOH 32  415 415 HOH HOH A . 
C 3 HOH 33  416 416 HOH HOH A . 
C 3 HOH 34  418 418 HOH HOH A . 
C 3 HOH 35  419 419 HOH HOH A . 
C 3 HOH 36  421 421 HOH HOH A . 
C 3 HOH 37  424 424 HOH HOH A . 
C 3 HOH 38  426 426 HOH HOH A . 
C 3 HOH 39  435 435 HOH HOH A . 
C 3 HOH 40  436 436 HOH HOH A . 
C 3 HOH 41  440 440 HOH HOH A . 
C 3 HOH 42  442 442 HOH HOH A . 
C 3 HOH 43  446 446 HOH HOH A . 
C 3 HOH 44  448 448 HOH HOH A . 
C 3 HOH 45  449 449 HOH HOH A . 
C 3 HOH 46  453 453 HOH HOH A . 
C 3 HOH 47  459 459 HOH HOH A . 
C 3 HOH 48  468 468 HOH HOH A . 
C 3 HOH 49  473 473 HOH HOH A . 
C 3 HOH 50  474 474 HOH HOH A . 
C 3 HOH 51  478 478 HOH HOH A . 
C 3 HOH 52  493 493 HOH HOH A . 
C 3 HOH 53  499 499 HOH HOH A . 
C 3 HOH 54  504 504 HOH HOH A . 
C 3 HOH 55  508 508 HOH HOH A . 
C 3 HOH 56  542 542 HOH HOH A . 
C 3 HOH 57  588 588 HOH HOH A . 
C 3 HOH 58  589 589 HOH HOH A . 
C 3 HOH 59  614 614 HOH HOH A . 
C 3 HOH 60  617 617 HOH HOH A . 
C 3 HOH 61  636 636 HOH HOH A . 
C 3 HOH 62  637 637 HOH HOH A . 
C 3 HOH 63  638 638 HOH HOH A . 
C 3 HOH 64  701 701 HOH HOH A . 
C 3 HOH 65  702 702 HOH HOH A . 
C 3 HOH 66  703 703 HOH HOH A . 
C 3 HOH 67  704 704 HOH HOH A . 
C 3 HOH 68  706 706 HOH HOH A . 
C 3 HOH 69  707 707 HOH HOH A . 
C 3 HOH 70  708 708 HOH HOH A . 
C 3 HOH 71  709 709 HOH HOH A . 
C 3 HOH 72  710 710 HOH HOH A . 
C 3 HOH 73  711 711 HOH HOH A . 
C 3 HOH 74  712 712 HOH HOH A . 
C 3 HOH 75  713 713 HOH HOH A . 
C 3 HOH 76  715 715 HOH HOH A . 
C 3 HOH 77  718 718 HOH HOH A . 
C 3 HOH 78  802 802 HOH HOH A . 
C 3 HOH 79  804 804 HOH HOH A . 
C 3 HOH 80  806 806 HOH HOH A . 
C 3 HOH 81  807 807 HOH HOH A . 
C 3 HOH 82  808 808 HOH HOH A . 
C 3 HOH 83  810 810 HOH HOH A . 
C 3 HOH 84  811 811 HOH HOH A . 
C 3 HOH 85  812 812 HOH HOH A . 
C 3 HOH 86  813 813 HOH HOH A . 
C 3 HOH 87  814 814 HOH HOH A . 
C 3 HOH 88  815 815 HOH HOH A . 
C 3 HOH 89  816 816 HOH HOH A . 
C 3 HOH 90  820 820 HOH HOH A . 
C 3 HOH 91  821 821 HOH HOH A . 
C 3 HOH 92  822 822 HOH HOH A . 
C 3 HOH 93  823 823 HOH HOH A . 
C 3 HOH 94  824 824 HOH HOH A . 
C 3 HOH 95  825 825 HOH HOH A . 
C 3 HOH 96  827 827 HOH HOH A . 
C 3 HOH 97  828 828 HOH HOH A . 
C 3 HOH 98  829 829 HOH HOH A . 
C 3 HOH 99  830 830 HOH HOH A . 
C 3 HOH 100 837 837 HOH HOH A . 
C 3 HOH 101 838 838 HOH HOH A . 
C 3 HOH 102 840 840 HOH HOH A . 
C 3 HOH 103 841 841 HOH HOH A . 
C 3 HOH 104 842 842 HOH HOH A . 
C 3 HOH 105 844 844 HOH HOH A . 
C 3 HOH 106 848 848 HOH HOH A . 
C 3 HOH 107 850 850 HOH HOH A . 
C 3 HOH 108 851 851 HOH HOH A . 
C 3 HOH 109 855 855 HOH HOH A . 
C 3 HOH 110 856 856 HOH HOH A . 
C 3 HOH 111 857 857 HOH HOH A . 
C 3 HOH 112 858 858 HOH HOH A . 
C 3 HOH 113 859 859 HOH HOH A . 
C 3 HOH 114 862 862 HOH HOH A . 
C 3 HOH 115 863 863 HOH HOH A . 
C 3 HOH 116 865 865 HOH HOH A . 
C 3 HOH 117 867 867 HOH HOH A . 
C 3 HOH 118 868 868 HOH HOH A . 
C 3 HOH 119 870 870 HOH HOH A . 
C 3 HOH 120 871 871 HOH HOH A . 
C 3 HOH 121 872 872 HOH HOH A . 
C 3 HOH 122 873 873 HOH HOH A . 
C 3 HOH 123 874 874 HOH HOH A . 
C 3 HOH 124 877 877 HOH HOH A . 
C 3 HOH 125 878 878 HOH HOH A . 
C 3 HOH 126 879 879 HOH HOH A . 
C 3 HOH 127 880 880 HOH HOH A . 
C 3 HOH 128 881 881 HOH HOH A . 
C 3 HOH 129 882 882 HOH HOH A . 
C 3 HOH 130 886 886 HOH HOH A . 
C 3 HOH 131 887 887 HOH HOH A . 
C 3 HOH 132 892 892 HOH HOH A . 
C 3 HOH 133 893 893 HOH HOH A . 
C 3 HOH 134 894 894 HOH HOH A . 
C 3 HOH 135 895 895 HOH HOH A . 
C 3 HOH 136 896 896 HOH HOH A . 
C 3 HOH 137 897 897 HOH HOH A . 
C 3 HOH 138 898 898 HOH HOH A . 
C 3 HOH 139 901 901 HOH HOH A . 
C 3 HOH 140 902 902 HOH HOH A . 
C 3 HOH 141 903 903 HOH HOH A . 
C 3 HOH 142 904 904 HOH HOH A . 
C 3 HOH 143 905 905 HOH HOH A . 
# 
loop_
_software.name 
_software.classification 
_software.version 
_software.citation_id 
_software.pdbx_ordinal 
REFMAC    refinement       5.1.24 ? 1 
HKL-2000  'data reduction' .      ? 2 
SCALEPACK 'data scaling'   .      ? 3 
SOLVE     phasing          .      ? 4 
# 
_cell.entry_id           1U14 
_cell.length_a           45.619 
_cell.length_b           96.046 
_cell.length_c           84.042 
_cell.angle_alpha        90.00 
_cell.angle_beta         90.00 
_cell.angle_gamma        90.00 
_cell.Z_PDB              8 
_cell.pdbx_unique_axis   ? 
# 
_symmetry.entry_id                         1U14 
_symmetry.space_group_name_H-M             'C 2 2 21' 
_symmetry.pdbx_full_space_group_name_H-M   ? 
_symmetry.cell_setting                     ? 
_symmetry.Int_Tables_number                20 
_symmetry.space_group_name_Hall            ? 
# 
_exptl.entry_id          1U14 
_exptl.method            'X-RAY DIFFRACTION' 
_exptl.crystals_number   1 
# 
_exptl_crystal.id                    1 
_exptl_crystal.density_meas          ? 
_exptl_crystal.density_Matthews      2.55 
_exptl_crystal.density_percent_sol   51.4 
_exptl_crystal.description           ? 
_exptl_crystal.F_000                 ? 
_exptl_crystal.preparation           ? 
# 
_exptl_crystal_grow.crystal_id      1 
_exptl_crystal_grow.method          'VAPOR DIFFUSION, SITTING DROP' 
_exptl_crystal_grow.temp            298 
_exptl_crystal_grow.temp_details    ? 
_exptl_crystal_grow.pH              7.0 
_exptl_crystal_grow.pdbx_details    'sodium acetate, pH 7.0, VAPOR DIFFUSION, SITTING DROP, temperature 298K' 
_exptl_crystal_grow.pdbx_pH_range   . 
# 
_diffrn.id                     1 
_diffrn.ambient_temp           150.0 
_diffrn.ambient_temp_details   ? 
_diffrn.crystal_id             1 
# 
_diffrn_detector.diffrn_id              1 
_diffrn_detector.detector               CCD 
_diffrn_detector.type                   CUSTOM-MADE 
_diffrn_detector.pdbx_collection_date   2004-06-01 
_diffrn_detector.details                mirrors 
# 
_diffrn_radiation.diffrn_id                        1 
_diffrn_radiation.wavelength_id                    1 
_diffrn_radiation.pdbx_monochromatic_or_laue_m_l   M 
_diffrn_radiation.monochromator                    'SI, 111, channel' 
_diffrn_radiation.pdbx_diffrn_protocol             MAD 
_diffrn_radiation.pdbx_scattering_type             x-ray 
# 
loop_
_diffrn_radiation_wavelength.id 
_diffrn_radiation_wavelength.wavelength 
_diffrn_radiation_wavelength.wt 
1 0.98020 1.0 
2 0.98036 1.0 
# 
_diffrn_source.diffrn_id                   1 
_diffrn_source.source                      SYNCHROTRON 
_diffrn_source.type                        'APS BEAMLINE 19-BM' 
_diffrn_source.pdbx_synchrotron_site       APS 
_diffrn_source.pdbx_synchrotron_beamline   19-BM 
_diffrn_source.pdbx_wavelength             ? 
_diffrn_source.pdbx_wavelength_list        '0.98020, 0.98036' 
# 
_reflns.entry_id                     1U14 
_reflns.observed_criterion_sigma_F   1.0 
_reflns.observed_criterion_sigma_I   1.0 
_reflns.d_resolution_high            1.68 
_reflns.d_resolution_low             50.0 
_reflns.number_all                   ? 
_reflns.number_obs                   37441 
_reflns.percent_possible_obs         92.0 
_reflns.pdbx_Rmerge_I_obs            0.057 
_reflns.pdbx_Rsym_value              ? 
_reflns.pdbx_netI_over_sigmaI        ? 
_reflns.B_iso_Wilson_estimate        ? 
_reflns.pdbx_redundancy              4.6 
_reflns.R_free_details               ? 
_reflns.limit_h_max                  ? 
_reflns.limit_h_min                  ? 
_reflns.limit_k_max                  ? 
_reflns.limit_k_min                  ? 
_reflns.limit_l_max                  ? 
_reflns.limit_l_min                  ? 
_reflns.observed_criterion_F_max     ? 
_reflns.observed_criterion_F_min     ? 
_reflns.pdbx_chi_squared             ? 
_reflns.pdbx_scaling_rejects         ? 
_reflns.pdbx_diffrn_id               1 
_reflns.pdbx_ordinal                 1 
# 
_reflns_shell.d_res_high             1.68 
_reflns_shell.d_res_low              1.74 
_reflns_shell.percent_possible_all   88.8 
_reflns_shell.Rmerge_I_obs           0.445 
_reflns_shell.pdbx_Rsym_value        ? 
_reflns_shell.meanI_over_sigI_obs    ? 
_reflns_shell.pdbx_redundancy        3.4 
_reflns_shell.percent_possible_obs   ? 
_reflns_shell.number_unique_all      ? 
_reflns_shell.number_measured_all    ? 
_reflns_shell.number_measured_obs    ? 
_reflns_shell.number_unique_obs      ? 
_reflns_shell.pdbx_chi_squared       ? 
_reflns_shell.pdbx_diffrn_id         ? 
_reflns_shell.pdbx_ordinal           1 
# 
_refine.entry_id                                 1U14 
_refine.ls_number_reflns_obs                     18747 
_refine.ls_number_reflns_all                     ? 
_refine.pdbx_ls_sigma_I                          ? 
_refine.pdbx_ls_sigma_F                          0.0 
_refine.pdbx_data_cutoff_high_absF               ? 
_refine.pdbx_data_cutoff_low_absF                ? 
_refine.pdbx_data_cutoff_high_rms_absF           ? 
_refine.ls_d_res_low                             20.00 
_refine.ls_d_res_high                            1.68 
_refine.ls_percent_reflns_obs                    92.13 
_refine.ls_R_factor_obs                          0.18377 
_refine.ls_R_factor_all                          ? 
_refine.ls_R_factor_R_work                       0.18219 
_refine.ls_R_factor_R_free                       0.2135 
_refine.ls_R_factor_R_free_error                 ? 
_refine.ls_R_factor_R_free_error_details         ? 
_refine.ls_percent_reflns_R_free                 5.2 
_refine.ls_number_reflns_R_free                  1027 
_refine.ls_number_parameters                     ? 
_refine.ls_number_restraints                     ? 
_refine.occupancy_min                            ? 
_refine.occupancy_max                            ? 
_refine.correlation_coeff_Fo_to_Fc               0.959 
_refine.correlation_coeff_Fo_to_Fc_free          0.945 
_refine.B_iso_mean                               16.397 
_refine.aniso_B[1][1]                            -0.70 
_refine.aniso_B[2][2]                            1.68 
_refine.aniso_B[3][3]                            -0.98 
_refine.aniso_B[1][2]                            0.00 
_refine.aniso_B[1][3]                            0.00 
_refine.aniso_B[2][3]                            0.00 
_refine.solvent_model_details                    MASK 
_refine.solvent_model_param_ksol                 ? 
_refine.solvent_model_param_bsol                 ? 
_refine.pdbx_solvent_vdw_probe_radii             1.40 
_refine.pdbx_solvent_ion_probe_radii             0.80 
_refine.pdbx_solvent_shrinkage_radii             0.80 
_refine.pdbx_ls_cross_valid_method               THROUGHOUT 
_refine.details                                  'HYDROGENS HAVE BEEN ADDED IN THE RIDING POSITIONS' 
_refine.pdbx_starting_model                      ? 
_refine.pdbx_method_to_determine_struct          MAD 
_refine.pdbx_isotropic_thermal_model             ? 
_refine.pdbx_stereochemistry_target_values       'MAXIMUM LIKELIHOOD' 
_refine.pdbx_stereochem_target_val_spec_case     ? 
_refine.pdbx_R_Free_selection_details            RANDOM 
_refine.pdbx_overall_ESU_R                       0.106 
_refine.pdbx_overall_ESU_R_Free                  0.104 
_refine.overall_SU_ML                            0.062 
_refine.overall_SU_B                             1.861 
_refine.ls_redundancy_reflns_obs                 ? 
_refine.B_iso_min                                ? 
_refine.B_iso_max                                ? 
_refine.overall_SU_R_Cruickshank_DPI             ? 
_refine.overall_SU_R_free                        ? 
_refine.ls_wR_factor_R_free                      ? 
_refine.ls_wR_factor_R_work                      ? 
_refine.overall_FOM_free_R_set                   ? 
_refine.overall_FOM_work_R_set                   ? 
_refine.pdbx_refine_id                           'X-RAY DIFFRACTION' 
_refine.pdbx_diffrn_id                           1 
_refine.pdbx_TLS_residual_ADP_flag               ? 
_refine.pdbx_overall_phase_error                 ? 
_refine.pdbx_overall_SU_R_free_Cruickshank_DPI   ? 
_refine.pdbx_overall_SU_R_Blow_DPI               ? 
_refine.pdbx_overall_SU_R_free_Blow_DPI          ? 
# 
_refine_hist.pdbx_refine_id                   'X-RAY DIFFRACTION' 
_refine_hist.cycle_id                         LAST 
_refine_hist.pdbx_number_atoms_protein        1283 
_refine_hist.pdbx_number_atoms_nucleic_acid   0 
_refine_hist.pdbx_number_atoms_ligand         5 
_refine_hist.number_atoms_solvent             143 
_refine_hist.number_atoms_total               1431 
_refine_hist.d_res_high                       1.68 
_refine_hist.d_res_low                        20.00 
# 
loop_
_refine_ls_restr.type 
_refine_ls_restr.dev_ideal 
_refine_ls_restr.dev_ideal_target 
_refine_ls_restr.weight 
_refine_ls_restr.number 
_refine_ls_restr.pdbx_refine_id 
_refine_ls_restr.pdbx_restraint_function 
r_bond_refined_d         0.014 0.021 ? 1312 'X-RAY DIFFRACTION' ? 
r_bond_other_d           0.003 0.020 ? 1191 'X-RAY DIFFRACTION' ? 
r_angle_refined_deg      1.492 1.937 ? 1783 'X-RAY DIFFRACTION' ? 
r_angle_other_deg        1.472 3.000 ? 2759 'X-RAY DIFFRACTION' ? 
r_dihedral_angle_1_deg   5.860 5.000 ? 167  'X-RAY DIFFRACTION' ? 
r_chiral_restr           0.090 0.200 ? 200  'X-RAY DIFFRACTION' ? 
r_gen_planes_refined     0.006 0.020 ? 1486 'X-RAY DIFFRACTION' ? 
r_gen_planes_other       0.002 0.020 ? 267  'X-RAY DIFFRACTION' ? 
r_nbd_refined            0.270 0.200 ? 302  'X-RAY DIFFRACTION' ? 
r_nbd_other              0.265 0.200 ? 1447 'X-RAY DIFFRACTION' ? 
r_nbtor_other            0.086 0.200 ? 812  'X-RAY DIFFRACTION' ? 
r_xyhbond_nbd_refined    0.311 0.200 ? 118  'X-RAY DIFFRACTION' ? 
r_symmetry_vdw_refined   0.681 0.200 ? 57   'X-RAY DIFFRACTION' ? 
r_symmetry_vdw_other     0.430 0.200 ? 83   'X-RAY DIFFRACTION' ? 
r_symmetry_hbond_refined 0.402 0.200 ? 51   'X-RAY DIFFRACTION' ? 
r_mcbond_it              0.950 1.500 ? 837  'X-RAY DIFFRACTION' ? 
r_mcangle_it             1.747 2.000 ? 1345 'X-RAY DIFFRACTION' ? 
r_scbond_it              2.993 3.000 ? 475  'X-RAY DIFFRACTION' ? 
r_scangle_it             4.813 4.500 ? 438  'X-RAY DIFFRACTION' ? 
# 
_refine_ls_shell.pdbx_total_number_of_bins_used   20 
_refine_ls_shell.d_res_high                       1.680 
_refine_ls_shell.d_res_low                        1.723 
_refine_ls_shell.number_reflns_R_work             1293 
_refine_ls_shell.R_factor_R_work                  0.273 
_refine_ls_shell.percent_reflns_obs               ? 
_refine_ls_shell.R_factor_R_free                  0.358 
_refine_ls_shell.R_factor_R_free_error            ? 
_refine_ls_shell.percent_reflns_R_free            ? 
_refine_ls_shell.number_reflns_R_free             65 
_refine_ls_shell.number_reflns_obs                ? 
_refine_ls_shell.redundancy_reflns_obs            ? 
_refine_ls_shell.number_reflns_all                ? 
_refine_ls_shell.pdbx_refine_id                   'X-RAY DIFFRACTION' 
_refine_ls_shell.R_factor_all                     ? 
# 
_struct.entry_id                  1U14 
_struct.title                     'The crystal structure of hypothetical UPF0244 protein yjjX at resolution 1.68 Angstrom' 
_struct.pdbx_model_details        ? 
_struct.pdbx_CASP_flag            ? 
_struct.pdbx_model_type_details   ? 
# 
_struct_keywords.entry_id        1U14 
_struct_keywords.pdbx_keywords   'STRUCTURAL GENOMICS' 
_struct_keywords.text            
'structural genomics, protein structure initiative, PSI, Midwest Center for Structural Genomics, MCSG' 
# 
loop_
_struct_asym.id 
_struct_asym.pdbx_blank_PDB_chainid_flag 
_struct_asym.pdbx_modified 
_struct_asym.entity_id 
_struct_asym.details 
A N N 1 ? 
B N N 2 ? 
C N N 3 ? 
# 
_struct_ref.id                         1 
_struct_ref.db_name                    UNP 
_struct_ref.db_code                    YJJX_SALTY 
_struct_ref.pdbx_db_accession          P39432 
_struct_ref.entity_id                  1 
_struct_ref.pdbx_seq_one_letter_code   
;MHQVISATTNPAKIQAILQAFEEIFGEGSCHITPVAVESGVPEQPFGSEETRAGARNRVDNARRLHPQADFWVAIEAGID
DDATFSWVVIDNGVQRGEARSATLPLPAVILDRVRQGEALGPVMSQYTGIDEIGRKEGAIGVFTAGKLTRSSVYYQAVIL
ALSPFHNAVYR
;
_struct_ref.pdbx_align_begin           1 
_struct_ref.pdbx_db_isoform            ? 
# 
_struct_ref_seq.align_id                      1 
_struct_ref_seq.ref_id                        1 
_struct_ref_seq.pdbx_PDB_id_code              1U14 
_struct_ref_seq.pdbx_strand_id                A 
_struct_ref_seq.seq_align_beg                 2 
_struct_ref_seq.pdbx_seq_align_beg_ins_code   ? 
_struct_ref_seq.seq_align_end                 172 
_struct_ref_seq.pdbx_seq_align_end_ins_code   ? 
_struct_ref_seq.pdbx_db_accession             P39432 
_struct_ref_seq.db_align_beg                  1 
_struct_ref_seq.pdbx_db_align_beg_ins_code    ? 
_struct_ref_seq.db_align_end                  171 
_struct_ref_seq.pdbx_db_align_end_ins_code    ? 
_struct_ref_seq.pdbx_auth_seq_align_beg       1 
_struct_ref_seq.pdbx_auth_seq_align_end       171 
# 
loop_
_struct_ref_seq_dif.align_id 
_struct_ref_seq_dif.pdbx_pdb_id_code 
_struct_ref_seq_dif.mon_id 
_struct_ref_seq_dif.pdbx_pdb_strand_id 
_struct_ref_seq_dif.seq_num 
_struct_ref_seq_dif.pdbx_pdb_ins_code 
_struct_ref_seq_dif.pdbx_seq_db_name 
_struct_ref_seq_dif.pdbx_seq_db_accession_code 
_struct_ref_seq_dif.db_mon_id 
_struct_ref_seq_dif.pdbx_seq_db_seq_num 
_struct_ref_seq_dif.details 
_struct_ref_seq_dif.pdbx_auth_seq_num 
_struct_ref_seq_dif.pdbx_ordinal 
1 1U14 ALA A 1   ? UNP P39432 ?   ?   'cloning artifact' 0   1 
1 1U14 MSE A 2   ? UNP P39432 MET 1   'modified residue' 1   2 
1 1U14 MSE A 125 ? UNP P39432 MET 124 'modified residue' 124 3 
# 
_pdbx_struct_assembly.id                   1 
_pdbx_struct_assembly.details              author_defined_assembly 
_pdbx_struct_assembly.method_details       ? 
_pdbx_struct_assembly.oligomeric_details   monomeric 
_pdbx_struct_assembly.oligomeric_count     1 
# 
_pdbx_struct_assembly_gen.assembly_id       1 
_pdbx_struct_assembly_gen.oper_expression   1 
_pdbx_struct_assembly_gen.asym_id_list      A,B,C 
# 
_pdbx_struct_oper_list.id                   1 
_pdbx_struct_oper_list.type                 'identity operation' 
_pdbx_struct_oper_list.name                 1_555 
_pdbx_struct_oper_list.symmetry_operation   x,y,z 
_pdbx_struct_oper_list.matrix[1][1]         1.0000000000 
_pdbx_struct_oper_list.matrix[1][2]         0.0000000000 
_pdbx_struct_oper_list.matrix[1][3]         0.0000000000 
_pdbx_struct_oper_list.vector[1]            0.0000000000 
_pdbx_struct_oper_list.matrix[2][1]         0.0000000000 
_pdbx_struct_oper_list.matrix[2][2]         1.0000000000 
_pdbx_struct_oper_list.matrix[2][3]         0.0000000000 
_pdbx_struct_oper_list.vector[2]            0.0000000000 
_pdbx_struct_oper_list.matrix[3][1]         0.0000000000 
_pdbx_struct_oper_list.matrix[3][2]         0.0000000000 
_pdbx_struct_oper_list.matrix[3][3]         1.0000000000 
_pdbx_struct_oper_list.vector[3]            0.0000000000 
# 
_struct_biol.id                    1 
_struct_biol.pdbx_parent_biol_id   ? 
_struct_biol.details               ? 
# 
loop_
_struct_conf.conf_type_id 
_struct_conf.id 
_struct_conf.pdbx_PDB_helix_id 
_struct_conf.beg_label_comp_id 
_struct_conf.beg_label_asym_id 
_struct_conf.beg_label_seq_id 
_struct_conf.pdbx_beg_PDB_ins_code 
_struct_conf.end_label_comp_id 
_struct_conf.end_label_asym_id 
_struct_conf.end_label_seq_id 
_struct_conf.pdbx_end_PDB_ins_code 
_struct_conf.beg_auth_comp_id 
_struct_conf.beg_auth_asym_id 
_struct_conf.beg_auth_seq_id 
_struct_conf.end_auth_comp_id 
_struct_conf.end_auth_asym_id 
_struct_conf.end_auth_seq_id 
_struct_conf.pdbx_PDB_helix_class 
_struct_conf.details 
_struct_conf.pdbx_PDB_helix_length 
HELX_P HELX_P1 1 ASN A 11  ? GLY A 27  ? ASN A 10  GLY A 26  1 ? 17 
HELX_P HELX_P2 2 GLY A 48  ? HIS A 67  ? GLY A 47  HIS A 66  1 ? 20 
HELX_P HELX_P3 3 PRO A 108 ? ARG A 116 ? PRO A 107 ARG A 115 1 ? 9  
HELX_P HELX_P4 4 ALA A 120 ? GLY A 130 ? ALA A 119 GLY A 129 1 ? 11 
HELX_P HELX_P5 5 GLU A 133 ? LYS A 137 ? GLU A 132 LYS A 136 5 ? 5  
HELX_P HELX_P6 6 GLU A 138 ? THR A 145 ? GLU A 137 THR A 144 1 ? 8  
HELX_P HELX_P7 7 THR A 150 ? LEU A 163 ? THR A 149 LEU A 162 1 ? 14 
HELX_P HELX_P8 8 SER A 164 ? HIS A 167 ? SER A 163 HIS A 166 5 ? 4  
# 
_struct_conf_type.id          HELX_P 
_struct_conf_type.criteria    ? 
_struct_conf_type.reference   ? 
# 
loop_
_struct_conn.id 
_struct_conn.conn_type_id 
_struct_conn.pdbx_leaving_atom_flag 
_struct_conn.pdbx_PDB_id 
_struct_conn.ptnr1_label_asym_id 
_struct_conn.ptnr1_label_comp_id 
_struct_conn.ptnr1_label_seq_id 
_struct_conn.ptnr1_label_atom_id 
_struct_conn.pdbx_ptnr1_label_alt_id 
_struct_conn.pdbx_ptnr1_PDB_ins_code 
_struct_conn.pdbx_ptnr1_standard_comp_id 
_struct_conn.ptnr1_symmetry 
_struct_conn.ptnr2_label_asym_id 
_struct_conn.ptnr2_label_comp_id 
_struct_conn.ptnr2_label_seq_id 
_struct_conn.ptnr2_label_atom_id 
_struct_conn.pdbx_ptnr2_label_alt_id 
_struct_conn.pdbx_ptnr2_PDB_ins_code 
_struct_conn.ptnr1_auth_asym_id 
_struct_conn.ptnr1_auth_comp_id 
_struct_conn.ptnr1_auth_seq_id 
_struct_conn.ptnr2_auth_asym_id 
_struct_conn.ptnr2_auth_comp_id 
_struct_conn.ptnr2_auth_seq_id 
_struct_conn.ptnr2_symmetry 
_struct_conn.pdbx_ptnr3_label_atom_id 
_struct_conn.pdbx_ptnr3_label_seq_id 
_struct_conn.pdbx_ptnr3_label_comp_id 
_struct_conn.pdbx_ptnr3_label_asym_id 
_struct_conn.pdbx_ptnr3_label_alt_id 
_struct_conn.pdbx_ptnr3_PDB_ins_code 
_struct_conn.details 
_struct_conn.pdbx_dist_value 
_struct_conn.pdbx_value_order 
_struct_conn.pdbx_role 
covale1 covale both ? A ALA 1   C ? ? ? 1_555 A MSE 2   N ? ? A ALA 0   A MSE 1   1_555 ? ? ? ? ? ? ? 1.680 ? ? 
covale2 covale both ? A MSE 2   C ? ? ? 1_555 A HIS 3   N ? ? A MSE 1   A HIS 2   1_555 ? ? ? ? ? ? ? 1.320 ? ? 
covale3 covale both ? A VAL 124 C ? ? ? 1_555 A MSE 125 N ? ? A VAL 123 A MSE 124 1_555 ? ? ? ? ? ? ? 1.333 ? ? 
covale4 covale both ? A MSE 125 C ? ? ? 1_555 A SER 126 N ? ? A MSE 124 A SER 125 1_555 ? ? ? ? ? ? ? 1.327 ? ? 
# 
_struct_conn_type.id          covale 
_struct_conn_type.criteria    ? 
_struct_conn_type.reference   ? 
# 
loop_
_pdbx_modification_feature.ordinal 
_pdbx_modification_feature.label_comp_id 
_pdbx_modification_feature.label_asym_id 
_pdbx_modification_feature.label_seq_id 
_pdbx_modification_feature.label_alt_id 
_pdbx_modification_feature.modified_residue_label_comp_id 
_pdbx_modification_feature.modified_residue_label_asym_id 
_pdbx_modification_feature.modified_residue_label_seq_id 
_pdbx_modification_feature.modified_residue_label_alt_id 
_pdbx_modification_feature.auth_comp_id 
_pdbx_modification_feature.auth_asym_id 
_pdbx_modification_feature.auth_seq_id 
_pdbx_modification_feature.PDB_ins_code 
_pdbx_modification_feature.symmetry 
_pdbx_modification_feature.modified_residue_auth_comp_id 
_pdbx_modification_feature.modified_residue_auth_asym_id 
_pdbx_modification_feature.modified_residue_auth_seq_id 
_pdbx_modification_feature.modified_residue_PDB_ins_code 
_pdbx_modification_feature.modified_residue_symmetry 
_pdbx_modification_feature.comp_id_linking_atom 
_pdbx_modification_feature.modified_residue_id_linking_atom 
_pdbx_modification_feature.modified_residue_id 
_pdbx_modification_feature.ref_pcm_id 
_pdbx_modification_feature.ref_comp_id 
_pdbx_modification_feature.type 
_pdbx_modification_feature.category 
1 MSE A 2   ? . . . . MSE A 1   ? 1_555 . . . . . . . MET 1 MSE Selenomethionine 'Named protein modification' 
2 MSE A 125 ? . . . . MSE A 124 ? 1_555 . . . . . . . MET 1 MSE Selenomethionine 'Named protein modification' 
# 
loop_
_struct_sheet.id 
_struct_sheet.type 
_struct_sheet.number_strands 
_struct_sheet.details 
A ? 5 ? 
B ? 5 ? 
# 
loop_
_struct_sheet_order.sheet_id 
_struct_sheet_order.range_id_1 
_struct_sheet_order.range_id_2 
_struct_sheet_order.offset 
_struct_sheet_order.sense 
A 1 2 ? parallel      
A 2 3 ? parallel      
A 3 4 ? anti-parallel 
A 4 5 ? anti-parallel 
B 1 2 ? parallel      
B 2 3 ? parallel      
B 3 4 ? anti-parallel 
B 4 5 ? anti-parallel 
# 
loop_
_struct_sheet_range.sheet_id 
_struct_sheet_range.id 
_struct_sheet_range.beg_label_comp_id 
_struct_sheet_range.beg_label_asym_id 
_struct_sheet_range.beg_label_seq_id 
_struct_sheet_range.pdbx_beg_PDB_ins_code 
_struct_sheet_range.end_label_comp_id 
_struct_sheet_range.end_label_asym_id 
_struct_sheet_range.end_label_seq_id 
_struct_sheet_range.pdbx_end_PDB_ins_code 
_struct_sheet_range.beg_auth_comp_id 
_struct_sheet_range.beg_auth_asym_id 
_struct_sheet_range.beg_auth_seq_id 
_struct_sheet_range.end_auth_comp_id 
_struct_sheet_range.end_auth_asym_id 
_struct_sheet_range.end_auth_seq_id 
A 1 CYS A 31  ? PRO A 35  ? CYS A 30  PRO A 34  
A 2 HIS A 3   ? SER A 7   ? HIS A 2   SER A 6   
A 3 PHE A 72  ? ASP A 81  ? PHE A 71  ASP A 80  
A 4 ALA A 84  ? ASP A 92  ? ALA A 83  ASP A 91  
A 5 ARG A 97  ? ARG A 101 ? ARG A 96  ARG A 100 
B 1 CYS A 31  ? PRO A 35  ? CYS A 30  PRO A 34  
B 2 HIS A 3   ? SER A 7   ? HIS A 2   SER A 6   
B 3 PHE A 72  ? ASP A 81  ? PHE A 71  ASP A 80  
B 4 ALA A 84  ? ASP A 92  ? ALA A 83  ASP A 91  
B 5 LEU A 105 ? PRO A 106 ? LEU A 104 PRO A 105 
# 
loop_
_pdbx_struct_sheet_hbond.sheet_id 
_pdbx_struct_sheet_hbond.range_id_1 
_pdbx_struct_sheet_hbond.range_id_2 
_pdbx_struct_sheet_hbond.range_1_label_atom_id 
_pdbx_struct_sheet_hbond.range_1_label_comp_id 
_pdbx_struct_sheet_hbond.range_1_label_asym_id 
_pdbx_struct_sheet_hbond.range_1_label_seq_id 
_pdbx_struct_sheet_hbond.range_1_PDB_ins_code 
_pdbx_struct_sheet_hbond.range_1_auth_atom_id 
_pdbx_struct_sheet_hbond.range_1_auth_comp_id 
_pdbx_struct_sheet_hbond.range_1_auth_asym_id 
_pdbx_struct_sheet_hbond.range_1_auth_seq_id 
_pdbx_struct_sheet_hbond.range_2_label_atom_id 
_pdbx_struct_sheet_hbond.range_2_label_comp_id 
_pdbx_struct_sheet_hbond.range_2_label_asym_id 
_pdbx_struct_sheet_hbond.range_2_label_seq_id 
_pdbx_struct_sheet_hbond.range_2_PDB_ins_code 
_pdbx_struct_sheet_hbond.range_2_auth_atom_id 
_pdbx_struct_sheet_hbond.range_2_auth_comp_id 
_pdbx_struct_sheet_hbond.range_2_auth_asym_id 
_pdbx_struct_sheet_hbond.range_2_auth_seq_id 
A 1 2 O HIS A 32 ? O HIS A 31 N HIS A 3   ? N HIS A 2   
A 2 3 N ILE A 6  ? N ILE A 5  O PHE A 72  ? O PHE A 71  
A 3 4 N GLY A 79 ? N GLY A 78 O PHE A 86  ? O PHE A 85  
A 4 5 N VAL A 89 ? N VAL A 88 O ALA A 100 ? O ALA A 99  
B 1 2 O HIS A 32 ? O HIS A 31 N HIS A 3   ? N HIS A 2   
B 2 3 N ILE A 6  ? N ILE A 5  O PHE A 72  ? O PHE A 71  
B 3 4 N GLY A 79 ? N GLY A 78 O PHE A 86  ? O PHE A 85  
B 4 5 N THR A 85 ? N THR A 84 O LEU A 105 ? O LEU A 104 
# 
_struct_site.id                   AC1 
_struct_site.pdbx_evidence_code   Software 
_struct_site.pdbx_auth_asym_id    A 
_struct_site.pdbx_auth_comp_id    PO4 
_struct_site.pdbx_auth_seq_id     201 
_struct_site.pdbx_auth_ins_code   ? 
_struct_site.pdbx_num_residues    9 
_struct_site.details              'BINDING SITE FOR RESIDUE PO4 A 201' 
# 
loop_
_struct_site_gen.id 
_struct_site_gen.site_id 
_struct_site_gen.pdbx_num_res 
_struct_site_gen.label_comp_id 
_struct_site_gen.label_asym_id 
_struct_site_gen.label_seq_id 
_struct_site_gen.pdbx_auth_ins_code 
_struct_site_gen.auth_comp_id 
_struct_site_gen.auth_asym_id 
_struct_site_gen.auth_seq_id 
_struct_site_gen.label_atom_id 
_struct_site_gen.label_alt_id 
_struct_site_gen.symmetry 
_struct_site_gen.details 
1 AC1 9 LEU A 121 ? LEU A 120 . ? 1_555 ? 
2 AC1 9 GLY A 122 ? GLY A 121 . ? 1_555 ? 
3 AC1 9 GLY A 135 ? GLY A 134 . ? 1_555 ? 
4 AC1 9 GLY A 139 ? GLY A 138 . ? 1_555 ? 
5 AC1 9 ALA A 140 ? ALA A 139 . ? 1_555 ? 
6 AC1 9 ARG A 151 ? ARG A 150 . ? 1_555 ? 
7 AC1 9 HOH C .   ? HOH A 389 . ? 1_555 ? 
8 AC1 9 HOH C .   ? HOH A 416 . ? 1_555 ? 
9 AC1 9 HOH C .   ? HOH A 902 . ? 1_555 ? 
# 
_pdbx_entry_details.entry_id                   1U14 
_pdbx_entry_details.compound_details           ? 
_pdbx_entry_details.source_details             ? 
_pdbx_entry_details.nonpolymer_details         ? 
_pdbx_entry_details.sequence_details           ? 
_pdbx_entry_details.has_ligand_of_interest     ? 
_pdbx_entry_details.has_protein_modification   Y 
# 
loop_
_pdbx_validate_close_contact.id 
_pdbx_validate_close_contact.PDB_model_num 
_pdbx_validate_close_contact.auth_atom_id_1 
_pdbx_validate_close_contact.auth_asym_id_1 
_pdbx_validate_close_contact.auth_comp_id_1 
_pdbx_validate_close_contact.auth_seq_id_1 
_pdbx_validate_close_contact.PDB_ins_code_1 
_pdbx_validate_close_contact.label_alt_id_1 
_pdbx_validate_close_contact.auth_atom_id_2 
_pdbx_validate_close_contact.auth_asym_id_2 
_pdbx_validate_close_contact.auth_comp_id_2 
_pdbx_validate_close_contact.auth_seq_id_2 
_pdbx_validate_close_contact.PDB_ins_code_2 
_pdbx_validate_close_contact.label_alt_id_2 
_pdbx_validate_close_contact.dist 
1  1 O  A HOH 468 ? ? O A HOH 713 ? ? 1.70 
2  1 O  A HOH 435 ? ? O A HOH 448 ? ? 1.80 
3  1 CB A SER 6   ? ? O A HOH 811 ? ? 1.85 
4  1 CG A MSE 1   ? ? O A HOH 807 ? ? 1.90 
5  1 OG A SER 6   ? ? O A HOH 811 ? ? 1.95 
6  1 O  A HOH 709 ? ? O A HOH 710 ? ? 1.98 
7  1 OH A TYR 154 ? ? O A HOH 718 ? ? 2.01 
8  1 O  A HOH 401 ? ? O A HOH 638 ? ? 2.04 
9  1 O  A GLY 117 ? ? O A HOH 825 ? ? 2.07 
10 1 CB A SER 86  ? ? O A HOH 718 ? ? 2.11 
11 1 O  A HOH 398 ? ? O A HOH 406 ? ? 2.12 
12 1 O  A HOH 638 ? ? O A HOH 713 ? ? 2.14 
13 1 O  A HOH 840 ? ? O A HOH 841 ? ? 2.15 
14 1 O  A HOH 857 ? ? O A HOH 858 ? ? 2.17 
15 1 O  A HOH 416 ? ? O A HOH 844 ? ? 2.17 
16 1 OH A TYR 127 ? ? O A HOH 617 ? ? 2.19 
17 1 SE A MSE 1   ? ? O A HOH 807 ? ? 2.19 
# 
loop_
_pdbx_validate_symm_contact.id 
_pdbx_validate_symm_contact.PDB_model_num 
_pdbx_validate_symm_contact.auth_atom_id_1 
_pdbx_validate_symm_contact.auth_asym_id_1 
_pdbx_validate_symm_contact.auth_comp_id_1 
_pdbx_validate_symm_contact.auth_seq_id_1 
_pdbx_validate_symm_contact.PDB_ins_code_1 
_pdbx_validate_symm_contact.label_alt_id_1 
_pdbx_validate_symm_contact.site_symmetry_1 
_pdbx_validate_symm_contact.auth_atom_id_2 
_pdbx_validate_symm_contact.auth_asym_id_2 
_pdbx_validate_symm_contact.auth_comp_id_2 
_pdbx_validate_symm_contact.auth_seq_id_2 
_pdbx_validate_symm_contact.PDB_ins_code_2 
_pdbx_validate_symm_contact.label_alt_id_2 
_pdbx_validate_symm_contact.site_symmetry_2 
_pdbx_validate_symm_contact.dist 
1  1 O   A ASN 167 ? ? 1_555 C A ALA 168 ? ? 3_655 1.09 
2  1 C   A ASN 167 ? ? 1_555 C A ALA 168 ? ? 3_655 1.67 
3  1 O   A HOH 401 ? ? 1_555 O A HOH 542 ? ? 1_455 1.80 
4  1 O   A HOH 712 ? ? 1_555 O A HOH 856 ? ? 1_455 1.83 
5  1 CD  A ARG 64  ? ? 1_555 O A HOH 825 ? ? 8_555 1.85 
6  1 O   A HOH 435 ? ? 1_555 O A HOH 440 ? ? 1_655 1.86 
7  1 O   A HOH 468 ? ? 1_555 O A HOH 712 ? ? 3_455 1.89 
8  1 O   A HOH 703 ? ? 1_555 O A HOH 806 ? ? 1_455 1.94 
9  1 O   A HOH 710 ? ? 1_555 O A HOH 816 ? ? 3_555 1.99 
10 1 NH1 A ARG 64  ? ? 1_555 O A HOH 825 ? ? 8_555 2.07 
11 1 O   A HOH 542 ? ? 1_555 O A HOH 542 ? ? 3_655 2.10 
12 1 O   A HOH 442 ? ? 1_555 O A HOH 542 ? ? 3_555 2.11 
13 1 O   A HOH 459 ? ? 1_555 O A HOH 474 ? ? 1_455 2.12 
14 1 O   A HOH 806 ? ? 1_555 O A HOH 867 ? ? 1_655 2.14 
15 1 O   A HOH 856 ? ? 1_555 O A HOH 858 ? ? 3_555 2.16 
# 
_pdbx_validate_rmsd_angle.id                         1 
_pdbx_validate_rmsd_angle.PDB_model_num              1 
_pdbx_validate_rmsd_angle.auth_atom_id_1             CB 
_pdbx_validate_rmsd_angle.auth_asym_id_1             A 
_pdbx_validate_rmsd_angle.auth_comp_id_1             ASP 
_pdbx_validate_rmsd_angle.auth_seq_id_1              82 
_pdbx_validate_rmsd_angle.PDB_ins_code_1             ? 
_pdbx_validate_rmsd_angle.label_alt_id_1             ? 
_pdbx_validate_rmsd_angle.auth_atom_id_2             CG 
_pdbx_validate_rmsd_angle.auth_asym_id_2             A 
_pdbx_validate_rmsd_angle.auth_comp_id_2             ASP 
_pdbx_validate_rmsd_angle.auth_seq_id_2              82 
_pdbx_validate_rmsd_angle.PDB_ins_code_2             ? 
_pdbx_validate_rmsd_angle.label_alt_id_2             ? 
_pdbx_validate_rmsd_angle.auth_atom_id_3             OD2 
_pdbx_validate_rmsd_angle.auth_asym_id_3             A 
_pdbx_validate_rmsd_angle.auth_comp_id_3             ASP 
_pdbx_validate_rmsd_angle.auth_seq_id_3              82 
_pdbx_validate_rmsd_angle.PDB_ins_code_3             ? 
_pdbx_validate_rmsd_angle.label_alt_id_3             ? 
_pdbx_validate_rmsd_angle.angle_value                125.04 
_pdbx_validate_rmsd_angle.angle_target_value         118.30 
_pdbx_validate_rmsd_angle.angle_deviation            6.74 
_pdbx_validate_rmsd_angle.angle_standard_deviation   0.90 
_pdbx_validate_rmsd_angle.linker_flag                N 
# 
loop_
_pdbx_validate_torsion.id 
_pdbx_validate_torsion.PDB_model_num 
_pdbx_validate_torsion.auth_comp_id 
_pdbx_validate_torsion.auth_asym_id 
_pdbx_validate_torsion.auth_seq_id 
_pdbx_validate_torsion.PDB_ins_code 
_pdbx_validate_torsion.label_alt_id 
_pdbx_validate_torsion.phi 
_pdbx_validate_torsion.psi 
1 1 THR A 8   ? ? -173.73 147.19  
2 1 GLN A 44  ? ? 67.30   66.12   
3 1 ASP A 80  ? ? -174.26 146.01  
4 1 VAL A 94  ? ? -131.71 -50.19  
5 1 LYS A 136 ? ? -117.22 -125.67 
6 1 HIS A 166 ? ? -150.73 25.35   
# 
_pdbx_validate_polymer_linkage.id               1 
_pdbx_validate_polymer_linkage.PDB_model_num    1 
_pdbx_validate_polymer_linkage.auth_atom_id_1   C 
_pdbx_validate_polymer_linkage.auth_asym_id_1   A 
_pdbx_validate_polymer_linkage.auth_comp_id_1   ALA 
_pdbx_validate_polymer_linkage.auth_seq_id_1    0 
_pdbx_validate_polymer_linkage.PDB_ins_code_1   ? 
_pdbx_validate_polymer_linkage.label_alt_id_1   ? 
_pdbx_validate_polymer_linkage.auth_atom_id_2   N 
_pdbx_validate_polymer_linkage.auth_asym_id_2   A 
_pdbx_validate_polymer_linkage.auth_comp_id_2   MSE 
_pdbx_validate_polymer_linkage.auth_seq_id_2    1 
_pdbx_validate_polymer_linkage.PDB_ins_code_2   ? 
_pdbx_validate_polymer_linkage.label_alt_id_2   ? 
_pdbx_validate_polymer_linkage.dist             1.68 
# 
_pdbx_SG_project.id                    1 
_pdbx_SG_project.project_name          'PSI, Protein Structure Initiative' 
_pdbx_SG_project.full_name_of_center   'Midwest Center for Structural Genomics' 
_pdbx_SG_project.initial_of_center     MCSG 
# 
loop_
_pdbx_struct_mod_residue.id 
_pdbx_struct_mod_residue.label_asym_id 
_pdbx_struct_mod_residue.label_comp_id 
_pdbx_struct_mod_residue.label_seq_id 
_pdbx_struct_mod_residue.auth_asym_id 
_pdbx_struct_mod_residue.auth_comp_id 
_pdbx_struct_mod_residue.auth_seq_id 
_pdbx_struct_mod_residue.PDB_ins_code 
_pdbx_struct_mod_residue.parent_comp_id 
_pdbx_struct_mod_residue.details 
1 A MSE 2   A MSE 1   ? MET SELENOMETHIONINE 
2 A MSE 125 A MSE 124 ? MET SELENOMETHIONINE 
# 
_pdbx_database_remark.id     300 
_pdbx_database_remark.text   
;BIOMOLECULE:
THIS ENTRY CONTAINS THE CRYSTALLOGRAPHIC ASYMMETRIC UNIT
WHICH CONSISTS OF 1 CHAIN. THE BIOLOGICAL UNIT IS UNKNOWN.
;
# 
loop_
_pdbx_unobs_or_zero_occ_residues.id 
_pdbx_unobs_or_zero_occ_residues.PDB_model_num 
_pdbx_unobs_or_zero_occ_residues.polymer_flag 
_pdbx_unobs_or_zero_occ_residues.occupancy_flag 
_pdbx_unobs_or_zero_occ_residues.auth_asym_id 
_pdbx_unobs_or_zero_occ_residues.auth_comp_id 
_pdbx_unobs_or_zero_occ_residues.auth_seq_id 
_pdbx_unobs_or_zero_occ_residues.PDB_ins_code 
_pdbx_unobs_or_zero_occ_residues.label_asym_id 
_pdbx_unobs_or_zero_occ_residues.label_comp_id 
_pdbx_unobs_or_zero_occ_residues.label_seq_id 
1 1 Y 1 A VAL 169 ? A VAL 170 
2 1 Y 1 A TYR 170 ? A TYR 171 
3 1 Y 1 A ARG 171 ? A ARG 172 
# 
loop_
_chem_comp_atom.comp_id 
_chem_comp_atom.atom_id 
_chem_comp_atom.type_symbol 
_chem_comp_atom.pdbx_aromatic_flag 
_chem_comp_atom.pdbx_stereo_config 
_chem_comp_atom.pdbx_ordinal 
ALA N    N  N N 1   
ALA CA   C  N S 2   
ALA C    C  N N 3   
ALA O    O  N N 4   
ALA CB   C  N N 5   
ALA OXT  O  N N 6   
ALA H    H  N N 7   
ALA H2   H  N N 8   
ALA HA   H  N N 9   
ALA HB1  H  N N 10  
ALA HB2  H  N N 11  
ALA HB3  H  N N 12  
ALA HXT  H  N N 13  
ARG N    N  N N 14  
ARG CA   C  N S 15  
ARG C    C  N N 16  
ARG O    O  N N 17  
ARG CB   C  N N 18  
ARG CG   C  N N 19  
ARG CD   C  N N 20  
ARG NE   N  N N 21  
ARG CZ   C  N N 22  
ARG NH1  N  N N 23  
ARG NH2  N  N N 24  
ARG OXT  O  N N 25  
ARG H    H  N N 26  
ARG H2   H  N N 27  
ARG HA   H  N N 28  
ARG HB2  H  N N 29  
ARG HB3  H  N N 30  
ARG HG2  H  N N 31  
ARG HG3  H  N N 32  
ARG HD2  H  N N 33  
ARG HD3  H  N N 34  
ARG HE   H  N N 35  
ARG HH11 H  N N 36  
ARG HH12 H  N N 37  
ARG HH21 H  N N 38  
ARG HH22 H  N N 39  
ARG HXT  H  N N 40  
ASN N    N  N N 41  
ASN CA   C  N S 42  
ASN C    C  N N 43  
ASN O    O  N N 44  
ASN CB   C  N N 45  
ASN CG   C  N N 46  
ASN OD1  O  N N 47  
ASN ND2  N  N N 48  
ASN OXT  O  N N 49  
ASN H    H  N N 50  
ASN H2   H  N N 51  
ASN HA   H  N N 52  
ASN HB2  H  N N 53  
ASN HB3  H  N N 54  
ASN HD21 H  N N 55  
ASN HD22 H  N N 56  
ASN HXT  H  N N 57  
ASP N    N  N N 58  
ASP CA   C  N S 59  
ASP C    C  N N 60  
ASP O    O  N N 61  
ASP CB   C  N N 62  
ASP CG   C  N N 63  
ASP OD1  O  N N 64  
ASP OD2  O  N N 65  
ASP OXT  O  N N 66  
ASP H    H  N N 67  
ASP H2   H  N N 68  
ASP HA   H  N N 69  
ASP HB2  H  N N 70  
ASP HB3  H  N N 71  
ASP HD2  H  N N 72  
ASP HXT  H  N N 73  
CYS N    N  N N 74  
CYS CA   C  N R 75  
CYS C    C  N N 76  
CYS O    O  N N 77  
CYS CB   C  N N 78  
CYS SG   S  N N 79  
CYS OXT  O  N N 80  
CYS H    H  N N 81  
CYS H2   H  N N 82  
CYS HA   H  N N 83  
CYS HB2  H  N N 84  
CYS HB3  H  N N 85  
CYS HG   H  N N 86  
CYS HXT  H  N N 87  
GLN N    N  N N 88  
GLN CA   C  N S 89  
GLN C    C  N N 90  
GLN O    O  N N 91  
GLN CB   C  N N 92  
GLN CG   C  N N 93  
GLN CD   C  N N 94  
GLN OE1  O  N N 95  
GLN NE2  N  N N 96  
GLN OXT  O  N N 97  
GLN H    H  N N 98  
GLN H2   H  N N 99  
GLN HA   H  N N 100 
GLN HB2  H  N N 101 
GLN HB3  H  N N 102 
GLN HG2  H  N N 103 
GLN HG3  H  N N 104 
GLN HE21 H  N N 105 
GLN HE22 H  N N 106 
GLN HXT  H  N N 107 
GLU N    N  N N 108 
GLU CA   C  N S 109 
GLU C    C  N N 110 
GLU O    O  N N 111 
GLU CB   C  N N 112 
GLU CG   C  N N 113 
GLU CD   C  N N 114 
GLU OE1  O  N N 115 
GLU OE2  O  N N 116 
GLU OXT  O  N N 117 
GLU H    H  N N 118 
GLU H2   H  N N 119 
GLU HA   H  N N 120 
GLU HB2  H  N N 121 
GLU HB3  H  N N 122 
GLU HG2  H  N N 123 
GLU HG3  H  N N 124 
GLU HE2  H  N N 125 
GLU HXT  H  N N 126 
GLY N    N  N N 127 
GLY CA   C  N N 128 
GLY C    C  N N 129 
GLY O    O  N N 130 
GLY OXT  O  N N 131 
GLY H    H  N N 132 
GLY H2   H  N N 133 
GLY HA2  H  N N 134 
GLY HA3  H  N N 135 
GLY HXT  H  N N 136 
HIS N    N  N N 137 
HIS CA   C  N S 138 
HIS C    C  N N 139 
HIS O    O  N N 140 
HIS CB   C  N N 141 
HIS CG   C  Y N 142 
HIS ND1  N  Y N 143 
HIS CD2  C  Y N 144 
HIS CE1  C  Y N 145 
HIS NE2  N  Y N 146 
HIS OXT  O  N N 147 
HIS H    H  N N 148 
HIS H2   H  N N 149 
HIS HA   H  N N 150 
HIS HB2  H  N N 151 
HIS HB3  H  N N 152 
HIS HD1  H  N N 153 
HIS HD2  H  N N 154 
HIS HE1  H  N N 155 
HIS HE2  H  N N 156 
HIS HXT  H  N N 157 
HOH O    O  N N 158 
HOH H1   H  N N 159 
HOH H2   H  N N 160 
ILE N    N  N N 161 
ILE CA   C  N S 162 
ILE C    C  N N 163 
ILE O    O  N N 164 
ILE CB   C  N S 165 
ILE CG1  C  N N 166 
ILE CG2  C  N N 167 
ILE CD1  C  N N 168 
ILE OXT  O  N N 169 
ILE H    H  N N 170 
ILE H2   H  N N 171 
ILE HA   H  N N 172 
ILE HB   H  N N 173 
ILE HG12 H  N N 174 
ILE HG13 H  N N 175 
ILE HG21 H  N N 176 
ILE HG22 H  N N 177 
ILE HG23 H  N N 178 
ILE HD11 H  N N 179 
ILE HD12 H  N N 180 
ILE HD13 H  N N 181 
ILE HXT  H  N N 182 
LEU N    N  N N 183 
LEU CA   C  N S 184 
LEU C    C  N N 185 
LEU O    O  N N 186 
LEU CB   C  N N 187 
LEU CG   C  N N 188 
LEU CD1  C  N N 189 
LEU CD2  C  N N 190 
LEU OXT  O  N N 191 
LEU H    H  N N 192 
LEU H2   H  N N 193 
LEU HA   H  N N 194 
LEU HB2  H  N N 195 
LEU HB3  H  N N 196 
LEU HG   H  N N 197 
LEU HD11 H  N N 198 
LEU HD12 H  N N 199 
LEU HD13 H  N N 200 
LEU HD21 H  N N 201 
LEU HD22 H  N N 202 
LEU HD23 H  N N 203 
LEU HXT  H  N N 204 
LYS N    N  N N 205 
LYS CA   C  N S 206 
LYS C    C  N N 207 
LYS O    O  N N 208 
LYS CB   C  N N 209 
LYS CG   C  N N 210 
LYS CD   C  N N 211 
LYS CE   C  N N 212 
LYS NZ   N  N N 213 
LYS OXT  O  N N 214 
LYS H    H  N N 215 
LYS H2   H  N N 216 
LYS HA   H  N N 217 
LYS HB2  H  N N 218 
LYS HB3  H  N N 219 
LYS HG2  H  N N 220 
LYS HG3  H  N N 221 
LYS HD2  H  N N 222 
LYS HD3  H  N N 223 
LYS HE2  H  N N 224 
LYS HE3  H  N N 225 
LYS HZ1  H  N N 226 
LYS HZ2  H  N N 227 
LYS HZ3  H  N N 228 
LYS HXT  H  N N 229 
MET N    N  N N 230 
MET CA   C  N S 231 
MET C    C  N N 232 
MET O    O  N N 233 
MET CB   C  N N 234 
MET CG   C  N N 235 
MET SD   S  N N 236 
MET CE   C  N N 237 
MET OXT  O  N N 238 
MET H    H  N N 239 
MET H2   H  N N 240 
MET HA   H  N N 241 
MET HB2  H  N N 242 
MET HB3  H  N N 243 
MET HG2  H  N N 244 
MET HG3  H  N N 245 
MET HE1  H  N N 246 
MET HE2  H  N N 247 
MET HE3  H  N N 248 
MET HXT  H  N N 249 
MSE N    N  N N 250 
MSE CA   C  N S 251 
MSE C    C  N N 252 
MSE O    O  N N 253 
MSE OXT  O  N N 254 
MSE CB   C  N N 255 
MSE CG   C  N N 256 
MSE SE   SE N N 257 
MSE CE   C  N N 258 
MSE H    H  N N 259 
MSE H2   H  N N 260 
MSE HA   H  N N 261 
MSE HXT  H  N N 262 
MSE HB2  H  N N 263 
MSE HB3  H  N N 264 
MSE HG2  H  N N 265 
MSE HG3  H  N N 266 
MSE HE1  H  N N 267 
MSE HE2  H  N N 268 
MSE HE3  H  N N 269 
PHE N    N  N N 270 
PHE CA   C  N S 271 
PHE C    C  N N 272 
PHE O    O  N N 273 
PHE CB   C  N N 274 
PHE CG   C  Y N 275 
PHE CD1  C  Y N 276 
PHE CD2  C  Y N 277 
PHE CE1  C  Y N 278 
PHE CE2  C  Y N 279 
PHE CZ   C  Y N 280 
PHE OXT  O  N N 281 
PHE H    H  N N 282 
PHE H2   H  N N 283 
PHE HA   H  N N 284 
PHE HB2  H  N N 285 
PHE HB3  H  N N 286 
PHE HD1  H  N N 287 
PHE HD2  H  N N 288 
PHE HE1  H  N N 289 
PHE HE2  H  N N 290 
PHE HZ   H  N N 291 
PHE HXT  H  N N 292 
PO4 P    P  N N 293 
PO4 O1   O  N N 294 
PO4 O2   O  N N 295 
PO4 O3   O  N N 296 
PO4 O4   O  N N 297 
PRO N    N  N N 298 
PRO CA   C  N S 299 
PRO C    C  N N 300 
PRO O    O  N N 301 
PRO CB   C  N N 302 
PRO CG   C  N N 303 
PRO CD   C  N N 304 
PRO OXT  O  N N 305 
PRO H    H  N N 306 
PRO HA   H  N N 307 
PRO HB2  H  N N 308 
PRO HB3  H  N N 309 
PRO HG2  H  N N 310 
PRO HG3  H  N N 311 
PRO HD2  H  N N 312 
PRO HD3  H  N N 313 
PRO HXT  H  N N 314 
SER N    N  N N 315 
SER CA   C  N S 316 
SER C    C  N N 317 
SER O    O  N N 318 
SER CB   C  N N 319 
SER OG   O  N N 320 
SER OXT  O  N N 321 
SER H    H  N N 322 
SER H2   H  N N 323 
SER HA   H  N N 324 
SER HB2  H  N N 325 
SER HB3  H  N N 326 
SER HG   H  N N 327 
SER HXT  H  N N 328 
THR N    N  N N 329 
THR CA   C  N S 330 
THR C    C  N N 331 
THR O    O  N N 332 
THR CB   C  N R 333 
THR OG1  O  N N 334 
THR CG2  C  N N 335 
THR OXT  O  N N 336 
THR H    H  N N 337 
THR H2   H  N N 338 
THR HA   H  N N 339 
THR HB   H  N N 340 
THR HG1  H  N N 341 
THR HG21 H  N N 342 
THR HG22 H  N N 343 
THR HG23 H  N N 344 
THR HXT  H  N N 345 
TRP N    N  N N 346 
TRP CA   C  N S 347 
TRP C    C  N N 348 
TRP O    O  N N 349 
TRP CB   C  N N 350 
TRP CG   C  Y N 351 
TRP CD1  C  Y N 352 
TRP CD2  C  Y N 353 
TRP NE1  N  Y N 354 
TRP CE2  C  Y N 355 
TRP CE3  C  Y N 356 
TRP CZ2  C  Y N 357 
TRP CZ3  C  Y N 358 
TRP CH2  C  Y N 359 
TRP OXT  O  N N 360 
TRP H    H  N N 361 
TRP H2   H  N N 362 
TRP HA   H  N N 363 
TRP HB2  H  N N 364 
TRP HB3  H  N N 365 
TRP HD1  H  N N 366 
TRP HE1  H  N N 367 
TRP HE3  H  N N 368 
TRP HZ2  H  N N 369 
TRP HZ3  H  N N 370 
TRP HH2  H  N N 371 
TRP HXT  H  N N 372 
TYR N    N  N N 373 
TYR CA   C  N S 374 
TYR C    C  N N 375 
TYR O    O  N N 376 
TYR CB   C  N N 377 
TYR CG   C  Y N 378 
TYR CD1  C  Y N 379 
TYR CD2  C  Y N 380 
TYR CE1  C  Y N 381 
TYR CE2  C  Y N 382 
TYR CZ   C  Y N 383 
TYR OH   O  N N 384 
TYR OXT  O  N N 385 
TYR H    H  N N 386 
TYR H2   H  N N 387 
TYR HA   H  N N 388 
TYR HB2  H  N N 389 
TYR HB3  H  N N 390 
TYR HD1  H  N N 391 
TYR HD2  H  N N 392 
TYR HE1  H  N N 393 
TYR HE2  H  N N 394 
TYR HH   H  N N 395 
TYR HXT  H  N N 396 
VAL N    N  N N 397 
VAL CA   C  N S 398 
VAL C    C  N N 399 
VAL O    O  N N 400 
VAL CB   C  N N 401 
VAL CG1  C  N N 402 
VAL CG2  C  N N 403 
VAL OXT  O  N N 404 
VAL H    H  N N 405 
VAL H2   H  N N 406 
VAL HA   H  N N 407 
VAL HB   H  N N 408 
VAL HG11 H  N N 409 
VAL HG12 H  N N 410 
VAL HG13 H  N N 411 
VAL HG21 H  N N 412 
VAL HG22 H  N N 413 
VAL HG23 H  N N 414 
VAL HXT  H  N N 415 
# 
loop_
_chem_comp_bond.comp_id 
_chem_comp_bond.atom_id_1 
_chem_comp_bond.atom_id_2 
_chem_comp_bond.value_order 
_chem_comp_bond.pdbx_aromatic_flag 
_chem_comp_bond.pdbx_stereo_config 
_chem_comp_bond.pdbx_ordinal 
ALA N   CA   sing N N 1   
ALA N   H    sing N N 2   
ALA N   H2   sing N N 3   
ALA CA  C    sing N N 4   
ALA CA  CB   sing N N 5   
ALA CA  HA   sing N N 6   
ALA C   O    doub N N 7   
ALA C   OXT  sing N N 8   
ALA CB  HB1  sing N N 9   
ALA CB  HB2  sing N N 10  
ALA CB  HB3  sing N N 11  
ALA OXT HXT  sing N N 12  
ARG N   CA   sing N N 13  
ARG N   H    sing N N 14  
ARG N   H2   sing N N 15  
ARG CA  C    sing N N 16  
ARG CA  CB   sing N N 17  
ARG CA  HA   sing N N 18  
ARG C   O    doub N N 19  
ARG C   OXT  sing N N 20  
ARG CB  CG   sing N N 21  
ARG CB  HB2  sing N N 22  
ARG CB  HB3  sing N N 23  
ARG CG  CD   sing N N 24  
ARG CG  HG2  sing N N 25  
ARG CG  HG3  sing N N 26  
ARG CD  NE   sing N N 27  
ARG CD  HD2  sing N N 28  
ARG CD  HD3  sing N N 29  
ARG NE  CZ   sing N N 30  
ARG NE  HE   sing N N 31  
ARG CZ  NH1  sing N N 32  
ARG CZ  NH2  doub N N 33  
ARG NH1 HH11 sing N N 34  
ARG NH1 HH12 sing N N 35  
ARG NH2 HH21 sing N N 36  
ARG NH2 HH22 sing N N 37  
ARG OXT HXT  sing N N 38  
ASN N   CA   sing N N 39  
ASN N   H    sing N N 40  
ASN N   H2   sing N N 41  
ASN CA  C    sing N N 42  
ASN CA  CB   sing N N 43  
ASN CA  HA   sing N N 44  
ASN C   O    doub N N 45  
ASN C   OXT  sing N N 46  
ASN CB  CG   sing N N 47  
ASN CB  HB2  sing N N 48  
ASN CB  HB3  sing N N 49  
ASN CG  OD1  doub N N 50  
ASN CG  ND2  sing N N 51  
ASN ND2 HD21 sing N N 52  
ASN ND2 HD22 sing N N 53  
ASN OXT HXT  sing N N 54  
ASP N   CA   sing N N 55  
ASP N   H    sing N N 56  
ASP N   H2   sing N N 57  
ASP CA  C    sing N N 58  
ASP CA  CB   sing N N 59  
ASP CA  HA   sing N N 60  
ASP C   O    doub N N 61  
ASP C   OXT  sing N N 62  
ASP CB  CG   sing N N 63  
ASP CB  HB2  sing N N 64  
ASP CB  HB3  sing N N 65  
ASP CG  OD1  doub N N 66  
ASP CG  OD2  sing N N 67  
ASP OD2 HD2  sing N N 68  
ASP OXT HXT  sing N N 69  
CYS N   CA   sing N N 70  
CYS N   H    sing N N 71  
CYS N   H2   sing N N 72  
CYS CA  C    sing N N 73  
CYS CA  CB   sing N N 74  
CYS CA  HA   sing N N 75  
CYS C   O    doub N N 76  
CYS C   OXT  sing N N 77  
CYS CB  SG   sing N N 78  
CYS CB  HB2  sing N N 79  
CYS CB  HB3  sing N N 80  
CYS SG  HG   sing N N 81  
CYS OXT HXT  sing N N 82  
GLN N   CA   sing N N 83  
GLN N   H    sing N N 84  
GLN N   H2   sing N N 85  
GLN CA  C    sing N N 86  
GLN CA  CB   sing N N 87  
GLN CA  HA   sing N N 88  
GLN C   O    doub N N 89  
GLN C   OXT  sing N N 90  
GLN CB  CG   sing N N 91  
GLN CB  HB2  sing N N 92  
GLN CB  HB3  sing N N 93  
GLN CG  CD   sing N N 94  
GLN CG  HG2  sing N N 95  
GLN CG  HG3  sing N N 96  
GLN CD  OE1  doub N N 97  
GLN CD  NE2  sing N N 98  
GLN NE2 HE21 sing N N 99  
GLN NE2 HE22 sing N N 100 
GLN OXT HXT  sing N N 101 
GLU N   CA   sing N N 102 
GLU N   H    sing N N 103 
GLU N   H2   sing N N 104 
GLU CA  C    sing N N 105 
GLU CA  CB   sing N N 106 
GLU CA  HA   sing N N 107 
GLU C   O    doub N N 108 
GLU C   OXT  sing N N 109 
GLU CB  CG   sing N N 110 
GLU CB  HB2  sing N N 111 
GLU CB  HB3  sing N N 112 
GLU CG  CD   sing N N 113 
GLU CG  HG2  sing N N 114 
GLU CG  HG3  sing N N 115 
GLU CD  OE1  doub N N 116 
GLU CD  OE2  sing N N 117 
GLU OE2 HE2  sing N N 118 
GLU OXT HXT  sing N N 119 
GLY N   CA   sing N N 120 
GLY N   H    sing N N 121 
GLY N   H2   sing N N 122 
GLY CA  C    sing N N 123 
GLY CA  HA2  sing N N 124 
GLY CA  HA3  sing N N 125 
GLY C   O    doub N N 126 
GLY C   OXT  sing N N 127 
GLY OXT HXT  sing N N 128 
HIS N   CA   sing N N 129 
HIS N   H    sing N N 130 
HIS N   H2   sing N N 131 
HIS CA  C    sing N N 132 
HIS CA  CB   sing N N 133 
HIS CA  HA   sing N N 134 
HIS C   O    doub N N 135 
HIS C   OXT  sing N N 136 
HIS CB  CG   sing N N 137 
HIS CB  HB2  sing N N 138 
HIS CB  HB3  sing N N 139 
HIS CG  ND1  sing Y N 140 
HIS CG  CD2  doub Y N 141 
HIS ND1 CE1  doub Y N 142 
HIS ND1 HD1  sing N N 143 
HIS CD2 NE2  sing Y N 144 
HIS CD2 HD2  sing N N 145 
HIS CE1 NE2  sing Y N 146 
HIS CE1 HE1  sing N N 147 
HIS NE2 HE2  sing N N 148 
HIS OXT HXT  sing N N 149 
HOH O   H1   sing N N 150 
HOH O   H2   sing N N 151 
ILE N   CA   sing N N 152 
ILE N   H    sing N N 153 
ILE N   H2   sing N N 154 
ILE CA  C    sing N N 155 
ILE CA  CB   sing N N 156 
ILE CA  HA   sing N N 157 
ILE C   O    doub N N 158 
ILE C   OXT  sing N N 159 
ILE CB  CG1  sing N N 160 
ILE CB  CG2  sing N N 161 
ILE CB  HB   sing N N 162 
ILE CG1 CD1  sing N N 163 
ILE CG1 HG12 sing N N 164 
ILE CG1 HG13 sing N N 165 
ILE CG2 HG21 sing N N 166 
ILE CG2 HG22 sing N N 167 
ILE CG2 HG23 sing N N 168 
ILE CD1 HD11 sing N N 169 
ILE CD1 HD12 sing N N 170 
ILE CD1 HD13 sing N N 171 
ILE OXT HXT  sing N N 172 
LEU N   CA   sing N N 173 
LEU N   H    sing N N 174 
LEU N   H2   sing N N 175 
LEU CA  C    sing N N 176 
LEU CA  CB   sing N N 177 
LEU CA  HA   sing N N 178 
LEU C   O    doub N N 179 
LEU C   OXT  sing N N 180 
LEU CB  CG   sing N N 181 
LEU CB  HB2  sing N N 182 
LEU CB  HB3  sing N N 183 
LEU CG  CD1  sing N N 184 
LEU CG  CD2  sing N N 185 
LEU CG  HG   sing N N 186 
LEU CD1 HD11 sing N N 187 
LEU CD1 HD12 sing N N 188 
LEU CD1 HD13 sing N N 189 
LEU CD2 HD21 sing N N 190 
LEU CD2 HD22 sing N N 191 
LEU CD2 HD23 sing N N 192 
LEU OXT HXT  sing N N 193 
LYS N   CA   sing N N 194 
LYS N   H    sing N N 195 
LYS N   H2   sing N N 196 
LYS CA  C    sing N N 197 
LYS CA  CB   sing N N 198 
LYS CA  HA   sing N N 199 
LYS C   O    doub N N 200 
LYS C   OXT  sing N N 201 
LYS CB  CG   sing N N 202 
LYS CB  HB2  sing N N 203 
LYS CB  HB3  sing N N 204 
LYS CG  CD   sing N N 205 
LYS CG  HG2  sing N N 206 
LYS CG  HG3  sing N N 207 
LYS CD  CE   sing N N 208 
LYS CD  HD2  sing N N 209 
LYS CD  HD3  sing N N 210 
LYS CE  NZ   sing N N 211 
LYS CE  HE2  sing N N 212 
LYS CE  HE3  sing N N 213 
LYS NZ  HZ1  sing N N 214 
LYS NZ  HZ2  sing N N 215 
LYS NZ  HZ3  sing N N 216 
LYS OXT HXT  sing N N 217 
MET N   CA   sing N N 218 
MET N   H    sing N N 219 
MET N   H2   sing N N 220 
MET CA  C    sing N N 221 
MET CA  CB   sing N N 222 
MET CA  HA   sing N N 223 
MET C   O    doub N N 224 
MET C   OXT  sing N N 225 
MET CB  CG   sing N N 226 
MET CB  HB2  sing N N 227 
MET CB  HB3  sing N N 228 
MET CG  SD   sing N N 229 
MET CG  HG2  sing N N 230 
MET CG  HG3  sing N N 231 
MET SD  CE   sing N N 232 
MET CE  HE1  sing N N 233 
MET CE  HE2  sing N N 234 
MET CE  HE3  sing N N 235 
MET OXT HXT  sing N N 236 
MSE N   CA   sing N N 237 
MSE N   H    sing N N 238 
MSE N   H2   sing N N 239 
MSE CA  C    sing N N 240 
MSE CA  CB   sing N N 241 
MSE CA  HA   sing N N 242 
MSE C   O    doub N N 243 
MSE C   OXT  sing N N 244 
MSE OXT HXT  sing N N 245 
MSE CB  CG   sing N N 246 
MSE CB  HB2  sing N N 247 
MSE CB  HB3  sing N N 248 
MSE CG  SE   sing N N 249 
MSE CG  HG2  sing N N 250 
MSE CG  HG3  sing N N 251 
MSE SE  CE   sing N N 252 
MSE CE  HE1  sing N N 253 
MSE CE  HE2  sing N N 254 
MSE CE  HE3  sing N N 255 
PHE N   CA   sing N N 256 
PHE N   H    sing N N 257 
PHE N   H2   sing N N 258 
PHE CA  C    sing N N 259 
PHE CA  CB   sing N N 260 
PHE CA  HA   sing N N 261 
PHE C   O    doub N N 262 
PHE C   OXT  sing N N 263 
PHE CB  CG   sing N N 264 
PHE CB  HB2  sing N N 265 
PHE CB  HB3  sing N N 266 
PHE CG  CD1  doub Y N 267 
PHE CG  CD2  sing Y N 268 
PHE CD1 CE1  sing Y N 269 
PHE CD1 HD1  sing N N 270 
PHE CD2 CE2  doub Y N 271 
PHE CD2 HD2  sing N N 272 
PHE CE1 CZ   doub Y N 273 
PHE CE1 HE1  sing N N 274 
PHE CE2 CZ   sing Y N 275 
PHE CE2 HE2  sing N N 276 
PHE CZ  HZ   sing N N 277 
PHE OXT HXT  sing N N 278 
PO4 P   O1   doub N N 279 
PO4 P   O2   sing N N 280 
PO4 P   O3   sing N N 281 
PO4 P   O4   sing N N 282 
PRO N   CA   sing N N 283 
PRO N   CD   sing N N 284 
PRO N   H    sing N N 285 
PRO CA  C    sing N N 286 
PRO CA  CB   sing N N 287 
PRO CA  HA   sing N N 288 
PRO C   O    doub N N 289 
PRO C   OXT  sing N N 290 
PRO CB  CG   sing N N 291 
PRO CB  HB2  sing N N 292 
PRO CB  HB3  sing N N 293 
PRO CG  CD   sing N N 294 
PRO CG  HG2  sing N N 295 
PRO CG  HG3  sing N N 296 
PRO CD  HD2  sing N N 297 
PRO CD  HD3  sing N N 298 
PRO OXT HXT  sing N N 299 
SER N   CA   sing N N 300 
SER N   H    sing N N 301 
SER N   H2   sing N N 302 
SER CA  C    sing N N 303 
SER CA  CB   sing N N 304 
SER CA  HA   sing N N 305 
SER C   O    doub N N 306 
SER C   OXT  sing N N 307 
SER CB  OG   sing N N 308 
SER CB  HB2  sing N N 309 
SER CB  HB3  sing N N 310 
SER OG  HG   sing N N 311 
SER OXT HXT  sing N N 312 
THR N   CA   sing N N 313 
THR N   H    sing N N 314 
THR N   H2   sing N N 315 
THR CA  C    sing N N 316 
THR CA  CB   sing N N 317 
THR CA  HA   sing N N 318 
THR C   O    doub N N 319 
THR C   OXT  sing N N 320 
THR CB  OG1  sing N N 321 
THR CB  CG2  sing N N 322 
THR CB  HB   sing N N 323 
THR OG1 HG1  sing N N 324 
THR CG2 HG21 sing N N 325 
THR CG2 HG22 sing N N 326 
THR CG2 HG23 sing N N 327 
THR OXT HXT  sing N N 328 
TRP N   CA   sing N N 329 
TRP N   H    sing N N 330 
TRP N   H2   sing N N 331 
TRP CA  C    sing N N 332 
TRP CA  CB   sing N N 333 
TRP CA  HA   sing N N 334 
TRP C   O    doub N N 335 
TRP C   OXT  sing N N 336 
TRP CB  CG   sing N N 337 
TRP CB  HB2  sing N N 338 
TRP CB  HB3  sing N N 339 
TRP CG  CD1  doub Y N 340 
TRP CG  CD2  sing Y N 341 
TRP CD1 NE1  sing Y N 342 
TRP CD1 HD1  sing N N 343 
TRP CD2 CE2  doub Y N 344 
TRP CD2 CE3  sing Y N 345 
TRP NE1 CE2  sing Y N 346 
TRP NE1 HE1  sing N N 347 
TRP CE2 CZ2  sing Y N 348 
TRP CE3 CZ3  doub Y N 349 
TRP CE3 HE3  sing N N 350 
TRP CZ2 CH2  doub Y N 351 
TRP CZ2 HZ2  sing N N 352 
TRP CZ3 CH2  sing Y N 353 
TRP CZ3 HZ3  sing N N 354 
TRP CH2 HH2  sing N N 355 
TRP OXT HXT  sing N N 356 
TYR N   CA   sing N N 357 
TYR N   H    sing N N 358 
TYR N   H2   sing N N 359 
TYR CA  C    sing N N 360 
TYR CA  CB   sing N N 361 
TYR CA  HA   sing N N 362 
TYR C   O    doub N N 363 
TYR C   OXT  sing N N 364 
TYR CB  CG   sing N N 365 
TYR CB  HB2  sing N N 366 
TYR CB  HB3  sing N N 367 
TYR CG  CD1  doub Y N 368 
TYR CG  CD2  sing Y N 369 
TYR CD1 CE1  sing Y N 370 
TYR CD1 HD1  sing N N 371 
TYR CD2 CE2  doub Y N 372 
TYR CD2 HD2  sing N N 373 
TYR CE1 CZ   doub Y N 374 
TYR CE1 HE1  sing N N 375 
TYR CE2 CZ   sing Y N 376 
TYR CE2 HE2  sing N N 377 
TYR CZ  OH   sing N N 378 
TYR OH  HH   sing N N 379 
TYR OXT HXT  sing N N 380 
VAL N   CA   sing N N 381 
VAL N   H    sing N N 382 
VAL N   H2   sing N N 383 
VAL CA  C    sing N N 384 
VAL CA  CB   sing N N 385 
VAL CA  HA   sing N N 386 
VAL C   O    doub N N 387 
VAL C   OXT  sing N N 388 
VAL CB  CG1  sing N N 389 
VAL CB  CG2  sing N N 390 
VAL CB  HB   sing N N 391 
VAL CG1 HG11 sing N N 392 
VAL CG1 HG12 sing N N 393 
VAL CG1 HG13 sing N N 394 
VAL CG2 HG21 sing N N 395 
VAL CG2 HG22 sing N N 396 
VAL CG2 HG23 sing N N 397 
VAL OXT HXT  sing N N 398 
# 
_atom_sites.entry_id                    1U14 
_atom_sites.fract_transf_matrix[1][1]   0.01553826 
_atom_sites.fract_transf_matrix[1][2]   -0.01115729 
_atom_sites.fract_transf_matrix[1][3]   -0.01070549 
_atom_sites.fract_transf_matrix[2][1]   -0.00259559 
_atom_sites.fract_transf_matrix[2][2]   0.00486147 
_atom_sites.fract_transf_matrix[2][3]   -0.00883396 
_atom_sites.fract_transf_matrix[3][1]   0.00785168 
_atom_sites.fract_transf_matrix[3][2]   0.00860469 
_atom_sites.fract_transf_matrix[3][3]   0.00242832 
_atom_sites.fract_transf_vector[1]      0.026552 
_atom_sites.fract_transf_vector[2]      0.355227 
_atom_sites.fract_transf_vector[3]      0.110180 
# 
loop_
_atom_type.symbol 
C  
N  
O  
P  
S  
SE 
# 
loop_
_atom_site.group_PDB 
_atom_site.id 
_atom_site.type_symbol 
_atom_site.label_atom_id 
_atom_site.label_alt_id 
_atom_site.label_comp_id 
_atom_site.label_asym_id 
_atom_site.label_entity_id 
_atom_site.label_seq_id 
_atom_site.pdbx_PDB_ins_code 
_atom_site.Cartn_x 
_atom_site.Cartn_y 
_atom_site.Cartn_z 
_atom_site.occupancy 
_atom_site.B_iso_or_equiv 
_atom_site.pdbx_formal_charge 
_atom_site.auth_seq_id 
_atom_site.auth_comp_id 
_atom_site.auth_asym_id 
_atom_site.auth_atom_id 
_atom_site.pdbx_PDB_model_num 
ATOM   1    N  N   . ALA A 1 1   ? 6.713   -8.439  -25.266 1.00 34.62 ? 0   ALA A N   1 
ATOM   2    C  CA  . ALA A 1 1   ? 6.885   -9.031  -23.938 1.00 34.48 ? 0   ALA A CA  1 
ATOM   3    C  C   . ALA A 1 1   ? 6.351   -8.055  -22.919 1.00 33.83 ? 0   ALA A C   1 
ATOM   4    O  O   . ALA A 1 1   ? 6.631   -6.858  -22.981 1.00 34.51 ? 0   ALA A O   1 
ATOM   5    C  CB  . ALA A 1 1   ? 8.353   -9.335  -23.647 1.00 34.25 ? 0   ALA A CB  1 
HETATM 6    N  N   . MSE A 1 2   ? 5.788   -8.662  -21.457 1.00 18.45 ? 1   MSE A N   1 
HETATM 7    C  CA  . MSE A 1 2   ? 5.480   -7.592  -20.518 1.00 17.87 ? 1   MSE A CA  1 
HETATM 8    C  C   . MSE A 1 2   ? 5.941   -8.109  -19.213 1.00 17.18 ? 1   MSE A C   1 
HETATM 9    O  O   . MSE A 1 2   ? 5.988   -9.305  -19.008 1.00 16.97 ? 1   MSE A O   1 
HETATM 10   C  CB  . MSE A 1 2   ? 3.975   -7.375  -20.485 1.00 19.75 ? 1   MSE A CB  1 
HETATM 11   C  CG  . MSE A 1 2   ? 3.411   -7.100  -21.856 1.00 22.68 ? 1   MSE A CG  1 
HETATM 12   SE SE  . MSE A 1 2   ? 1.620   -6.258  -21.650 1.00 34.63 ? 1   MSE A SE  1 
HETATM 13   C  CE  . MSE A 1 2   ? 1.949   -4.589  -20.630 1.00 28.07 ? 1   MSE A CE  1 
ATOM   14   N  N   . HIS A 1 3   ? 6.309   -7.183  -18.347 1.00 16.83 ? 2   HIS A N   1 
ATOM   15   C  CA  . HIS A 1 3   ? 6.521   -7.487  -16.944 1.00 16.41 ? 2   HIS A CA  1 
ATOM   16   C  C   . HIS A 1 3   ? 5.180   -7.778  -16.292 1.00 14.80 ? 2   HIS A C   1 
ATOM   17   O  O   . HIS A 1 3   ? 4.325   -6.923  -16.215 1.00 14.37 ? 2   HIS A O   1 
ATOM   18   C  CB  . HIS A 1 3   ? 7.169   -6.299  -16.239 1.00 16.41 ? 2   HIS A CB  1 
ATOM   19   C  CG  . HIS A 1 3   ? 8.439   -5.848  -16.865 1.00 19.86 ? 2   HIS A CG  1 
ATOM   20   N  ND1 . HIS A 1 3   ? 9.456   -6.718  -17.190 1.00 24.71 ? 2   HIS A ND1 1 
ATOM   21   C  CD2 . HIS A 1 3   ? 8.843   -4.622  -17.265 1.00 23.27 ? 2   HIS A CD2 1 
ATOM   22   C  CE1 . HIS A 1 3   ? 10.446  -6.039  -17.739 1.00 26.49 ? 2   HIS A CE1 1 
ATOM   23   N  NE2 . HIS A 1 3   ? 10.103  -4.765  -17.793 1.00 25.84 ? 2   HIS A NE2 1 
ATOM   24   N  N   . GLN A 1 4   ? 5.044   -8.974  -15.732 1.00 14.46 ? 3   GLN A N   1 
ATOM   25   C  CA  . GLN A 1 4   ? 3.839   -9.404  -15.042 1.00 13.64 ? 3   GLN A CA  1 
ATOM   26   C  C   . GLN A 1 4   ? 3.979   -9.023  -13.573 1.00 12.40 ? 3   GLN A C   1 
ATOM   27   O  O   . GLN A 1 4   ? 4.767   -9.597  -12.867 1.00 13.51 ? 3   GLN A O   1 
ATOM   28   C  CB  . GLN A 1 4   ? 3.705   -10.926 -15.144 1.00 14.88 ? 3   GLN A CB  1 
ATOM   29   C  CG  . GLN A 1 4   ? 3.707   -11.453 -16.538 1.00 18.11 ? 3   GLN A CG  1 
ATOM   30   C  CD  . GLN A 1 4   ? 2.455   -11.043 -17.306 1.00 19.71 ? 3   GLN A CD  1 
ATOM   31   O  OE1 . GLN A 1 4   ? 1.373   -10.851 -16.715 1.00 21.92 ? 3   GLN A OE1 1 
ATOM   32   N  NE2 . GLN A 1 4   ? 2.606   -10.860 -18.611 1.00 23.98 ? 3   GLN A NE2 1 
ATOM   33   N  N   . VAL A 1 5   ? 3.236   -8.019  -13.152 1.00 11.67 ? 4   VAL A N   1 
ATOM   34   C  CA  . VAL A 1 5   ? 3.276   -7.497  -11.799 1.00 12.36 ? 4   VAL A CA  1 
ATOM   35   C  C   . VAL A 1 5   ? 2.015   -7.917  -11.048 1.00 13.21 ? 4   VAL A C   1 
ATOM   36   O  O   . VAL A 1 5   ? 0.923   -7.504  -11.372 1.00 14.21 ? 4   VAL A O   1 
ATOM   37   C  CB  . VAL A 1 5   ? 3.376   -5.937  -11.779 1.00 12.15 ? 4   VAL A CB  1 
ATOM   38   C  CG1 . VAL A 1 5   ? 3.376   -5.417  -10.341 1.00 11.52 ? 4   VAL A CG1 1 
ATOM   39   C  CG2 . VAL A 1 5   ? 4.576   -5.466  -12.566 1.00 11.69 ? 4   VAL A CG2 1 
ATOM   40   N  N   . ILE A 1 6   ? 2.185   -8.749  -10.027 1.00 12.72 ? 5   ILE A N   1 
ATOM   41   C  CA  . ILE A 1 6   ? 1.067   -9.200  -9.230  1.00 13.01 ? 5   ILE A CA  1 
ATOM   42   C  C   . ILE A 1 6   ? 0.864   -8.189  -8.104  1.00 13.24 ? 5   ILE A C   1 
ATOM   43   O  O   . ILE A 1 6   ? 1.770   -7.976  -7.305  1.00 13.04 ? 5   ILE A O   1 
ATOM   44   C  CB  . ILE A 1 6   ? 1.328   -10.612 -8.663  1.00 13.63 ? 5   ILE A CB  1 
ATOM   45   C  CG1 . ILE A 1 6   ? 1.675   -11.590 -9.787  1.00 14.56 ? 5   ILE A CG1 1 
ATOM   46   C  CG2 . ILE A 1 6   ? 0.164   -11.033 -7.813  1.00 14.03 ? 5   ILE A CG2 1 
ATOM   47   C  CD1 . ILE A 1 6   ? 0.620   -11.696 -10.916 1.00 17.03 ? 5   ILE A CD1 1 
ATOM   48   N  N   . SER A 1 7   ? -0.307  -7.552  -8.046  1.00 12.85 ? 6   SER A N   1 
ATOM   49   C  CA  . SER A 1 7   ? -0.612  -6.599  -6.965  1.00 13.74 ? 6   SER A CA  1 
ATOM   50   C  C   . SER A 1 7   ? -1.442  -7.325  -5.915  1.00 13.26 ? 6   SER A C   1 
ATOM   51   O  O   . SER A 1 7   ? -2.528  -7.799  -6.208  1.00 12.91 ? 6   SER A O   1 
ATOM   52   C  CB  . SER A 1 7   ? -1.284  -5.340  -7.526  1.00 14.83 ? 6   SER A CB  1 
ATOM   53   O  OG  . SER A 1 7   ? -2.150  -4.640  -6.604  1.00 20.60 ? 6   SER A OG  1 
ATOM   54   N  N   . ALA A 1 8   ? -0.925  -7.414  -4.705  1.00 12.86 ? 7   ALA A N   1 
ATOM   55   C  CA  . ALA A 1 8   ? -1.554  -8.185  -3.637  1.00 13.56 ? 7   ALA A CA  1 
ATOM   56   C  C   . ALA A 1 8   ? -2.604  -7.341  -2.931  1.00 14.20 ? 7   ALA A C   1 
ATOM   57   O  O   . ALA A 1 8   ? -2.592  -7.148  -1.700  1.00 14.97 ? 7   ALA A O   1 
ATOM   58   C  CB  . ALA A 1 8   ? -0.497  -8.638  -2.672  1.00 14.38 ? 7   ALA A CB  1 
ATOM   59   N  N   . THR A 1 9   ? -3.503  -6.821  -3.739  1.00 14.57 ? 8   THR A N   1 
ATOM   60   C  CA  . THR A 1 9   ? -4.556  -5.930  -3.297  1.00 15.53 ? 8   THR A CA  1 
ATOM   61   C  C   . THR A 1 9   ? -5.474  -5.669  -4.469  1.00 16.68 ? 8   THR A C   1 
ATOM   62   O  O   . THR A 1 9   ? -5.037  -5.640  -5.605  1.00 16.31 ? 8   THR A O   1 
ATOM   63   C  CB  . THR A 1 9   ? -4.016  -4.580  -2.746  1.00 15.95 ? 8   THR A CB  1 
ATOM   64   O  OG1 . THR A 1 9   ? -5.107  -3.707  -2.401  1.00 16.88 ? 8   THR A OG1 1 
ATOM   65   C  CG2 . THR A 1 9   ? -3.227  -3.816  -3.763  1.00 16.84 ? 8   THR A CG2 1 
ATOM   66   N  N   . THR A 1 10  ? -6.749  -5.486  -4.174  1.00 17.68 ? 9   THR A N   1 
ATOM   67   C  CA  . THR A 1 10  ? -7.736  -5.108  -5.187  1.00 19.13 ? 9   THR A CA  1 
ATOM   68   C  C   . THR A 1 10  ? -8.203  -3.663  -4.977  1.00 19.90 ? 9   THR A C   1 
ATOM   69   O  O   . THR A 1 10  ? -9.156  -3.233  -5.620  1.00 21.34 ? 9   THR A O   1 
ATOM   70   C  CB  . THR A 1 10  ? -8.962  -6.092  -5.165  1.00 19.88 ? 9   THR A CB  1 
ATOM   71   O  OG1 . THR A 1 10  ? -9.530  -6.134  -3.850  1.00 21.18 ? 9   THR A OG1 1 
ATOM   72   C  CG2 . THR A 1 10  ? -8.519  -7.558  -5.451  1.00 20.03 ? 9   THR A CG2 1 
ATOM   73   N  N   . ASN A 1 11  ? -7.566  -2.948  -4.051  1.00 19.87 ? 10  ASN A N   1 
ATOM   74   C  CA  . ASN A 1 11  ? -7.920  -1.556  -3.693  1.00 20.50 ? 10  ASN A CA  1 
ATOM   75   C  C   . ASN A 1 11  ? -7.488  -0.649  -4.845  1.00 21.09 ? 10  ASN A C   1 
ATOM   76   O  O   . ASN A 1 11  ? -6.318  -0.631  -5.216  1.00 20.09 ? 10  ASN A O   1 
ATOM   77   C  CB  . ASN A 1 11  ? -7.239  -1.146  -2.378  1.00 20.60 ? 10  ASN A CB  1 
ATOM   78   C  CG  . ASN A 1 11  ? -7.464  0.330   -2.009  1.00 21.89 ? 10  ASN A CG  1 
ATOM   79   O  OD1 . ASN A 1 11  ? -7.257  1.229   -2.824  1.00 23.16 ? 10  ASN A OD1 1 
ATOM   80   N  ND2 . ASN A 1 11  ? -7.836  0.579   -0.744  1.00 20.19 ? 10  ASN A ND2 1 
ATOM   81   N  N   . PRO A 1 12  ? -8.427  0.056   -5.464  1.00 21.37 ? 11  PRO A N   1 
ATOM   82   C  CA  . PRO A 1 12  ? -8.079  0.861   -6.651  1.00 21.71 ? 11  PRO A CA  1 
ATOM   83   C  C   . PRO A 1 12  ? -7.033  1.979   -6.367  1.00 20.78 ? 11  PRO A C   1 
ATOM   84   O  O   . PRO A 1 12  ? -6.251  2.249   -7.249  1.00 21.81 ? 11  PRO A O   1 
ATOM   85   C  CB  . PRO A 1 12  ? -9.428  1.453   -7.111  1.00 22.33 ? 11  PRO A CB  1 
ATOM   86   C  CG  . PRO A 1 12  ? -10.451 0.827   -6.267  1.00 22.91 ? 11  PRO A CG  1 
ATOM   87   C  CD  . PRO A 1 12  ? -9.854  0.145   -5.099  1.00 21.47 ? 11  PRO A CD  1 
ATOM   88   N  N   . ALA A 1 13  ? -7.012  2.582   -5.184  1.00 21.53 ? 12  ALA A N   1 
ATOM   89   C  CA  . ALA A 1 13  ? -6.019  3.635   -4.863  1.00 21.28 ? 12  ALA A CA  1 
ATOM   90   C  C   . ALA A 1 13  ? -4.597  3.050   -4.884  1.00 21.38 ? 12  ALA A C   1 
ATOM   91   O  O   . ALA A 1 13  ? -3.653  3.650   -5.426  1.00 21.05 ? 12  ALA A O   1 
ATOM   92   C  CB  . ALA A 1 13  ? -6.309  4.285   -3.526  1.00 22.00 ? 12  ALA A CB  1 
ATOM   93   N  N   . LYS A 1 14  ? -4.465  1.863   -4.300  1.00 20.07 ? 13  LYS A N   1 
ATOM   94   C  CA  . LYS A 1 14  ? -3.186  1.135   -4.306  1.00 18.85 ? 13  LYS A CA  1 
ATOM   95   C  C   . LYS A 1 14  ? -2.777  0.644   -5.710  1.00 18.15 ? 13  LYS A C   1 
ATOM   96   O  O   . LYS A 1 14  ? -1.625  0.789   -6.100  1.00 17.37 ? 13  LYS A O   1 
ATOM   97   C  CB  . LYS A 1 14  ? -3.245  -0.050  -3.327  1.00 18.10 ? 13  LYS A CB  1 
ATOM   98   C  CG  . LYS A 1 14  ? -3.323  0.321   -1.857  1.00 18.99 ? 13  LYS A CG  1 
ATOM   99   C  CD  . LYS A 1 14  ? -3.424  -0.918  -0.988  1.00 17.20 ? 13  LYS A CD  1 
ATOM   100  C  CE  . LYS A 1 14  ? -3.644  -0.590  0.478   1.00 17.82 ? 13  LYS A CE  1 
ATOM   101  N  NZ  . LYS A 1 14  ? -3.765  -1.783  1.327   1.00 19.28 ? 13  LYS A NZ  1 
ATOM   102  N  N   . ILE A 1 15  ? -3.702  0.084   -6.486  1.00 17.31 ? 14  ILE A N   1 
ATOM   103  C  CA  . ILE A 1 15  ? -3.400  -0.403  -7.824  1.00 17.43 ? 14  ILE A CA  1 
ATOM   104  C  C   . ILE A 1 15  ? -2.896  0.756   -8.704  1.00 18.33 ? 14  ILE A C   1 
ATOM   105  O  O   . ILE A 1 15  ? -1.962  0.585   -9.493  1.00 16.97 ? 14  ILE A O   1 
ATOM   106  C  CB  . ILE A 1 15  ? -4.643  -1.104  -8.467  1.00 17.48 ? 14  ILE A CB  1 
ATOM   107  C  CG1 . ILE A 1 15  ? -4.989  -2.391  -7.716  1.00 16.91 ? 14  ILE A CG1 1 
ATOM   108  C  CG2 . ILE A 1 15  ? -4.379  -1.437  -9.928  1.00 19.43 ? 14  ILE A CG2 1 
ATOM   109  C  CD1 . ILE A 1 15  ? -6.429  -2.854  -7.956  1.00 19.82 ? 14  ILE A CD1 1 
ATOM   110  N  N   . GLN A 1 16  ? -3.470  1.943   -8.494  1.00 18.21 ? 15  GLN A N   1 
ATOM   111  C  CA  . GLN A 1 16  ? -3.104  3.121   -9.303  1.00 19.41 ? 15  GLN A CA  1 
ATOM   112  C  C   . GLN A 1 16  ? -1.678  3.519   -8.992  1.00 17.81 ? 15  GLN A C   1 
ATOM   113  O  O   . GLN A 1 16  ? -0.913  3.850   -9.901  1.00 17.87 ? 15  GLN A O   1 
ATOM   114  C  CB  . GLN A 1 16  ? -4.030  4.319   -9.028  1.00 20.21 ? 15  GLN A CB  1 
ATOM   115  C  CG  . GLN A 1 16  ? -3.753  5.505   -9.959  1.00 25.26 ? 15  GLN A CG  1 
ATOM   116  C  CD  . GLN A 1 16  ? -4.710  6.691   -9.772  1.00 29.31 ? 15  GLN A CD  1 
ATOM   117  O  OE1 . GLN A 1 16  ? -4.888  7.180   -8.662  1.00 34.62 ? 15  GLN A OE1 1 
ATOM   118  N  NE2 . GLN A 1 16  ? -5.308  7.152   -10.868 1.00 34.42 ? 15  GLN A NE2 1 
ATOM   119  N  N   . ALA A 1 17  ? -1.333  3.502   -7.711  1.00 18.37 ? 16  ALA A N   1 
ATOM   120  C  CA  . ALA A 1 17  ? 0.011   3.873   -7.288  1.00 16.48 ? 16  ALA A CA  1 
ATOM   121  C  C   . ALA A 1 17  ? 1.007   2.875   -7.907  1.00 16.49 ? 16  ALA A C   1 
ATOM   122  O  O   . ALA A 1 17  ? 2.070   3.257   -8.428  1.00 15.33 ? 16  ALA A O   1 
ATOM   123  C  CB  . ALA A 1 17  ? 0.135   3.889   -5.778  1.00 16.98 ? 16  ALA A CB  1 
ATOM   124  N  N   . ILE A 1 18  ? 0.674   1.588   -7.851  1.00 15.50 ? 17  ILE A N   1 
ATOM   125  C  CA  . ILE A 1 18  ? 1.589   0.565   -8.365  1.00 14.13 ? 17  ILE A CA  1 
ATOM   126  C  C   . ILE A 1 18  ? 1.783   0.682   -9.886  1.00 14.45 ? 17  ILE A C   1 
ATOM   127  O  O   . ILE A 1 18  ? 2.893   0.699   -10.398 1.00 13.24 ? 17  ILE A O   1 
ATOM   128  C  CB  . ILE A 1 18  ? 1.063   -0.852  -7.995  1.00 13.89 ? 17  ILE A CB  1 
ATOM   129  C  CG1 . ILE A 1 18  ? 1.083   -1.043  -6.479  1.00 13.75 ? 17  ILE A CG1 1 
ATOM   130  C  CG2 . ILE A 1 18  ? 1.862   -1.935  -8.744  1.00 15.21 ? 17  ILE A CG2 1 
ATOM   131  C  CD1 . ILE A 1 18  ? 0.306   -2.232  -5.937  1.00 14.70 ? 17  ILE A CD1 1 
ATOM   132  N  N   . LEU A 1 19  ? 0.680   0.743   -10.620 1.00 15.64 ? 18  LEU A N   1 
ATOM   133  C  CA  . LEU A 1 19  ? 0.743   0.911   -12.064 1.00 16.60 ? 18  LEU A CA  1 
ATOM   134  C  C   . LEU A 1 19  ? 1.539   2.144   -12.489 1.00 15.83 ? 18  LEU A C   1 
ATOM   135  O  O   . LEU A 1 19  ? 2.447   2.037   -13.309 1.00 16.09 ? 18  LEU A O   1 
ATOM   136  C  CB  . LEU A 1 19  ? -0.689  0.937   -12.650 1.00 17.42 ? 18  LEU A CB  1 
ATOM   137  C  CG  . LEU A 1 19  ? -0.799  1.117   -14.177 1.00 22.71 ? 18  LEU A CG  1 
ATOM   138  C  CD1 . LEU A 1 19  ? -0.154  -0.021  -14.921 1.00 24.66 ? 18  LEU A CD1 1 
ATOM   139  C  CD2 . LEU A 1 19  ? -2.241  1.227   -14.603 1.00 24.76 ? 18  LEU A CD2 1 
ATOM   140  N  N   . GLN A 1 20  ? 1.220   3.305   -11.916 1.00 16.49 ? 19  GLN A N   1 
ATOM   141  C  CA  . GLN A 1 20  ? 1.890   4.544   -12.296 1.00 16.25 ? 19  GLN A CA  1 
ATOM   142  C  C   . GLN A 1 20  ? 3.383   4.484   -11.987 1.00 15.06 ? 19  GLN A C   1 
ATOM   143  O  O   . GLN A 1 20  ? 4.213   4.867   -12.814 1.00 14.91 ? 19  GLN A O   1 
ATOM   144  C  CB  . GLN A 1 20  ? 1.223   5.742   -11.637 1.00 17.16 ? 19  GLN A CB  1 
ATOM   145  C  CG  . GLN A 1 20  ? -0.188  6.003   -12.215 1.00 22.42 ? 19  GLN A CG  1 
ATOM   146  C  CD  . GLN A 1 20  ? -0.882  7.238   -11.656 1.00 29.22 ? 19  GLN A CD  1 
ATOM   147  O  OE1 . GLN A 1 20  ? -0.241  8.124   -11.106 1.00 37.58 ? 19  GLN A OE1 1 
ATOM   148  N  NE2 . GLN A 1 20  ? -2.200  7.296   -11.809 1.00 34.55 ? 19  GLN A NE2 1 
ATOM   149  N  N   . ALA A 1 21  ? 3.729   3.958   -10.817 1.00 13.81 ? 20  ALA A N   1 
ATOM   150  C  CA  . ALA A 1 21  ? 5.147   3.847   -10.460 1.00 13.04 ? 20  ALA A CA  1 
ATOM   151  C  C   . ALA A 1 21  ? 5.920   2.888   -11.373 1.00 13.28 ? 20  ALA A C   1 
ATOM   152  O  O   . ALA A 1 21  ? 7.009   3.207   -11.857 1.00 13.35 ? 20  ALA A O   1 
ATOM   153  C  CB  . ALA A 1 21  ? 5.297   3.449   -9.017  1.00 12.17 ? 20  ALA A CB  1 
ATOM   154  N  N   . PHE A 1 22  ? 5.370   1.701   -11.633 1.00 13.10 ? 21  PHE A N   1 
ATOM   155  C  CA  . PHE A 1 22  ? 6.038   0.755   -12.518 1.00 13.81 ? 21  PHE A CA  1 
ATOM   156  C  C   . PHE A 1 22  ? 6.197   1.284   -13.956 1.00 15.25 ? 21  PHE A C   1 
ATOM   157  O  O   . PHE A 1 22  ? 7.214   1.082   -14.589 1.00 14.59 ? 21  PHE A O   1 
ATOM   158  C  CB  . PHE A 1 22  ? 5.315   -0.606  -12.506 1.00 13.38 ? 21  PHE A CB  1 
ATOM   159  C  CG  . PHE A 1 22  ? 5.801   -1.532  -11.434 1.00 12.33 ? 21  PHE A CG  1 
ATOM   160  C  CD1 . PHE A 1 22  ? 5.345   -1.381  -10.109 1.00 12.01 ? 21  PHE A CD1 1 
ATOM   161  C  CD2 . PHE A 1 22  ? 6.675   -2.577  -11.728 1.00 12.43 ? 21  PHE A CD2 1 
ATOM   162  C  CE1 . PHE A 1 22  ? 5.786   -2.197  -9.100  1.00 13.47 ? 21  PHE A CE1 1 
ATOM   163  C  CE2 . PHE A 1 22  ? 7.080   -3.455  -10.719 1.00 12.43 ? 21  PHE A CE2 1 
ATOM   164  C  CZ  . PHE A 1 22  ? 6.649   -3.255  -9.399  1.00 13.67 ? 21  PHE A CZ  1 
ATOM   165  N  N   . GLU A 1 23  ? 5.202   2.008   -14.430 1.00 15.88 ? 22  GLU A N   1 
ATOM   166  C  CA  . GLU A 1 23  ? 5.241   2.607   -15.758 1.00 17.44 ? 22  GLU A CA  1 
ATOM   167  C  C   . GLU A 1 23  ? 6.267   3.748   -15.827 1.00 16.86 ? 22  GLU A C   1 
ATOM   168  O  O   . GLU A 1 23  ? 6.914   3.943   -16.860 1.00 17.31 ? 22  GLU A O   1 
ATOM   169  C  CB  . GLU A 1 23  ? 3.861   3.133   -16.146 1.00 18.10 ? 22  GLU A CB  1 
ATOM   170  C  CG  . GLU A 1 23  ? 2.892   2.046   -16.589 1.00 21.74 ? 22  GLU A CG  1 
ATOM   171  C  CD  . GLU A 1 23  ? 1.983   2.525   -17.707 1.00 27.54 ? 22  GLU A CD  1 
ATOM   172  O  OE1 . GLU A 1 23  ? 1.634   3.755   -17.752 1.00 29.75 ? 22  GLU A OE1 1 
ATOM   173  O  OE2 . GLU A 1 23  ? 1.639   1.679   -18.557 1.00 27.31 ? 22  GLU A OE2 1 
ATOM   174  N  N   . GLU A 1 24  ? 6.411   4.511   -14.745 1.00 15.59 ? 23  GLU A N   1 
ATOM   175  C  CA  . GLU A 1 24  ? 7.391   5.597   -14.750 1.00 17.12 ? 23  GLU A CA  1 
ATOM   176  C  C   . GLU A 1 24  ? 8.828   5.033   -14.830 1.00 16.94 ? 23  GLU A C   1 
ATOM   177  O  O   . GLU A 1 24  ? 9.697   5.579   -15.513 1.00 17.06 ? 23  GLU A O   1 
ATOM   178  C  CB  . GLU A 1 24  ? 7.218   6.468   -13.503 1.00 17.74 ? 23  GLU A CB  1 
ATOM   179  C  CG  . GLU A 1 24  ? 7.895   7.808   -13.575 1.00 23.34 ? 23  GLU A CG  1 
ATOM   180  C  CD  . GLU A 1 24  ? 7.409   8.651   -14.752 1.00 25.96 ? 23  GLU A CD  1 
ATOM   181  O  OE1 . GLU A 1 24  ? 6.201   8.920   -14.854 1.00 28.68 ? 23  GLU A OE1 1 
ATOM   182  O  OE2 . GLU A 1 24  ? 8.240   9.021   -15.588 1.00 32.86 ? 23  GLU A OE2 1 
ATOM   183  N  N   . ILE A 1 25  ? 9.084   3.937   -14.121 1.00 16.75 ? 24  ILE A N   1 
ATOM   184  C  CA  . ILE A 1 25  ? 10.422  3.361   -14.057 1.00 17.10 ? 24  ILE A CA  1 
ATOM   185  C  C   . ILE A 1 25  ? 10.745  2.490   -15.269 1.00 17.72 ? 24  ILE A C   1 
ATOM   186  O  O   . ILE A 1 25  ? 11.830  2.613   -15.841 1.00 17.91 ? 24  ILE A O   1 
ATOM   187  C  CB  . ILE A 1 25  ? 10.604  2.558   -12.730 1.00 17.23 ? 24  ILE A CB  1 
ATOM   188  C  CG1 . ILE A 1 25  ? 10.471  3.502   -11.507 1.00 17.23 ? 24  ILE A CG1 1 
ATOM   189  C  CG2 . ILE A 1 25  ? 11.926  1.793   -12.744 1.00 17.89 ? 24  ILE A CG2 1 
ATOM   190  C  CD1 . ILE A 1 25  ? 11.544  4.560   -11.396 1.00 16.20 ? 24  ILE A CD1 1 
ATOM   191  N  N   . PHE A 1 26  ? 9.805   1.656   -15.698 1.00 16.66 ? 25  PHE A N   1 
ATOM   192  C  CA  . PHE A 1 26  ? 10.078  0.653   -16.734 1.00 16.57 ? 25  PHE A CA  1 
ATOM   193  C  C   . PHE A 1 26  ? 9.507   1.071   -18.111 1.00 16.34 ? 25  PHE A C   1 
ATOM   194  O  O   . PHE A 1 26  ? 9.822   0.467   -19.132 1.00 16.81 ? 25  PHE A O   1 
ATOM   195  C  CB  . PHE A 1 26  ? 9.525   -0.710  -16.300 1.00 16.71 ? 25  PHE A CB  1 
ATOM   196  C  CG  . PHE A 1 26  ? 10.234  -1.289  -15.095 1.00 16.95 ? 25  PHE A CG  1 
ATOM   197  C  CD1 . PHE A 1 26  ? 11.587  -1.605  -15.147 1.00 19.69 ? 25  PHE A CD1 1 
ATOM   198  C  CD2 . PHE A 1 26  ? 9.559   -1.450  -13.895 1.00 14.65 ? 25  PHE A CD2 1 
ATOM   199  C  CE1 . PHE A 1 26  ? 12.252  -2.085  -14.018 1.00 19.67 ? 25  PHE A CE1 1 
ATOM   200  C  CE2 . PHE A 1 26  ? 10.224  -1.947  -12.768 1.00 17.20 ? 25  PHE A CE2 1 
ATOM   201  C  CZ  . PHE A 1 26  ? 11.566  -2.269  -12.842 1.00 16.84 ? 25  PHE A CZ  1 
ATOM   202  N  N   . GLY A 1 27  ? 8.649   2.072   -18.113 1.00 17.03 ? 26  GLY A N   1 
ATOM   203  C  CA  . GLY A 1 27  ? 8.138   2.652   -19.330 1.00 17.53 ? 26  GLY A CA  1 
ATOM   204  C  C   . GLY A 1 27  ? 6.671   2.377   -19.549 1.00 18.16 ? 26  GLY A C   1 
ATOM   205  O  O   . GLY A 1 27  ? 6.128   1.339   -19.133 1.00 16.68 ? 26  GLY A O   1 
ATOM   206  N  N   . GLU A 1 28  ? 6.032   3.321   -20.229 1.00 19.22 ? 27  GLU A N   1 
ATOM   207  C  CA  . GLU A 1 28  ? 4.625   3.232   -20.555 1.00 20.65 ? 27  GLU A CA  1 
ATOM   208  C  C   . GLU A 1 28  ? 4.369   1.976   -21.368 1.00 20.19 ? 27  GLU A C   1 
ATOM   209  O  O   . GLU A 1 28  ? 5.108   1.658   -22.313 1.00 20.28 ? 27  GLU A O   1 
ATOM   210  C  CB  . GLU A 1 28  ? 4.170   4.459   -21.360 1.00 21.36 ? 27  GLU A CB  1 
ATOM   211  C  CG  . GLU A 1 28  ? 2.715   4.791   -21.119 1.00 25.10 ? 27  GLU A CG  1 
ATOM   212  C  CD  . GLU A 1 28  ? 2.200   5.947   -21.965 1.00 30.63 ? 27  GLU A CD  1 
ATOM   213  O  OE1 . GLU A 1 28  ? 2.817   6.258   -23.010 1.00 32.61 ? 27  GLU A OE1 1 
ATOM   214  O  OE2 . GLU A 1 28  ? 1.153   6.521   -21.583 1.00 34.10 ? 27  GLU A OE2 1 
ATOM   215  N  N   . GLY A 1 29  ? 3.333   1.238   -20.968 1.00 20.62 ? 28  GLY A N   1 
ATOM   216  C  CA  . GLY A 1 29  ? 2.977   0.008   -21.624 1.00 19.94 ? 28  GLY A CA  1 
ATOM   217  C  C   . GLY A 1 29  ? 3.913   -1.173  -21.416 1.00 19.40 ? 28  GLY A C   1 
ATOM   218  O  O   . GLY A 1 29  ? 3.814   -2.148  -22.166 1.00 19.98 ? 28  GLY A O   1 
ATOM   219  N  N   . SER A 1 30  ? 4.802   -1.128  -20.412 1.00 17.24 ? 29  SER A N   1 
ATOM   220  C  CA  . SER A 1 30  ? 5.772   -2.199  -20.207 1.00 16.52 ? 29  SER A CA  1 
ATOM   221  C  C   . SER A 1 30  ? 5.279   -3.229  -19.217 1.00 15.33 ? 29  SER A C   1 
ATOM   222  O  O   . SER A 1 30  ? 5.806   -4.311  -19.207 1.00 15.33 ? 29  SER A O   1 
ATOM   223  C  CB  . SER A 1 30  ? 7.106   -1.674  -19.692 1.00 17.16 ? 29  SER A CB  1 
ATOM   224  O  OG  . SER A 1 30  ? 6.935   -1.080  -18.422 1.00 16.45 ? 29  SER A OG  1 
ATOM   225  N  N   . CYS A 1 31  ? 4.308   -2.862  -18.394 1.00 15.56 ? 30  CYS A N   1 
ATOM   226  C  CA  . CYS A 1 31  ? 3.865   -3.689  -17.265 1.00 15.89 ? 30  CYS A CA  1 
ATOM   227  C  C   . CYS A 1 31  ? 2.380   -4.020  -17.329 1.00 15.51 ? 30  CYS A C   1 
ATOM   228  O  O   . CYS A 1 31  ? 1.537   -3.175  -17.640 1.00 15.62 ? 30  CYS A O   1 
ATOM   229  C  CB  . CYS A 1 31  ? 4.141   -2.963  -15.947 1.00 16.55 ? 30  CYS A CB  1 
ATOM   230  S  SG  . CYS A 1 31  ? 5.901   -2.741  -15.641 1.00 17.46 ? 30  CYS A SG  1 
ATOM   231  N  N   . HIS A 1 32  ? 2.061   -5.262  -16.981 1.00 16.12 ? 31  HIS A N   1 
ATOM   232  C  CA  . HIS A 1 32  ? 0.689   -5.707  -16.841 1.00 16.05 ? 31  HIS A CA  1 
ATOM   233  C  C   . HIS A 1 32  ? 0.441   -5.994  -15.375 1.00 16.17 ? 31  HIS A C   1 
ATOM   234  O  O   . HIS A 1 32  ? 1.118   -6.838  -14.805 1.00 15.66 ? 31  HIS A O   1 
ATOM   235  C  CB  . HIS A 1 32  ? 0.499   -6.969  -17.641 1.00 16.57 ? 31  HIS A CB  1 
ATOM   236  C  CG  . HIS A 1 32  ? -0.893  -7.511  -17.582 1.00 18.35 ? 31  HIS A CG  1 
ATOM   237  N  ND1 . HIS A 1 32  ? -1.962  -6.885  -18.191 1.00 15.09 ? 31  HIS A ND1 1 
ATOM   238  C  CD2 . HIS A 1 32  ? -1.399  -8.603  -16.958 1.00 18.43 ? 31  HIS A CD2 1 
ATOM   239  C  CE1 . HIS A 1 32  ? -3.061  -7.577  -17.956 1.00 18.56 ? 31  HIS A CE1 1 
ATOM   240  N  NE2 . HIS A 1 32  ? -2.754  -8.612  -17.192 1.00 19.20 ? 31  HIS A NE2 1 
ATOM   241  N  N   . ILE A 1 33  ? -0.520  -5.308  -14.773 1.00 16.42 ? 32  ILE A N   1 
ATOM   242  C  CA  . ILE A 1 33  ? -0.806  -5.517  -13.365 1.00 17.05 ? 32  ILE A CA  1 
ATOM   243  C  C   . ILE A 1 33  ? -1.991  -6.496  -13.239 1.00 17.68 ? 32  ILE A C   1 
ATOM   244  O  O   . ILE A 1 33  ? -3.049  -6.292  -13.865 1.00 17.22 ? 32  ILE A O   1 
ATOM   245  C  CB  . ILE A 1 33  ? -1.034  -4.167  -12.624 1.00 17.64 ? 32  ILE A CB  1 
ATOM   246  C  CG1 . ILE A 1 33  ? 0.276   -3.338  -12.387 1.00 19.52 ? 32  ILE A CG1 1 
ATOM   247  C  CG2 . ILE A 1 33  ? -1.628  -4.410  -11.247 1.00 20.20 ? 32  ILE A CG2 1 
ATOM   248  C  CD1 . ILE A 1 33  ? 1.315   -3.296  -13.439 1.00 20.68 ? 32  ILE A CD1 1 
ATOM   249  N  N   . THR A 1 34  ? -1.796  -7.560  -12.459 1.00 17.23 ? 33  THR A N   1 
ATOM   250  C  CA  . THR A 1 34  ? -2.856  -8.503  -12.074 1.00 18.00 ? 33  THR A CA  1 
ATOM   251  C  C   . THR A 1 34  ? -3.159  -8.336  -10.589 1.00 18.07 ? 33  THR A C   1 
ATOM   252  O  O   . THR A 1 34  ? -2.335  -8.707  -9.756  1.00 17.31 ? 33  THR A O   1 
ATOM   253  C  CB  . THR A 1 34  ? -2.404  -9.962  -12.324 1.00 17.93 ? 33  THR A CB  1 
ATOM   254  O  OG1 . THR A 1 34  ? -2.128  -10.180 -13.719 1.00 18.27 ? 33  THR A OG1 1 
ATOM   255  C  CG2 . THR A 1 34  ? -3.496  -10.946 -12.001 1.00 17.94 ? 33  THR A CG2 1 
ATOM   256  N  N   . PRO A 1 35  ? -4.276  -7.699  -10.254 1.00 18.54 ? 34  PRO A N   1 
ATOM   257  C  CA  . PRO A 1 35  ? -4.748  -7.627  -8.875  1.00 18.29 ? 34  PRO A CA  1 
ATOM   258  C  C   . PRO A 1 35  ? -5.255  -8.961  -8.359  1.00 18.70 ? 34  PRO A C   1 
ATOM   259  O  O   . PRO A 1 35  ? -6.008  -9.660  -9.058  1.00 20.01 ? 34  PRO A O   1 
ATOM   260  C  CB  . PRO A 1 35  ? -5.895  -6.608  -8.935  1.00 19.10 ? 34  PRO A CB  1 
ATOM   261  C  CG  . PRO A 1 35  ? -5.679  -5.830  -10.248 1.00 19.27 ? 34  PRO A CG  1 
ATOM   262  C  CD  . PRO A 1 35  ? -5.111  -6.879  -11.159 1.00 18.64 ? 34  PRO A CD  1 
ATOM   263  N  N   . VAL A 1 36  ? -4.857  -9.308  -7.153  1.00 17.95 ? 35  VAL A N   1 
ATOM   264  C  CA  . VAL A 1 36  ? -5.256  -10.578 -6.562  1.00 18.46 ? 35  VAL A CA  1 
ATOM   265  C  C   . VAL A 1 36  ? -5.602  -10.313 -5.126  1.00 18.86 ? 35  VAL A C   1 
ATOM   266  O  O   . VAL A 1 36  ? -4.979  -9.500  -4.470  1.00 17.84 ? 35  VAL A O   1 
ATOM   267  C  CB  . VAL A 1 36  ? -4.181  -11.675 -6.664  1.00 18.94 ? 35  VAL A CB  1 
ATOM   268  C  CG1 . VAL A 1 36  ? -3.809  -11.918 -8.100  1.00 22.00 ? 35  VAL A CG1 1 
ATOM   269  C  CG2 . VAL A 1 36  ? -2.929  -11.340 -5.819  1.00 19.64 ? 35  VAL A CG2 1 
ATOM   270  N  N   . ALA A 1 37  ? -6.623  -11.019 -4.645  1.00 20.30 ? 36  ALA A N   1 
ATOM   271  C  CA  . ALA A 1 37  ? -6.997  -10.933 -3.251  1.00 21.51 ? 36  ALA A CA  1 
ATOM   272  C  C   . ALA A 1 37  ? -6.256  -12.031 -2.512  1.00 21.56 ? 36  ALA A C   1 
ATOM   273  O  O   . ALA A 1 37  ? -6.474  -13.210 -2.757  1.00 22.63 ? 36  ALA A O   1 
ATOM   274  C  CB  . ALA A 1 37  ? -8.507  -11.108 -3.090  1.00 21.73 ? 36  ALA A CB  1 
ATOM   275  N  N   . VAL A 1 38  ? -5.332  -11.636 -1.647  1.00 22.21 ? 37  VAL A N   1 
ATOM   276  C  CA  . VAL A 1 38  ? -4.573  -12.598 -0.840  1.00 23.28 ? 37  VAL A CA  1 
ATOM   277  C  C   . VAL A 1 38  ? -4.611  -12.136 0.604   1.00 24.19 ? 37  VAL A C   1 
ATOM   278  O  O   . VAL A 1 38  ? -4.828  -10.960 0.891   1.00 24.66 ? 37  VAL A O   1 
ATOM   279  C  CB  . VAL A 1 38  ? -3.098  -12.752 -1.269  1.00 24.03 ? 37  VAL A CB  1 
ATOM   280  C  CG1 . VAL A 1 38  ? -2.982  -13.507 -2.589  1.00 24.65 ? 37  VAL A CG1 1 
ATOM   281  C  CG2 . VAL A 1 38  ? -2.409  -11.400 -1.335  1.00 25.41 ? 37  VAL A CG2 1 
ATOM   282  N  N   . GLU A 1 39  ? -4.398  -13.078 1.504   1.00 24.76 ? 38  GLU A N   1 
ATOM   283  C  CA  . GLU A 1 39  ? -4.381  -12.799 2.928   1.00 26.09 ? 38  GLU A CA  1 
ATOM   284  C  C   . GLU A 1 39  ? -2.991  -12.390 3.413   1.00 25.63 ? 38  GLU A C   1 
ATOM   285  O  O   . GLU A 1 39  ? -1.989  -12.820 2.875   1.00 25.64 ? 38  GLU A O   1 
ATOM   286  C  CB  . GLU A 1 39  ? -4.850  -14.044 3.678   1.00 27.18 ? 38  GLU A CB  1 
ATOM   287  C  CG  . GLU A 1 39  ? -4.202  -15.347 3.252   1.00 30.39 ? 38  GLU A CG  1 
ATOM   288  C  CD  . GLU A 1 39  ? -5.197  -16.508 3.133   1.00 34.66 ? 38  GLU A CD  1 
ATOM   289  O  OE1 . GLU A 1 39  ? -5.270  -17.152 2.049   1.00 35.24 ? 38  GLU A OE1 1 
ATOM   290  O  OE2 . GLU A 1 39  ? -5.904  -16.786 4.121   1.00 37.47 ? 38  GLU A OE2 1 
ATOM   291  N  N   . SER A 1 40  ? -2.943  -11.564 4.444   1.00 25.48 ? 39  SER A N   1 
ATOM   292  C  CA  . SER A 1 40  ? -1.689  -11.247 5.124   1.00 25.75 ? 39  SER A CA  1 
ATOM   293  C  C   . SER A 1 40  ? -1.410  -12.200 6.291   1.00 26.35 ? 39  SER A C   1 
ATOM   294  O  O   . SER A 1 40  ? -0.335  -12.144 6.900   1.00 27.52 ? 39  SER A O   1 
ATOM   295  C  CB  . SER A 1 40  ? -1.773  -9.849  5.693   1.00 26.10 ? 39  SER A CB  1 
ATOM   296  O  OG  . SER A 1 40  ? -2.795  -9.824  6.676   1.00 24.97 ? 39  SER A OG  1 
ATOM   297  N  N   . GLY A 1 41  ? -2.408  -13.010 6.641   1.00 25.77 ? 40  GLY A N   1 
ATOM   298  C  CA  . GLY A 1 41  ? -2.322  -13.909 7.779   1.00 25.69 ? 40  GLY A CA  1 
ATOM   299  C  C   . GLY A 1 41  ? -2.440  -13.216 9.122   1.00 25.79 ? 40  GLY A C   1 
ATOM   300  O  O   . GLY A 1 41  ? -2.407  -13.870 10.163  1.00 25.57 ? 40  GLY A O   1 
ATOM   301  N  N   . VAL A 1 42  ? -2.547  -11.891 9.113   1.00 25.06 ? 41  VAL A N   1 
ATOM   302  C  CA  . VAL A 1 42  ? -2.800  -11.142 10.338  1.00 25.50 ? 41  VAL A CA  1 
ATOM   303  C  C   . VAL A 1 42  ? -3.928  -10.133 10.098  1.00 24.51 ? 41  VAL A C   1 
ATOM   304  O  O   . VAL A 1 42  ? -4.263  -9.837  8.947   1.00 24.03 ? 41  VAL A O   1 
ATOM   305  C  CB  . VAL A 1 42  ? -1.509  -10.470 10.869  1.00 25.84 ? 41  VAL A CB  1 
ATOM   306  C  CG1 . VAL A 1 42  ? -0.375  -11.509 11.028  1.00 27.44 ? 41  VAL A CG1 1 
ATOM   307  C  CG2 . VAL A 1 42  ? -1.068  -9.328  9.968   1.00 25.27 ? 41  VAL A CG2 1 
ATOM   308  N  N   . PRO A 1 43  ? -4.552  -9.631  11.169  1.00 24.01 ? 42  PRO A N   1 
ATOM   309  C  CA  . PRO A 1 43  ? -5.628  -8.642  11.030  1.00 23.88 ? 42  PRO A CA  1 
ATOM   310  C  C   . PRO A 1 43  ? -5.246  -7.410  10.204  1.00 24.67 ? 42  PRO A C   1 
ATOM   311  O  O   . PRO A 1 43  ? -4.053  -7.045  10.175  1.00 24.11 ? 42  PRO A O   1 
ATOM   312  C  CB  . PRO A 1 43  ? -5.973  -8.296  12.482  1.00 24.18 ? 42  PRO A CB  1 
ATOM   313  C  CG  . PRO A 1 43  ? -5.593  -9.496  13.238  1.00 23.33 ? 42  PRO A CG  1 
ATOM   314  C  CD  . PRO A 1 43  ? -4.364  -10.044 12.575  1.00 24.32 ? 42  PRO A CD  1 
ATOM   315  N  N   . GLU A 1 44  ? -6.224  -6.846  9.491   1.00 24.66 ? 43  GLU A N   1 
ATOM   316  C  CA  . GLU A 1 44  ? -6.026  -5.617  8.714   1.00 26.17 ? 43  GLU A CA  1 
ATOM   317  C  C   . GLU A 1 44  ? -5.673  -4.449  9.641   1.00 25.29 ? 43  GLU A C   1 
ATOM   318  O  O   . GLU A 1 44  ? -6.231  -4.322  10.710  1.00 25.37 ? 43  GLU A O   1 
ATOM   319  C  CB  . GLU A 1 44  ? -7.274  -5.271  7.898   1.00 26.51 ? 43  GLU A CB  1 
ATOM   320  C  CG  . GLU A 1 44  ? -7.439  -6.113  6.642   1.00 31.22 ? 43  GLU A CG  1 
ATOM   321  C  CD  . GLU A 1 44  ? -7.309  -5.307  5.351   1.00 35.19 ? 43  GLU A CD  1 
ATOM   322  O  OE1 . GLU A 1 44  ? -8.188  -4.445  5.095   1.00 39.14 ? 43  GLU A OE1 1 
ATOM   323  O  OE2 . GLU A 1 44  ? -6.351  -5.548  4.586   1.00 34.37 ? 43  GLU A OE2 1 
ATOM   324  N  N   . GLN A 1 45  ? -4.736  -3.610  9.212   1.00 24.44 ? 44  GLN A N   1 
ATOM   325  C  CA  . GLN A 1 45  ? -4.232  -2.469  9.989   1.00 23.08 ? 44  GLN A CA  1 
ATOM   326  C  C   . GLN A 1 45  ? -3.442  -2.815  11.237  1.00 22.13 ? 44  GLN A C   1 
ATOM   327  O  O   . GLN A 1 45  ? -3.864  -2.535  12.356  1.00 23.20 ? 44  GLN A O   1 
ATOM   328  C  CB  . GLN A 1 45  ? -5.378  -1.533  10.337  1.00 23.58 ? 44  GLN A CB  1 
ATOM   329  C  CG  . GLN A 1 45  ? -4.938  -0.209  10.913  1.00 22.15 ? 44  GLN A CG  1 
ATOM   330  C  CD  . GLN A 1 45  ? -6.134  0.612   11.289  1.00 19.66 ? 44  GLN A CD  1 
ATOM   331  O  OE1 . GLN A 1 45  ? -6.686  1.285   10.439  1.00 20.07 ? 44  GLN A OE1 1 
ATOM   332  N  NE2 . GLN A 1 45  ? -6.552  0.538   12.536  1.00 21.41 ? 44  GLN A NE2 1 
ATOM   333  N  N   . PRO A 1 46  ? -2.276  -3.426  11.079  1.00 21.35 ? 45  PRO A N   1 
ATOM   334  C  CA  . PRO A 1 46  ? -1.447  -3.755  12.230  1.00 21.33 ? 45  PRO A CA  1 
ATOM   335  C  C   . PRO A 1 46  ? -1.032  -2.514  12.983  1.00 22.16 ? 45  PRO A C   1 
ATOM   336  O  O   . PRO A 1 46  ? -0.910  -1.446  12.389  1.00 20.77 ? 45  PRO A O   1 
ATOM   337  C  CB  . PRO A 1 46  ? -0.219  -4.424  11.601  1.00 21.08 ? 45  PRO A CB  1 
ATOM   338  C  CG  . PRO A 1 46  ? -0.674  -4.850  10.269  1.00 20.68 ? 45  PRO A CG  1 
ATOM   339  C  CD  . PRO A 1 46  ? -1.665  -3.862  9.813   1.00 20.39 ? 45  PRO A CD  1 
ATOM   340  N  N   . PHE A 1 47  ? -0.824  -2.685  14.278  1.00 22.75 ? 46  PHE A N   1 
ATOM   341  C  CA  . PHE A 1 47  ? -0.235  -1.682  15.142  1.00 22.65 ? 46  PHE A CA  1 
ATOM   342  C  C   . PHE A 1 47  ? 1.253   -1.940  15.159  1.00 22.00 ? 46  PHE A C   1 
ATOM   343  O  O   . PHE A 1 47  ? 1.686   -3.054  15.477  1.00 23.30 ? 46  PHE A O   1 
ATOM   344  C  CB  . PHE A 1 47  ? -0.794  -1.839  16.556  1.00 23.49 ? 46  PHE A CB  1 
ATOM   345  C  CG  . PHE A 1 47  ? -2.167  -1.245  16.746  1.00 26.55 ? 46  PHE A CG  1 
ATOM   346  C  CD1 . PHE A 1 47  ? -2.378  0.118   16.561  1.00 28.54 ? 46  PHE A CD1 1 
ATOM   347  C  CD2 . PHE A 1 47  ? -3.242  -2.035  17.156  1.00 29.80 ? 46  PHE A CD2 1 
ATOM   348  C  CE1 . PHE A 1 47  ? -3.634  0.678   16.762  1.00 29.77 ? 46  PHE A CE1 1 
ATOM   349  C  CE2 . PHE A 1 47  ? -4.505  -1.484  17.352  1.00 28.14 ? 46  PHE A CE2 1 
ATOM   350  C  CZ  . PHE A 1 47  ? -4.704  -0.132  17.157  1.00 29.38 ? 46  PHE A CZ  1 
ATOM   351  N  N   . GLY A 1 48  ? 2.037   -0.932  14.800  1.00 20.09 ? 47  GLY A N   1 
ATOM   352  C  CA  . GLY A 1 48  ? 3.482   -0.968  14.852  1.00 18.93 ? 47  GLY A CA  1 
ATOM   353  C  C   . GLY A 1 48  ? 4.095   -1.065  13.457  1.00 18.47 ? 47  GLY A C   1 
ATOM   354  O  O   . GLY A 1 48  ? 3.590   -1.798  12.624  1.00 17.20 ? 47  GLY A O   1 
ATOM   355  N  N   . SER A 1 49  ? 5.195   -0.362  13.234  1.00 18.00 ? 48  SER A N   1 
ATOM   356  C  CA  . SER A 1 49  ? 5.868   -0.376  11.931  1.00 18.79 ? 48  SER A CA  1 
ATOM   357  C  C   . SER A 1 49  ? 6.320   -1.785  11.540  1.00 18.45 ? 48  SER A C   1 
ATOM   358  O  O   . SER A 1 49  ? 6.127   -2.246  10.432  1.00 18.04 ? 48  SER A O   1 
ATOM   359  C  CB  . SER A 1 49  ? 7.091   0.544   11.946  1.00 18.84 ? 48  SER A CB  1 
ATOM   360  O  OG  . SER A 1 49  ? 7.653   0.657   10.639  1.00 20.85 ? 48  SER A OG  1 
ATOM   361  N  N   . GLU A 1 50  ? 6.967   -2.473  12.453  1.00 18.23 ? 49  GLU A N   1 
ATOM   362  C  CA  . GLU A 1 50  ? 7.537   -3.775  12.128  1.00 18.17 ? 49  GLU A CA  1 
ATOM   363  C  C   . GLU A 1 50  ? 6.453   -4.783  11.763  1.00 16.78 ? 49  GLU A C   1 
ATOM   364  O  O   . GLU A 1 50  ? 6.600   -5.576  10.836  1.00 16.44 ? 49  GLU A O   1 
ATOM   365  C  CB  . GLU A 1 50  ? 8.381   -4.272  13.315  1.00 18.87 ? 49  GLU A CB  1 
ATOM   366  C  CG  . GLU A 1 50  ? 9.601   -3.389  13.576  1.00 22.93 ? 49  GLU A CG  1 
ATOM   367  C  CD  . GLU A 1 50  ? 9.380   -2.268  14.607  1.00 28.40 ? 49  GLU A CD  1 
ATOM   368  O  OE1 . GLU A 1 50  ? 8.276   -1.658  14.683  1.00 31.02 ? 49  GLU A OE1 1 
ATOM   369  O  OE2 . GLU A 1 50  ? 10.337  -1.982  15.364  1.00 32.60 ? 49  GLU A OE2 1 
ATOM   370  N  N   . GLU A 1 51  ? 5.349   -4.715  12.486  1.00 15.88 ? 50  GLU A N   1 
ATOM   371  C  CA  . GLU A 1 51  ? 4.192   -5.585  12.272  1.00 15.67 ? 50  GLU A CA  1 
ATOM   372  C  C   . GLU A 1 51  ? 3.514   -5.331  10.941  1.00 14.53 ? 50  GLU A C   1 
ATOM   373  O  O   . GLU A 1 51  ? 3.004   -6.238  10.284  1.00 14.07 ? 50  GLU A O   1 
ATOM   374  C  CB  . GLU A 1 51  ? 3.153   -5.325  13.364  1.00 15.89 ? 50  GLU A CB  1 
ATOM   375  C  CG  . GLU A 1 51  ? 3.555   -5.883  14.721  1.00 19.43 ? 50  GLU A CG  1 
ATOM   376  C  CD  . GLU A 1 51  ? 4.502   -4.997  15.544  1.00 22.05 ? 50  GLU A CD  1 
ATOM   377  O  OE1 . GLU A 1 51  ? 5.023   -3.954  15.084  1.00 19.30 ? 50  GLU A OE1 1 
ATOM   378  O  OE2 . GLU A 1 51  ? 4.723   -5.344  16.725  1.00 25.91 ? 50  GLU A OE2 1 
ATOM   379  N  N   . THR A 1 52  ? 3.427   -4.057  10.598  1.00 13.61 ? 51  THR A N   1 
ATOM   380  C  CA  . THR A 1 52  ? 2.871   -3.645  9.320   1.00 12.89 ? 51  THR A CA  1 
ATOM   381  C  C   . THR A 1 52  ? 3.710   -4.182  8.173   1.00 12.16 ? 51  THR A C   1 
ATOM   382  O  O   . THR A 1 52  ? 3.170   -4.715  7.205   1.00 13.44 ? 51  THR A O   1 
ATOM   383  C  CB  . THR A 1 52  ? 2.796   -2.116  9.289   1.00 13.74 ? 51  THR A CB  1 
ATOM   384  O  OG1 . THR A 1 52  ? 1.895   -1.666  10.304  1.00 13.71 ? 51  THR A OG1 1 
ATOM   385  C  CG2 . THR A 1 52  ? 2.173   -1.598  8.004   1.00 13.16 ? 51  THR A CG2 1 
ATOM   386  N  N   . ARG A 1 53  ? 5.020   -4.013  8.270   1.00 12.69 ? 52  ARG A N   1 
ATOM   387  C  CA  . ARG A 1 53  ? 5.927   -4.539  7.257   1.00 13.42 ? 52  ARG A CA  1 
ATOM   388  C  C   . ARG A 1 53  ? 5.813   -6.055  7.154   1.00 13.06 ? 52  ARG A C   1 
ATOM   389  O  O   . ARG A 1 53  ? 5.825   -6.609  6.056   1.00 12.86 ? 52  ARG A O   1 
ATOM   390  C  CB  . ARG A 1 53  ? 7.373   -4.129  7.533   1.00 13.90 ? 52  ARG A CB  1 
ATOM   391  C  CG  . ARG A 1 53  ? 8.359   -4.674  6.534   1.00 14.06 ? 52  ARG A CG  1 
ATOM   392  C  CD  . ARG A 1 53  ? 9.771   -4.218  6.776   1.00 16.08 ? 52  ARG A CD  1 
ATOM   393  N  NE  . ARG A 1 53  ? 10.238  -4.720  8.074   1.00 17.78 ? 52  ARG A NE  1 
ATOM   394  C  CZ  . ARG A 1 53  ? 11.253  -4.219  8.752   1.00 20.12 ? 52  ARG A CZ  1 
ATOM   395  N  NH1 . ARG A 1 53  ? 11.981  -3.222  8.266   1.00 22.34 ? 52  ARG A NH1 1 
ATOM   396  N  NH2 . ARG A 1 53  ? 11.547  -4.721  9.937   1.00 22.70 ? 52  ARG A NH2 1 
ATOM   397  N  N   . ALA A 1 54  ? 5.672   -6.727  8.291   1.00 13.84 ? 53  ALA A N   1 
ATOM   398  C  CA  . ALA A 1 54  ? 5.492   -8.181  8.322   1.00 13.66 ? 53  ALA A CA  1 
ATOM   399  C  C   . ALA A 1 54  ? 4.242   -8.580  7.552   1.00 13.25 ? 53  ALA A C   1 
ATOM   400  O  O   . ALA A 1 54  ? 4.281   -9.527  6.777   1.00 14.63 ? 53  ALA A O   1 
ATOM   401  C  CB  . ALA A 1 54  ? 5.444   -8.678  9.783   1.00 13.72 ? 53  ALA A CB  1 
ATOM   402  N  N   . GLY A 1 55  ? 3.145   -7.834  7.705   1.00 13.09 ? 54  GLY A N   1 
ATOM   403  C  CA  . GLY A 1 55  ? 1.941   -8.046  6.915   1.00 12.90 ? 54  GLY A CA  1 
ATOM   404  C  C   . GLY A 1 55  ? 2.138   -7.935  5.409   1.00 12.62 ? 54  GLY A C   1 
ATOM   405  O  O   . GLY A 1 55  ? 1.686   -8.781  4.644   1.00 12.57 ? 54  GLY A O   1 
ATOM   406  N  N   . ALA A 1 56  ? 2.865   -6.910  5.002   1.00 12.79 ? 55  ALA A N   1 
ATOM   407  C  CA  . ALA A 1 56  ? 3.143   -6.681  3.593   1.00 12.41 ? 55  ALA A CA  1 
ATOM   408  C  C   . ALA A 1 56  ? 4.010   -7.846  3.053   1.00 12.20 ? 55  ALA A C   1 
ATOM   409  O  O   . ALA A 1 56  ? 3.765   -8.346  1.955   1.00 12.07 ? 55  ALA A O   1 
ATOM   410  C  CB  . ALA A 1 56  ? 3.860   -5.369  3.416   1.00 12.85 ? 55  ALA A CB  1 
ATOM   411  N  N   . ARG A 1 57  ? 5.025   -8.248  3.823   1.00 12.71 ? 56  ARG A N   1 
ATOM   412  C  CA  . ARG A 1 57  ? 5.915   -9.361  3.423   1.00 13.02 ? 56  ARG A CA  1 
ATOM   413  C  C   . ARG A 1 57  ? 5.124   -10.654 3.292   1.00 13.75 ? 56  ARG A C   1 
ATOM   414  O  O   . ARG A 1 57  ? 5.288   -11.396 2.332   1.00 12.59 ? 56  ARG A O   1 
ATOM   415  C  CB  . ARG A 1 57  ? 7.051   -9.553  4.434   1.00 12.21 ? 56  ARG A CB  1 
ATOM   416  C  CG  . ARG A 1 57  ? 8.080   -8.445  4.438   1.00 12.60 ? 56  ARG A CG  1 
ATOM   417  C  CD  . ARG A 1 57  ? 9.022   -8.539  5.603   1.00 13.11 ? 56  ARG A CD  1 
ATOM   418  N  NE  . ARG A 1 57  ? 10.190  -7.682  5.416   1.00 14.61 ? 56  ARG A NE  1 
ATOM   419  C  CZ  . ARG A 1 57  ? 11.134  -7.528  6.331   1.00 18.20 ? 56  ARG A CZ  1 
ATOM   420  N  NH1 . ARG A 1 57  ? 11.037  -8.138  7.500   1.00 17.42 ? 56  ARG A NH1 1 
ATOM   421  N  NH2 . ARG A 1 57  ? 12.176  -6.761  6.101   1.00 18.91 ? 56  ARG A NH2 1 
ATOM   422  N  N   . ASN A 1 58  ? 4.228   -10.902 4.249   1.00 14.15 ? 57  ASN A N   1 
ATOM   423  C  CA  . ASN A 1 58  ? 3.356   -12.068 4.173   1.00 14.94 ? 57  ASN A CA  1 
ATOM   424  C  C   . ASN A 1 58  ? 2.480   -12.065 2.934   1.00 14.04 ? 57  ASN A C   1 
ATOM   425  O  O   . ASN A 1 58  ? 2.328   -13.091 2.284   1.00 13.84 ? 57  ASN A O   1 
ATOM   426  C  CB  . ASN A 1 58  ? 2.431   -12.151 5.400   1.00 15.11 ? 57  ASN A CB  1 
ATOM   427  C  CG  . ASN A 1 58  ? 3.147   -12.549 6.652   1.00 16.93 ? 57  ASN A CG  1 
ATOM   428  O  OD1 . ASN A 1 58  ? 4.279   -13.015 6.608   1.00 17.04 ? 57  ASN A OD1 1 
ATOM   429  N  ND2 . ASN A 1 58  ? 2.475   -12.370 7.803   1.00 18.34 ? 57  ASN A ND2 1 
ATOM   430  N  N   . ARG A 1 59  ? 1.896   -10.907 2.596   1.00 13.94 ? 58  ARG A N   1 
ATOM   431  C  CA  . ARG A 1 59  ? 1.071   -10.788 1.401   1.00 14.66 ? 58  ARG A CA  1 
ATOM   432  C  C   . ARG A 1 59  ? 1.847   -11.085 0.139   1.00 13.69 ? 58  ARG A C   1 
ATOM   433  O  O   . ARG A 1 59  ? 1.333   -11.715 -0.750  1.00 13.92 ? 58  ARG A O   1 
ATOM   434  C  CB  . ARG A 1 59  ? 0.442   -9.387  1.294   1.00 15.69 ? 58  ARG A CB  1 
ATOM   435  C  CG  . ARG A 1 59  ? -0.874  -9.302  1.976   1.00 20.23 ? 58  ARG A CG  1 
ATOM   436  C  CD  . ARG A 1 59  ? -1.666  -8.035  1.675   1.00 24.30 ? 58  ARG A CD  1 
ATOM   437  N  NE  . ARG A 1 59  ? -2.302  -7.536  2.885   1.00 26.47 ? 58  ARG A NE  1 
ATOM   438  C  CZ  . ARG A 1 59  ? -3.552  -7.809  3.272   1.00 29.33 ? 58  ARG A CZ  1 
ATOM   439  N  NH1 . ARG A 1 59  ? -4.353  -8.607  2.568   1.00 28.62 ? 58  ARG A NH1 1 
ATOM   440  N  NH2 . ARG A 1 59  ? -4.006  -7.292  4.401   1.00 31.87 ? 58  ARG A NH2 1 
ATOM   441  N  N   . VAL A 1 60  ? 3.071   -10.580 0.048   1.00 13.16 ? 59  VAL A N   1 
ATOM   442  C  CA  . VAL A 1 60  ? 3.914   -10.831 -1.109  1.00 13.22 ? 59  VAL A CA  1 
ATOM   443  C  C   . VAL A 1 60  ? 4.209   -12.333 -1.233  1.00 13.60 ? 59  VAL A C   1 
ATOM   444  O  O   . VAL A 1 60  ? 4.133   -12.894 -2.311  1.00 13.96 ? 59  VAL A O   1 
ATOM   445  C  CB  . VAL A 1 60  ? 5.206   -10.029 -1.017  1.00 13.05 ? 59  VAL A CB  1 
ATOM   446  C  CG1 . VAL A 1 60  ? 6.220   -10.488 -2.037  1.00 15.04 ? 59  VAL A CG1 1 
ATOM   447  C  CG2 . VAL A 1 60  ? 4.904   -8.560  -1.226  1.00 14.73 ? 59  VAL A CG2 1 
ATOM   448  N  N   . ASP A 1 61  ? 4.550   -12.972 -0.119  1.00 13.49 ? 60  ASP A N   1 
ATOM   449  C  CA  . ASP A 1 61  ? 4.874   -14.404 -0.126  1.00 14.02 ? 60  ASP A CA  1 
ATOM   450  C  C   . ASP A 1 61  ? 3.669   -15.201 -0.599  1.00 12.90 ? 60  ASP A C   1 
ATOM   451  O  O   . ASP A 1 61  ? 3.807   -16.125 -1.402  1.00 13.57 ? 60  ASP A O   1 
ATOM   452  C  CB  . ASP A 1 61  ? 5.300   -14.864 1.273   1.00 13.92 ? 60  ASP A CB  1 
ATOM   453  C  CG  . ASP A 1 61  ? 6.684   -14.335 1.710   1.00 18.14 ? 60  ASP A CG  1 
ATOM   454  O  OD1 . ASP A 1 61  ? 7.497   -13.927 0.862   1.00 22.60 ? 60  ASP A OD1 1 
ATOM   455  O  OD2 . ASP A 1 61  ? 7.053   -14.305 2.924   1.00 21.88 ? 60  ASP A OD2 1 
ATOM   456  N  N   . ASN A 1 62  ? 2.483   -14.828 -0.134  1.00 12.43 ? 61  ASN A N   1 
ATOM   457  C  CA  . ASN A 1 62  ? 1.257   -15.549 -0.494  1.00 12.08 ? 61  ASN A CA  1 
ATOM   458  C  C   . ASN A 1 62  ? 0.880   -15.287 -1.953  1.00 11.81 ? 61  ASN A C   1 
ATOM   459  O  O   . ASN A 1 62  ? 0.445   -16.158 -2.689  1.00 11.06 ? 61  ASN A O   1 
ATOM   460  C  CB  . ASN A 1 62  ? 0.134   -15.177 0.473   1.00 12.48 ? 61  ASN A CB  1 
ATOM   461  C  CG  . ASN A 1 62  ? 0.434   -15.614 1.927   1.00 12.67 ? 61  ASN A CG  1 
ATOM   462  O  OD1 . ASN A 1 62  ? 1.356   -16.382 2.177   1.00 16.86 ? 61  ASN A OD1 1 
ATOM   463  N  ND2 . ASN A 1 62  ? -0.325  -15.088 2.872   1.00 15.37 ? 61  ASN A ND2 1 
ATOM   464  N  N   . ALA A 1 63  ? 1.114   -14.057 -2.411  1.00 11.84 ? 62  ALA A N   1 
ATOM   465  C  CA  . ALA A 1 63  ? 0.872   -13.743 -3.807  1.00 11.57 ? 62  ALA A CA  1 
ATOM   466  C  C   . ALA A 1 63  ? 1.773   -14.580 -4.724  1.00 12.55 ? 62  ALA A C   1 
ATOM   467  O  O   . ALA A 1 63  ? 1.356   -14.969 -5.800  1.00 12.37 ? 62  ALA A O   1 
ATOM   468  C  CB  . ALA A 1 63  ? 1.135   -12.275 -4.047  1.00 12.18 ? 62  ALA A CB  1 
ATOM   469  N  N   . ARG A 1 64  ? 3.019   -14.767 -4.298  1.00 13.34 ? 63  ARG A N   1 
ATOM   470  C  CA  . ARG A 1 64  ? 3.996   -15.571 -5.033  1.00 14.28 ? 63  ARG A CA  1 
ATOM   471  C  C   . ARG A 1 64  ? 3.543   -17.024 -5.083  1.00 14.38 ? 63  ARG A C   1 
ATOM   472  O  O   . ARG A 1 64  ? 3.633   -17.661 -6.131  1.00 13.39 ? 63  ARG A O   1 
ATOM   473  C  CB  . ARG A 1 64  ? 5.366   -15.552 -4.366  1.00 16.48 ? 63  ARG A CB  1 
ATOM   474  C  CG  . ARG A 1 64  ? 6.189   -14.311 -4.377  1.00 20.90 ? 63  ARG A CG  1 
ATOM   475  C  CD  . ARG A 1 64  ? 7.714   -14.646 -4.341  1.00 28.11 ? 63  ARG A CD  1 
ATOM   476  N  NE  . ARG A 1 64  ? 8.158   -15.335 -5.568  1.00 30.75 ? 63  ARG A NE  1 
ATOM   477  C  CZ  . ARG A 1 64  ? 9.178   -16.196 -5.677  1.00 32.80 ? 63  ARG A CZ  1 
ATOM   478  N  NH1 . ARG A 1 64  ? 9.925   -16.542 -4.638  1.00 35.13 ? 63  ARG A NH1 1 
ATOM   479  N  NH2 . ARG A 1 64  ? 9.460   -16.724 -6.861  1.00 36.59 ? 63  ARG A NH2 1 
ATOM   480  N  N   . ARG A 1 65  ? 3.038   -17.540 -3.971  1.00 14.74 ? 64  ARG A N   1 
ATOM   481  C  CA  . ARG A 1 65  ? 2.520   -18.914 -3.939  1.00 15.64 ? 64  ARG A CA  1 
ATOM   482  C  C   . ARG A 1 65  ? 1.335   -19.097 -4.912  1.00 15.56 ? 64  ARG A C   1 
ATOM   483  O  O   . ARG A 1 65  ? 1.238   -20.098 -5.616  1.00 16.75 ? 64  ARG A O   1 
ATOM   484  C  CB  . ARG A 1 65  ? 2.147   -19.336 -2.516  1.00 16.14 ? 64  ARG A CB  1 
ATOM   485  C  CG  . ARG A 1 65  ? 3.366   -19.595 -1.591  1.00 20.07 ? 64  ARG A CG  1 
ATOM   486  C  CD  . ARG A 1 65  ? 3.084   -20.393 -0.243  1.00 21.73 ? 64  ARG A CD  1 
ATOM   487  N  NE  . ARG A 1 65  ? 4.135   -20.074 0.734   1.00 23.51 ? 64  ARG A NE  1 
ATOM   488  C  CZ  . ARG A 1 65  ? 4.135   -19.037 1.607   1.00 27.91 ? 64  ARG A CZ  1 
ATOM   489  N  NH1 . ARG A 1 65  ? 3.119   -18.195 1.718   1.00 26.74 ? 64  ARG A NH1 1 
ATOM   490  N  NH2 . ARG A 1 65  ? 5.172   -18.852 2.419   1.00 29.77 ? 64  ARG A NH2 1 
ATOM   491  N  N   . LEU A 1 66  ? 0.475   -18.084 -5.000  1.00 16.45 ? 65  LEU A N   1 
ATOM   492  C  CA  . LEU A 1 66  ? -0.690  -18.104 -5.875  1.00 16.96 ? 65  LEU A CA  1 
ATOM   493  C  C   . LEU A 1 66  ? -0.363  -17.944 -7.359  1.00 17.17 ? 65  LEU A C   1 
ATOM   494  O  O   . LEU A 1 66  ? -0.961  -18.628 -8.212  1.00 16.75 ? 65  LEU A O   1 
ATOM   495  C  CB  . LEU A 1 66  ? -1.639  -16.987 -5.432  1.00 18.19 ? 65  LEU A CB  1 
ATOM   496  C  CG  . LEU A 1 66  ? -3.071  -17.003 -5.894  1.00 21.25 ? 65  LEU A CG  1 
ATOM   497  C  CD1 . LEU A 1 66  ? -3.775  -18.310 -5.497  1.00 23.36 ? 65  LEU A CD1 1 
ATOM   498  C  CD2 . LEU A 1 66  ? -3.752  -15.778 -5.268  1.00 23.82 ? 65  LEU A CD2 1 
ATOM   499  N  N   . HIS A 1 67  ? 0.632   -17.095 -7.660  1.00 16.53 ? 66  HIS A N   1 
ATOM   500  C  CA  . HIS A 1 67  ? 1.021   -16.703 -9.015  1.00 16.77 ? 66  HIS A CA  1 
ATOM   501  C  C   . HIS A 1 67  ? 2.542   -16.842 -9.143  1.00 15.83 ? 66  HIS A C   1 
ATOM   502  O  O   . HIS A 1 67  ? 3.275   -15.857 -9.281  1.00 15.27 ? 66  HIS A O   1 
ATOM   503  C  CB  . HIS A 1 67  ? 0.602   -15.249 -9.326  1.00 17.22 ? 66  HIS A CB  1 
ATOM   504  C  CG  . HIS A 1 67  ? -0.839  -15.107 -9.671  1.00 21.64 ? 66  HIS A CG  1 
ATOM   505  N  ND1 . HIS A 1 67  ? -1.802  -14.829 -8.727  1.00 23.95 ? 66  HIS A ND1 1 
ATOM   506  C  CD2 . HIS A 1 67  ? -1.489  -15.250 -10.848 1.00 21.50 ? 66  HIS A CD2 1 
ATOM   507  C  CE1 . HIS A 1 67  ? -2.989  -14.811 -9.310  1.00 23.43 ? 66  HIS A CE1 1 
ATOM   508  N  NE2 . HIS A 1 67  ? -2.822  -15.048 -10.597 1.00 25.72 ? 66  HIS A NE2 1 
ATOM   509  N  N   . PRO A 1 68  ? 3.039   -18.078 -9.117  1.00 15.22 ? 67  PRO A N   1 
ATOM   510  C  CA  . PRO A 1 68  ? 4.493   -18.313 -9.116  1.00 15.28 ? 67  PRO A CA  1 
ATOM   511  C  C   . PRO A 1 68  ? 5.260   -17.921 -10.360 1.00 16.05 ? 67  PRO A C   1 
ATOM   512  O  O   . PRO A 1 68  ? 6.482   -17.769 -10.261 1.00 16.55 ? 67  PRO A O   1 
ATOM   513  C  CB  . PRO A 1 68  ? 4.609   -19.830 -8.855  1.00 15.97 ? 67  PRO A CB  1 
ATOM   514  C  CG  . PRO A 1 68  ? 3.294   -20.410 -9.160  1.00 15.62 ? 67  PRO A CG  1 
ATOM   515  C  CD  . PRO A 1 68  ? 2.272   -19.330 -8.994  1.00 15.08 ? 67  PRO A CD  1 
ATOM   516  N  N   . GLN A 1 69  ? 4.589   -17.731 -11.490 1.00 16.61 ? 68  GLN A N   1 
ATOM   517  C  CA  . GLN A 1 69  ? 5.289   -17.523 -12.765 1.00 18.60 ? 68  GLN A CA  1 
ATOM   518  C  C   . GLN A 1 69  ? 5.409   -16.050 -13.188 1.00 19.04 ? 68  GLN A C   1 
ATOM   519  O  O   . GLN A 1 69  ? 5.860   -15.729 -14.303 1.00 20.44 ? 68  GLN A O   1 
ATOM   520  C  CB  . GLN A 1 69  ? 4.631   -18.373 -13.849 1.00 19.76 ? 68  GLN A CB  1 
ATOM   521  C  CG  . GLN A 1 69  ? 4.887   -19.872 -13.644 1.00 23.94 ? 68  GLN A CG  1 
ATOM   522  C  CD  . GLN A 1 69  ? 6.392   -20.233 -13.618 1.00 29.92 ? 68  GLN A CD  1 
ATOM   523  O  OE1 . GLN A 1 69  ? 7.176   -19.745 -14.447 1.00 33.25 ? 68  GLN A OE1 1 
ATOM   524  N  NE2 . GLN A 1 69  ? 6.790   -21.087 -12.666 1.00 31.46 ? 68  GLN A NE2 1 
ATOM   525  N  N   . ALA A 1 70  ? 5.060   -15.153 -12.303 1.00 17.99 ? 69  ALA A N   1 
ATOM   526  C  CA  . ALA A 1 70  ? 5.127   -13.723 -12.636 1.00 17.29 ? 69  ALA A CA  1 
ATOM   527  C  C   . ALA A 1 70  ? 6.563   -13.167 -12.487 1.00 16.17 ? 69  ALA A C   1 
ATOM   528  O  O   . ALA A 1 70  ? 7.525   -13.905 -12.222 1.00 17.83 ? 69  ALA A O   1 
ATOM   529  C  CB  . ALA A 1 70  ? 4.121   -12.959 -11.782 1.00 17.46 ? 69  ALA A CB  1 
ATOM   530  N  N   . ASP A 1 71  ? 6.712   -11.866 -12.719 1.00 14.18 ? 70  ASP A N   1 
ATOM   531  C  CA  . ASP A 1 71  ? 7.983   -11.168 -12.666 1.00 14.46 ? 70  ASP A CA  1 
ATOM   532  C  C   . ASP A 1 71  ? 8.169   -10.387 -11.373 1.00 12.24 ? 70  ASP A C   1 
ATOM   533  O  O   . ASP A 1 71  ? 9.267   -10.373 -10.833 1.00 13.49 ? 70  ASP A O   1 
ATOM   534  C  CB  . ASP A 1 71  ? 8.120   -10.219 -13.847 1.00 14.46 ? 70  ASP A CB  1 
ATOM   535  C  CG  . ASP A 1 71  ? 8.075   -10.953 -15.148 1.00 17.08 ? 70  ASP A CG  1 
ATOM   536  O  OD1 . ASP A 1 71  ? 8.991   -11.757 -15.371 1.00 22.37 ? 70  ASP A OD1 1 
ATOM   537  O  OD2 . ASP A 1 71  ? 7.150   -10.844 -15.966 1.00 17.00 ? 70  ASP A OD2 1 
ATOM   538  N  N   . PHE A 1 72  ? 7.112   -9.745  -10.885 1.00 12.65 ? 71  PHE A N   1 
ATOM   539  C  CA  . PHE A 1 72  ? 7.134   -9.001  -9.614  1.00 11.58 ? 71  PHE A CA  1 
ATOM   540  C  C   . PHE A 1 72  ? 5.869   -9.298  -8.818  1.00 10.84 ? 71  PHE A C   1 
ATOM   541  O  O   . PHE A 1 72  ? 4.798   -9.530  -9.397  1.00 10.19 ? 71  PHE A O   1 
ATOM   542  C  CB  . PHE A 1 72  ? 7.167   -7.467  -9.830  1.00 11.85 ? 71  PHE A CB  1 
ATOM   543  C  CG  . PHE A 1 72  ? 8.376   -6.945  -10.560 1.00 11.13 ? 71  PHE A CG  1 
ATOM   544  C  CD1 . PHE A 1 72  ? 9.482   -6.514  -9.853  1.00 11.19 ? 71  PHE A CD1 1 
ATOM   545  C  CD2 . PHE A 1 72  ? 8.385   -6.821  -11.961 1.00 12.18 ? 71  PHE A CD2 1 
ATOM   546  C  CE1 . PHE A 1 72  ? 10.597  -6.017  -10.500 1.00 13.55 ? 71  PHE A CE1 1 
ATOM   547  C  CE2 . PHE A 1 72  ? 9.495   -6.339  -12.610 1.00 13.30 ? 71  PHE A CE2 1 
ATOM   548  C  CZ  . PHE A 1 72  ? 10.616  -5.927  -11.871 1.00 14.98 ? 71  PHE A CZ  1 
ATOM   549  N  N   . TRP A 1 73  ? 6.003   -9.236  -7.495  1.00 9.89  ? 72  TRP A N   1 
ATOM   550  C  CA  . TRP A 1 73  ? 4.885   -9.353  -6.538  1.00 9.43  ? 72  TRP A CA  1 
ATOM   551  C  C   . TRP A 1 73  ? 5.021   -8.154  -5.606  1.00 9.87  ? 72  TRP A C   1 
ATOM   552  O  O   . TRP A 1 73  ? 6.124   -7.864  -5.101  1.00 11.41 ? 72  TRP A O   1 
ATOM   553  C  CB  . TRP A 1 73  ? 4.930   -10.667 -5.776  1.00 10.22 ? 72  TRP A CB  1 
ATOM   554  C  CG  . TRP A 1 73  ? 4.875   -11.885 -6.683  1.00 9.12  ? 72  TRP A CG  1 
ATOM   555  C  CD1 . TRP A 1 73  ? 3.785   -12.573 -7.026  1.00 9.99  ? 72  TRP A CD1 1 
ATOM   556  C  CD2 . TRP A 1 73  ? 5.966   -12.489 -7.382  1.00 8.74  ? 72  TRP A CD2 1 
ATOM   557  N  NE1 . TRP A 1 73  ? 4.106   -13.613 -7.869  1.00 11.70 ? 72  TRP A NE1 1 
ATOM   558  C  CE2 . TRP A 1 73  ? 5.449   -13.569 -8.124  1.00 10.81 ? 72  TRP A CE2 1 
ATOM   559  C  CE3 . TRP A 1 73  ? 7.341   -12.246 -7.436  1.00 10.53 ? 72  TRP A CE3 1 
ATOM   560  C  CZ2 . TRP A 1 73  ? 6.248   -14.386 -8.917  1.00 10.92 ? 72  TRP A CZ2 1 
ATOM   561  C  CZ3 . TRP A 1 73  ? 8.122   -13.051 -8.221  1.00 12.50 ? 72  TRP A CZ3 1 
ATOM   562  C  CH2 . TRP A 1 73  ? 7.586   -14.101 -8.951  1.00 12.78 ? 72  TRP A CH2 1 
ATOM   563  N  N   . VAL A 1 74  ? 3.911   -7.446  -5.407  1.00 9.91  ? 73  VAL A N   1 
ATOM   564  C  CA  . VAL A 1 74  ? 3.893   -6.167  -4.705  1.00 11.01 ? 73  VAL A CA  1 
ATOM   565  C  C   . VAL A 1 74  ? 2.769   -6.097  -3.693  1.00 10.40 ? 73  VAL A C   1 
ATOM   566  O  O   . VAL A 1 74  ? 1.625   -6.423  -3.990  1.00 9.95  ? 73  VAL A O   1 
ATOM   567  C  CB  . VAL A 1 74  ? 3.698   -4.968  -5.676  1.00 12.39 ? 73  VAL A CB  1 
ATOM   568  C  CG1 . VAL A 1 74  ? 3.760   -3.624  -4.907  1.00 13.48 ? 73  VAL A CG1 1 
ATOM   569  C  CG2 . VAL A 1 74  ? 4.710   -5.002  -6.765  1.00 14.37 ? 73  VAL A CG2 1 
ATOM   570  N  N   . ALA A 1 75  ? 3.094   -5.657  -2.490  1.00 9.41  ? 74  ALA A N   1 
ATOM   571  C  CA  . ALA A 1 75  ? 2.053   -5.346  -1.508  1.00 10.12 ? 74  ALA A CA  1 
ATOM   572  C  C   . ALA A 1 75  ? 2.243   -3.966  -0.924  1.00 10.83 ? 74  ALA A C   1 
ATOM   573  O  O   . ALA A 1 75  ? 3.356   -3.476  -0.796  1.00 10.86 ? 74  ALA A O   1 
ATOM   574  C  CB  . ALA A 1 75  ? 2.023   -6.377  -0.411  1.00 11.03 ? 74  ALA A CB  1 
ATOM   575  N  N   . ILE A 1 76  ? 1.120   -3.349  -0.555  1.00 10.96 ? 75  ILE A N   1 
ATOM   576  C  CA  . ILE A 1 76  ? 1.122   -2.093  0.182   1.00 11.02 ? 75  ILE A CA  1 
ATOM   577  C  C   . ILE A 1 76  ? 0.204   -2.265  1.386   1.00 11.00 ? 75  ILE A C   1 
ATOM   578  O  O   . ILE A 1 76  ? -1.012  -2.451  1.208   1.00 12.34 ? 75  ILE A O   1 
ATOM   579  C  CB  . ILE A 1 76  ? 0.626   -0.926  -0.683  1.00 11.38 ? 75  ILE A CB  1 
ATOM   580  C  CG1 . ILE A 1 76  ? 1.493   -0.791  -1.944  1.00 11.31 ? 75  ILE A CG1 1 
ATOM   581  C  CG2 . ILE A 1 76  ? 0.682   0.332   0.149   1.00 12.94 ? 75  ILE A CG2 1 
ATOM   582  C  CD1 . ILE A 1 76  ? 0.994   0.291   -2.923  1.00 13.00 ? 75  ILE A CD1 1 
ATOM   583  N  N   . GLU A 1 77  ? 0.788   -2.288  2.589   1.00 9.77  ? 76  GLU A N   1 
ATOM   584  C  CA  . GLU A 1 77  ? 0.032   -2.571  3.815   1.00 11.19 ? 76  GLU A CA  1 
ATOM   585  C  C   . GLU A 1 77  ? 0.026   -1.323  4.690   1.00 11.98 ? 76  GLU A C   1 
ATOM   586  O  O   . GLU A 1 77  ? 1.097   -0.819  5.091   1.00 9.97  ? 76  GLU A O   1 
ATOM   587  C  CB  . GLU A 1 77  ? 0.680   -3.740  4.574   1.00 12.00 ? 76  GLU A CB  1 
ATOM   588  C  CG  . GLU A 1 77  ? -0.105  -4.325  5.749   1.00 15.49 ? 76  GLU A CG  1 
ATOM   589  C  CD  . GLU A 1 77  ? -1.306  -5.136  5.296   1.00 18.65 ? 76  GLU A CD  1 
ATOM   590  O  OE1 . GLU A 1 77  ? -1.342  -5.538  4.096   1.00 24.31 ? 76  GLU A OE1 1 
ATOM   591  O  OE2 . GLU A 1 77  ? -2.232  -5.311  6.110   1.00 22.91 ? 76  GLU A OE2 1 
ATOM   592  N  N   . ALA A 1 78  ? -1.182  -0.891  5.063   1.00 11.96 ? 77  ALA A N   1 
ATOM   593  C  CA  . ALA A 1 78  ? -1.377  0.250   5.942   1.00 13.14 ? 77  ALA A CA  1 
ATOM   594  C  C   . ALA A 1 78  ? -1.347  -0.194  7.392   1.00 13.89 ? 77  ALA A C   1 
ATOM   595  O  O   . ALA A 1 78  ? -1.831  -1.280  7.718   1.00 14.60 ? 77  ALA A O   1 
ATOM   596  C  CB  . ALA A 1 78  ? -2.722  0.898   5.620   1.00 14.59 ? 77  ALA A CB  1 
ATOM   597  N  N   . GLY A 1 79  ? -0.712  0.598   8.242   1.00 14.22 ? 78  GLY A N   1 
ATOM   598  C  CA  . GLY A 1 79  ? -0.732  0.383   9.676   1.00 15.26 ? 78  GLY A CA  1 
ATOM   599  C  C   . GLY A 1 79  ? -0.735  1.671   10.462  1.00 15.73 ? 78  GLY A C   1 
ATOM   600  O  O   . GLY A 1 79  ? -0.811  2.760   9.887   1.00 14.94 ? 78  GLY A O   1 
ATOM   601  N  N   . ILE A 1 80  ? -0.685  1.522   11.783  1.00 17.40 ? 79  ILE A N   1 
ATOM   602  C  CA  . ILE A 1 80  ? -0.677  2.658   12.721  1.00 19.23 ? 79  ILE A CA  1 
ATOM   603  C  C   . ILE A 1 80  ? 0.541   2.574   13.608  1.00 21.57 ? 79  ILE A C   1 
ATOM   604  O  O   . ILE A 1 80  ? 0.902   1.497   14.036  1.00 21.22 ? 79  ILE A O   1 
ATOM   605  C  CB  . ILE A 1 80  ? -1.932  2.614   13.619  1.00 19.18 ? 79  ILE A CB  1 
ATOM   606  C  CG1 . ILE A 1 80  ? -3.200  2.602   12.782  1.00 19.73 ? 79  ILE A CG1 1 
ATOM   607  C  CG2 . ILE A 1 80  ? -1.925  3.764   14.661  1.00 20.75 ? 79  ILE A CG2 1 
ATOM   608  C  CD1 . ILE A 1 80  ? -3.518  3.844   12.091  1.00 20.87 ? 79  ILE A CD1 1 
ATOM   609  N  N   . ASP A 1 81  ? 1.167   3.715   13.902  1.00 23.87 ? 80  ASP A N   1 
ATOM   610  C  CA  . ASP A 1 81  ? 2.307   3.770   14.829  1.00 26.39 ? 80  ASP A CA  1 
ATOM   611  C  C   . ASP A 1 81  ? 2.725   5.230   15.079  1.00 27.70 ? 80  ASP A C   1 
ATOM   612  O  O   . ASP A 1 81  ? 2.583   6.072   14.225  1.00 26.77 ? 80  ASP A O   1 
ATOM   613  C  CB  . ASP A 1 81  ? 3.480   2.936   14.271  1.00 26.36 ? 80  ASP A CB  1 
ATOM   614  C  CG  . ASP A 1 81  ? 4.375   2.329   15.360  1.00 29.56 ? 80  ASP A CG  1 
ATOM   615  O  OD1 . ASP A 1 81  ? 3.982   2.313   16.572  1.00 32.44 ? 80  ASP A OD1 1 
ATOM   616  O  OD2 . ASP A 1 81  ? 5.508   1.833   15.078  1.00 31.15 ? 80  ASP A OD2 1 
ATOM   617  N  N   . ASP A 1 82  ? 3.189   5.529   16.302  1.00 30.70 ? 81  ASP A N   1 
ATOM   618  C  CA  . ASP A 1 82  ? 3.452   6.922   16.734  1.00 31.13 ? 81  ASP A CA  1 
ATOM   619  C  C   . ASP A 1 82  ? 2.362   7.954   16.337  1.00 29.55 ? 81  ASP A C   1 
ATOM   620  O  O   . ASP A 1 82  ? 2.655   9.073   15.844  1.00 29.04 ? 81  ASP A O   1 
ATOM   621  C  CB  . ASP A 1 82  ? 4.841   7.363   16.246  1.00 32.90 ? 81  ASP A CB  1 
ATOM   622  C  CG  . ASP A 1 82  ? 5.964   6.817   17.128  1.00 37.60 ? 81  ASP A CG  1 
ATOM   623  O  OD1 . ASP A 1 82  ? 5.899   5.618   17.499  1.00 44.09 ? 81  ASP A OD1 1 
ATOM   624  O  OD2 . ASP A 1 82  ? 6.936   7.516   17.518  1.00 43.59 ? 81  ASP A OD2 1 
ATOM   625  N  N   . ASP A 1 83  ? 1.113   7.560   16.560  1.00 26.96 ? 82  ASP A N   1 
ATOM   626  C  CA  . ASP A 1 83  ? -0.047  8.423   16.391  1.00 26.03 ? 82  ASP A CA  1 
ATOM   627  C  C   . ASP A 1 83  ? -0.179  8.887   14.940  1.00 22.97 ? 82  ASP A C   1 
ATOM   628  O  O   . ASP A 1 83  ? -0.572  10.025  14.668  1.00 22.39 ? 82  ASP A O   1 
ATOM   629  C  CB  . ASP A 1 83  ? 0.022   9.574   17.394  1.00 26.76 ? 82  ASP A CB  1 
ATOM   630  C  CG  . ASP A 1 83  ? 0.097   9.058   18.855  1.00 29.77 ? 82  ASP A CG  1 
ATOM   631  O  OD1 . ASP A 1 83  ? 0.351   7.850   19.031  1.00 33.90 ? 82  ASP A OD1 1 
ATOM   632  O  OD2 . ASP A 1 83  ? -0.065  9.765   19.877  1.00 36.12 ? 82  ASP A OD2 1 
ATOM   633  N  N   . ALA A 1 84  ? 0.197   7.987   14.028  1.00 20.00 ? 83  ALA A N   1 
ATOM   634  C  CA  . ALA A 1 84  ? 0.108   8.251   12.598  1.00 18.38 ? 83  ALA A CA  1 
ATOM   635  C  C   . ALA A 1 84  ? -0.284  7.003   11.812  1.00 16.18 ? 83  ALA A C   1 
ATOM   636  O  O   . ALA A 1 84  ? -0.119  5.874   12.261  1.00 17.09 ? 83  ALA A O   1 
ATOM   637  C  CB  . ALA A 1 84  ? 1.442   8.798   12.056  1.00 17.66 ? 83  ALA A CB  1 
ATOM   638  N  N   . THR A 1 85  ? -0.809  7.242   10.633  1.00 15.33 ? 84  THR A N   1 
ATOM   639  C  CA  . THR A 1 85  ? -1.048  6.186   9.658   1.00 14.74 ? 84  THR A CA  1 
ATOM   640  C  C   . THR A 1 85  ? 0.046   6.269   8.565   1.00 13.57 ? 84  THR A C   1 
ATOM   641  O  O   . THR A 1 85  ? 0.544   7.342   8.257   1.00 12.01 ? 84  THR A O   1 
ATOM   642  C  CB  . THR A 1 85  ? -2.480  6.286   9.061   1.00 16.27 ? 84  THR A CB  1 
ATOM   643  O  OG1 . THR A 1 85  ? -2.648  5.308   8.020   1.00 20.03 ? 84  THR A OG1 1 
ATOM   644  C  CG2 . THR A 1 85  ? -2.735  7.560   8.374   1.00 16.05 ? 84  THR A CG2 1 
ATOM   645  N  N   . PHE A 1 86  ? 0.405   5.121   8.002   1.00 12.74 ? 85  PHE A N   1 
ATOM   646  C  CA  . PHE A 1 86  ? 1.462   5.008   6.978   1.00 11.98 ? 85  PHE A CA  1 
ATOM   647  C  C   . PHE A 1 86  ? 1.301   3.633   6.374   1.00 12.58 ? 85  PHE A C   1 
ATOM   648  O  O   . PHE A 1 86  ? 0.528   2.832   6.865   1.00 12.80 ? 85  PHE A O   1 
ATOM   649  C  CB  . PHE A 1 86  ? 2.875   5.092   7.576   1.00 12.29 ? 85  PHE A CB  1 
ATOM   650  C  CG  . PHE A 1 86  ? 3.101   4.062   8.632   1.00 15.37 ? 85  PHE A CG  1 
ATOM   651  C  CD1 . PHE A 1 86  ? 3.603   2.815   8.317   1.00 20.28 ? 85  PHE A CD1 1 
ATOM   652  C  CD2 . PHE A 1 86  ? 2.732   4.328   9.961   1.00 18.79 ? 85  PHE A CD2 1 
ATOM   653  C  CE1 . PHE A 1 86  ? 3.722   1.820   9.309   1.00 21.35 ? 85  PHE A CE1 1 
ATOM   654  C  CE2 . PHE A 1 86  ? 2.870   3.388   10.909  1.00 22.27 ? 85  PHE A CE2 1 
ATOM   655  C  CZ  . PHE A 1 86  ? 3.375   2.118   10.587  1.00 22.71 ? 85  PHE A CZ  1 
ATOM   656  N  N   . SER A 1 87  ? 2.033   3.375   5.294   1.00 12.27 ? 86  SER A N   1 
ATOM   657  C  CA  . SER A 1 87  ? 2.064   2.057   4.703   1.00 12.21 ? 86  SER A CA  1 
ATOM   658  C  C   . SER A 1 87  ? 3.488   1.595   4.460   1.00 12.20 ? 86  SER A C   1 
ATOM   659  O  O   . SER A 1 87  ? 4.378   2.389   4.285   1.00 12.12 ? 86  SER A O   1 
ATOM   660  C  CB  . SER A 1 87  ? 1.335   2.019   3.393   1.00 12.79 ? 86  SER A CB  1 
ATOM   661  O  OG  . SER A 1 87  ? 2.028   2.746   2.400   1.00 17.29 ? 86  SER A OG  1 
ATOM   662  N  N   . TRP A 1 88  ? 3.666   0.287   4.428   1.00 11.01 ? 87  TRP A N   1 
ATOM   663  C  CA  . TRP A 1 88  ? 4.893   -0.311  3.926   1.00 10.09 ? 87  TRP A CA  1 
ATOM   664  C  C   . TRP A 1 88  ? 4.606   -0.867  2.525   1.00 10.39 ? 87  TRP A C   1 
ATOM   665  O  O   . TRP A 1 88  ? 3.596   -1.529  2.289   1.00 10.58 ? 87  TRP A O   1 
ATOM   666  C  CB  . TRP A 1 88  ? 5.345   -1.456  4.823   1.00 11.52 ? 87  TRP A CB  1 
ATOM   667  C  CG  . TRP A 1 88  ? 6.259   -1.059  5.909   1.00 11.03 ? 87  TRP A CG  1 
ATOM   668  C  CD1 . TRP A 1 88  ? 5.928   -0.819  7.219   1.00 11.62 ? 87  TRP A CD1 1 
ATOM   669  C  CD2 . TRP A 1 88  ? 7.658   -0.822  5.800   1.00 12.13 ? 87  TRP A CD2 1 
ATOM   670  N  NE1 . TRP A 1 88  ? 7.047   -0.447  7.925   1.00 15.25 ? 87  TRP A NE1 1 
ATOM   671  C  CE2 . TRP A 1 88  ? 8.124   -0.445  7.077   1.00 14.33 ? 87  TRP A CE2 1 
ATOM   672  C  CE3 . TRP A 1 88  ? 8.572   -0.870  4.744   1.00 12.13 ? 87  TRP A CE3 1 
ATOM   673  C  CZ2 . TRP A 1 88  ? 9.452   -0.156  7.325   1.00 14.75 ? 87  TRP A CZ2 1 
ATOM   674  C  CZ3 . TRP A 1 88  ? 9.888   -0.585  4.998   1.00 13.85 ? 87  TRP A CZ3 1 
ATOM   675  C  CH2 . TRP A 1 88  ? 10.313  -0.220  6.277   1.00 13.43 ? 87  TRP A CH2 1 
ATOM   676  N  N   . VAL A 1 89  ? 5.527   -0.630  1.627   1.00 9.35  ? 88  VAL A N   1 
ATOM   677  C  CA  . VAL A 1 89  ? 5.529   -1.219  0.311   1.00 9.93  ? 88  VAL A CA  1 
ATOM   678  C  C   . VAL A 1 89  ? 6.614   -2.264  0.268   1.00 9.80  ? 88  VAL A C   1 
ATOM   679  O  O   . VAL A 1 89  ? 7.782   -1.972  0.639   1.00 10.56 ? 88  VAL A O   1 
ATOM   680  C  CB  . VAL A 1 89  ? 5.838   -0.156  -0.772  1.00 9.37  ? 88  VAL A CB  1 
ATOM   681  C  CG1 . VAL A 1 89  ? 5.948   -0.815  -2.171  1.00 10.59 ? 88  VAL A CG1 1 
ATOM   682  C  CG2 . VAL A 1 89  ? 4.768   0.938   -0.745  1.00 12.48 ? 88  VAL A CG2 1 
ATOM   683  N  N   . VAL A 1 90  ? 6.271   -3.462  -0.226  1.00 9.26  ? 89  VAL A N   1 
ATOM   684  C  CA  . VAL A 1 90  ? 7.242   -4.549  -0.408  1.00 10.09 ? 89  VAL A CA  1 
ATOM   685  C  C   . VAL A 1 90  ? 7.099   -5.045  -1.836  1.00 9.89  ? 89  VAL A C   1 
ATOM   686  O  O   . VAL A 1 90  ? 6.016   -5.410  -2.259  1.00 10.34 ? 89  VAL A O   1 
ATOM   687  C  CB  . VAL A 1 90  ? 7.000   -5.715  0.556   1.00 9.95  ? 89  VAL A CB  1 
ATOM   688  C  CG1 . VAL A 1 90  ? 8.010   -6.885  0.310   1.00 11.37 ? 89  VAL A CG1 1 
ATOM   689  C  CG2 . VAL A 1 90  ? 7.102   -5.248  2.007   1.00 11.24 ? 89  VAL A CG2 1 
ATOM   690  N  N   . ILE A 1 91  ? 8.214   -5.031  -2.559  1.00 10.12 ? 90  ILE A N   1 
ATOM   691  C  CA  . ILE A 1 91  ? 8.313   -5.534  -3.898  1.00 9.91  ? 90  ILE A CA  1 
ATOM   692  C  C   . ILE A 1 91  ? 9.353   -6.653  -3.955  1.00 10.61 ? 90  ILE A C   1 
ATOM   693  O  O   . ILE A 1 91  ? 10.479  -6.516  -3.466  1.00 10.96 ? 90  ILE A O   1 
ATOM   694  C  CB  . ILE A 1 91  ? 8.760   -4.388  -4.860  1.00 9.26  ? 90  ILE A CB  1 
ATOM   695  C  CG1 . ILE A 1 91  ? 7.812   -3.199  -4.725  1.00 11.08 ? 90  ILE A CG1 1 
ATOM   696  C  CG2 . ILE A 1 91  ? 8.862   -4.901  -6.291  1.00 10.96 ? 90  ILE A CG2 1 
ATOM   697  C  CD1 . ILE A 1 91  ? 8.189   -2.017  -5.590  1.00 11.41 ? 90  ILE A CD1 1 
ATOM   698  N  N   . ASP A 1 92  ? 8.964   -7.764  -4.549  1.00 10.66 ? 91  ASP A N   1 
ATOM   699  C  CA  . ASP A 1 92  ? 9.853   -8.928  -4.741  1.00 10.89 ? 91  ASP A CA  1 
ATOM   700  C  C   . ASP A 1 92  ? 9.893   -9.286  -6.223  1.00 11.08 ? 91  ASP A C   1 
ATOM   701  O  O   . ASP A 1 92  ? 8.876   -9.235  -6.898  1.00 10.17 ? 91  ASP A O   1 
ATOM   702  C  CB  . ASP A 1 92  ? 9.307   -10.067 -3.890  1.00 12.10 ? 91  ASP A CB  1 
ATOM   703  C  CG  . ASP A 1 92  ? 10.326  -11.114 -3.536  1.00 16.80 ? 91  ASP A CG  1 
ATOM   704  O  OD1 . ASP A 1 92  ? 11.003  -11.697 -4.402  1.00 18.91 ? 91  ASP A OD1 1 
ATOM   705  O  OD2 . ASP A 1 92  ? 10.480  -11.487 -2.358  1.00 27.19 ? 91  ASP A OD2 1 
ATOM   706  N  N   . ASN A 1 93  ? 11.077  -9.541  -6.782  1.00 11.02 ? 92  ASN A N   1 
ATOM   707  C  CA  . ASN A 1 93  ? 11.157  -10.089 -8.156  1.00 11.07 ? 92  ASN A CA  1 
ATOM   708  C  C   . ASN A 1 93  ? 11.549  -11.566 -8.209  1.00 11.35 ? 92  ASN A C   1 
ATOM   709  O  O   . ASN A 1 93  ? 11.853  -12.099 -9.278  1.00 11.95 ? 92  ASN A O   1 
ATOM   710  C  CB  . ASN A 1 93  ? 12.076  -9.261  -9.065  1.00 11.83 ? 92  ASN A CB  1 
ATOM   711  C  CG  . ASN A 1 93  ? 13.546  -9.490  -8.788  1.00 11.92 ? 92  ASN A CG  1 
ATOM   712  O  OD1 . ASN A 1 93  ? 13.900  -10.136 -7.805  1.00 12.09 ? 92  ASN A OD1 1 
ATOM   713  N  ND2 . ASN A 1 93  ? 14.419  -8.901  -9.620  1.00 11.96 ? 92  ASN A ND2 1 
ATOM   714  N  N   . GLY A 1 94  ? 11.512  -12.222 -7.059  1.00 12.17 ? 93  GLY A N   1 
ATOM   715  C  CA  . GLY A 1 94  ? 11.856  -13.623 -6.947  1.00 12.32 ? 93  GLY A CA  1 
ATOM   716  C  C   . GLY A 1 94  ? 13.288  -13.852 -6.519  1.00 13.21 ? 93  GLY A C   1 
ATOM   717  O  O   . GLY A 1 94  ? 13.642  -14.971 -6.163  1.00 14.43 ? 93  GLY A O   1 
ATOM   718  N  N   . VAL A 1 95  ? 14.093  -12.799 -6.554  1.00 12.20 ? 94  VAL A N   1 
ATOM   719  C  CA  . VAL A 1 95  ? 15.502  -12.874 -6.199  1.00 13.57 ? 94  VAL A CA  1 
ATOM   720  C  C   . VAL A 1 95  ? 15.830  -11.736 -5.233  1.00 13.37 ? 94  VAL A C   1 
ATOM   721  O  O   . VAL A 1 95  ? 16.439  -11.962 -4.207  1.00 15.18 ? 94  VAL A O   1 
ATOM   722  C  CB  . VAL A 1 95  ? 16.380  -12.839 -7.454  1.00 14.36 ? 94  VAL A CB  1 
ATOM   723  C  CG1 . VAL A 1 95  ? 17.845  -12.754 -7.071  1.00 15.06 ? 94  VAL A CG1 1 
ATOM   724  C  CG2 . VAL A 1 95  ? 16.084  -14.065 -8.361  1.00 14.10 ? 94  VAL A CG2 1 
ATOM   725  N  N   . GLN A 1 96  ? 15.444  -10.510 -5.588  1.00 13.80 ? 95  GLN A N   1 
ATOM   726  C  CA  . GLN A 1 96  ? 15.714  -9.299  -4.818  1.00 13.72 ? 95  GLN A CA  1 
ATOM   727  C  C   . GLN A 1 96  ? 14.388  -8.792  -4.219  1.00 13.58 ? 95  GLN A C   1 
ATOM   728  O  O   . GLN A 1 96  ? 13.331  -9.055  -4.750  1.00 12.14 ? 95  GLN A O   1 
ATOM   729  C  CB  . GLN A 1 96  ? 16.317  -8.267  -5.795  1.00 15.09 ? 95  GLN A CB  1 
ATOM   730  C  CG  . GLN A 1 96  ? 16.636  -6.916  -5.264  1.00 17.11 ? 95  GLN A CG  1 
ATOM   731  C  CD  . GLN A 1 96  ? 17.713  -6.952  -4.208  1.00 20.98 ? 95  GLN A CD  1 
ATOM   732  O  OE1 . GLN A 1 96  ? 17.471  -7.415  -3.066  1.00 23.21 ? 95  GLN A OE1 1 
ATOM   733  N  NE2 . GLN A 1 96  ? 18.904  -6.467  -4.565  1.00 23.02 ? 95  GLN A NE2 1 
ATOM   734  N  N   . ARG A 1 97  ? 14.474  -8.075  -3.098  1.00 14.02 ? 96  ARG A N   1 
ATOM   735  C  CA  . ARG A 1 97  ? 13.314  -7.431  -2.485  1.00 14.03 ? 96  ARG A CA  1 
ATOM   736  C  C   . ARG A 1 97  ? 13.659  -5.964  -2.282  1.00 12.69 ? 96  ARG A C   1 
ATOM   737  O  O   . ARG A 1 97  ? 14.807  -5.625  -1.942  1.00 13.31 ? 96  ARG A O   1 
ATOM   738  C  CB  . ARG A 1 97  ? 13.006  -8.115  -1.174  1.00 16.36 ? 96  ARG A CB  1 
ATOM   739  C  CG  . ARG A 1 97  ? 11.867  -7.565  -0.349  1.00 18.17 ? 96  ARG A CG  1 
ATOM   740  C  CD  . ARG A 1 97  ? 11.430  -8.551  0.761   1.00 22.62 ? 96  ARG A CD  1 
ATOM   741  N  NE  . ARG A 1 97  ? 10.613  -9.626  0.210   1.00 23.85 ? 96  ARG A NE  1 
ATOM   742  C  CZ  . ARG A 1 97  ? 9.972   -10.540 0.934   1.00 26.71 ? 96  ARG A CZ  1 
ATOM   743  N  NH1 . ARG A 1 97  ? 10.071  -10.568 2.258   1.00 27.68 ? 96  ARG A NH1 1 
ATOM   744  N  NH2 . ARG A 1 97  ? 9.229   -11.457 0.335   1.00 29.12 ? 96  ARG A NH2 1 
ATOM   745  N  N   . GLY A 1 98  ? 12.694  -5.094  -2.523  1.00 11.87 ? 97  GLY A N   1 
ATOM   746  C  CA  . GLY A 1 98  ? 12.832  -3.697  -2.215  1.00 11.13 ? 97  GLY A CA  1 
ATOM   747  C  C   . GLY A 1 98  ? 11.678  -3.285  -1.322  1.00 11.81 ? 97  GLY A C   1 
ATOM   748  O  O   . GLY A 1 98  ? 10.542  -3.668  -1.572  1.00 11.27 ? 97  GLY A O   1 
ATOM   749  N  N   . GLU A 1 99  ? 11.973  -2.480  -0.311  1.00 10.58 ? 98  GLU A N   1 
ATOM   750  C  CA  . GLU A 1 99  ? 10.970  -2.102  0.646   1.00 10.97 ? 98  GLU A CA  1 
ATOM   751  C  C   . GLU A 1 99  ? 11.093  -0.621  0.977   1.00 11.35 ? 98  GLU A C   1 
ATOM   752  O  O   . GLU A 1 99  ? 12.203  -0.104  1.108   1.00 14.12 ? 98  GLU A O   1 
ATOM   753  C  CB  . GLU A 1 99  ? 11.131  -2.910  1.916   1.00 11.97 ? 98  GLU A CB  1 
ATOM   754  C  CG  . GLU A 1 99  ? 11.091  -4.418  1.723   1.00 12.71 ? 98  GLU A CG  1 
ATOM   755  C  CD  . GLU A 1 99  ? 11.203  -5.226  3.002   1.00 17.54 ? 98  GLU A CD  1 
ATOM   756  O  OE1 . GLU A 1 99  ? 11.857  -4.799  3.972   1.00 20.29 ? 98  GLU A OE1 1 
ATOM   757  O  OE2 . GLU A 1 99  ? 10.689  -6.362  3.007   1.00 22.25 ? 98  GLU A OE2 1 
ATOM   758  N  N   . ALA A 1 100 ? 9.965   0.047   1.121   1.00 9.33  ? 99  ALA A N   1 
ATOM   759  C  CA  . ALA A 1 100 ? 9.948   1.441   1.551   1.00 9.22  ? 99  ALA A CA  1 
ATOM   760  C  C   . ALA A 1 100 ? 8.702   1.724   2.356   1.00 9.82  ? 99  ALA A C   1 
ATOM   761  O  O   . ALA A 1 100 ? 7.639   1.170   2.099   1.00 11.77 ? 99  ALA A O   1 
ATOM   762  C  CB  . ALA A 1 100 ? 9.986   2.350   0.380   1.00 9.12  ? 99  ALA A CB  1 
ATOM   763  N  N   . ARG A 1 101 ? 8.826   2.637   3.297   1.00 9.94  ? 100 ARG A N   1 
ATOM   764  C  CA  . ARG A 1 101 ? 7.688   3.103   4.057   1.00 10.39 ? 100 ARG A CA  1 
ATOM   765  C  C   . ARG A 1 101 ? 7.199   4.400   3.443   1.00 10.68 ? 100 ARG A C   1 
ATOM   766  O  O   . ARG A 1 101 ? 8.005   5.237   3.042   1.00 10.67 ? 100 ARG A O   1 
ATOM   767  C  CB  . ARG A 1 101 ? 8.065   3.281   5.533   1.00 12.97 ? 100 ARG A CB  1 
ATOM   768  C  CG  . ARG A 1 101 ? 6.924   3.030   6.441   1.00 17.97 ? 100 ARG A CG  1 
ATOM   769  C  CD  . ARG A 1 101 ? 6.751   4.125   7.436   1.00 24.86 ? 100 ARG A CD  1 
ATOM   770  N  NE  . ARG A 1 101 ? 7.009   3.658   8.769   1.00 27.79 ? 100 ARG A NE  1 
ATOM   771  C  CZ  . ARG A 1 101 ? 7.128   4.438   9.807   1.00 25.79 ? 100 ARG A CZ  1 
ATOM   772  N  NH1 . ARG A 1 101 ? 7.035   5.759   9.692   1.00 27.45 ? 100 ARG A NH1 1 
ATOM   773  N  NH2 . ARG A 1 101 ? 7.361   3.899   10.973  1.00 29.08 ? 100 ARG A NH2 1 
ATOM   774  N  N   . SER A 1 102 ? 5.877   4.573   3.330   1.00 9.68  ? 101 SER A N   1 
ATOM   775  C  CA  . SER A 1 102 ? 5.322   5.844   2.864   1.00 11.12 ? 101 SER A CA  1 
ATOM   776  C  C   . SER A 1 102 ? 5.526   6.930   3.927   1.00 10.81 ? 101 SER A C   1 
ATOM   777  O  O   . SER A 1 102 ? 5.806   6.637   5.079   1.00 10.09 ? 101 SER A O   1 
ATOM   778  C  CB  . SER A 1 102 ? 3.846   5.724   2.608   1.00 11.78 ? 101 SER A CB  1 
ATOM   779  O  OG  . SER A 1 102 ? 3.099   5.679   3.822   1.00 11.37 ? 101 SER A OG  1 
ATOM   780  N  N   . ALA A 1 103 ? 5.331   8.186   3.523   1.00 10.46 ? 102 ALA A N   1 
ATOM   781  C  CA  . ALA A 1 103 ? 5.244   9.297   4.434   1.00 10.47 ? 102 ALA A CA  1 
ATOM   782  C  C   . ALA A 1 103 ? 4.147   9.025   5.448   1.00 10.62 ? 102 ALA A C   1 
ATOM   783  O  O   . ALA A 1 103 ? 3.144   8.335   5.146   1.00 11.58 ? 102 ALA A O   1 
ATOM   784  C  CB  . ALA A 1 103 ? 4.961   10.586  3.677   1.00 10.04 ? 102 ALA A CB  1 
ATOM   785  N  N   . THR A 1 104 ? 4.317   9.577   6.650   1.00 10.41 ? 103 THR A N   1 
ATOM   786  C  CA  . THR A 1 104 ? 3.295   9.400   7.695   1.00 11.94 ? 103 THR A CA  1 
ATOM   787  C  C   . THR A 1 104 ? 2.284   10.547  7.669   1.00 13.37 ? 103 THR A C   1 
ATOM   788  O  O   . THR A 1 104 ? 2.595   11.683  7.278   1.00 13.19 ? 103 THR A O   1 
ATOM   789  C  CB  . THR A 1 104 ? 3.892   9.297   9.087   1.00 13.54 ? 103 THR A CB  1 
ATOM   790  O  OG1 . THR A 1 104 ? 4.476   10.547  9.463   1.00 13.41 ? 103 THR A OG1 1 
ATOM   791  C  CG2 . THR A 1 104 ? 4.948   8.254   9.174   1.00 14.23 ? 103 THR A CG2 1 
ATOM   792  N  N   . LEU A 1 105 ? 1.073   10.250  8.135   1.00 13.82 ? 104 LEU A N   1 
ATOM   793  C  CA  . LEU A 1 105 ? 0.015   11.244  8.313   1.00 13.63 ? 104 LEU A CA  1 
ATOM   794  C  C   . LEU A 1 105 ? -0.333  11.253  9.771   1.00 13.96 ? 104 LEU A C   1 
ATOM   795  O  O   . LEU A 1 105 ? -0.852  10.236  10.315  1.00 11.66 ? 104 LEU A O   1 
ATOM   796  C  CB  . LEU A 1 105 ? -1.208  10.915  7.470   1.00 14.13 ? 104 LEU A CB  1 
ATOM   797  C  CG  . LEU A 1 105 ? -2.495  11.740  7.745   1.00 14.82 ? 104 LEU A CG  1 
ATOM   798  C  CD1 . LEU A 1 105 ? -2.271  13.143  7.470   1.00 18.61 ? 104 LEU A CD1 1 
ATOM   799  C  CD2 . LEU A 1 105 ? -3.643  11.148  6.933   1.00 18.67 ? 104 LEU A CD2 1 
ATOM   800  N  N   . PRO A 1 106 ? -0.025  12.352  10.454  1.00 15.19 ? 105 PRO A N   1 
ATOM   801  C  CA  . PRO A 1 106 ? -0.363  12.445  11.880  1.00 15.44 ? 105 PRO A CA  1 
ATOM   802  C  C   . PRO A 1 106 ? -1.873  12.396  12.016  1.00 14.74 ? 105 PRO A C   1 
ATOM   803  O  O   . PRO A 1 106 ? -2.524  13.042  11.199  1.00 16.29 ? 105 PRO A O   1 
ATOM   804  C  CB  . PRO A 1 106 ? 0.219   13.825  12.296  1.00 15.21 ? 105 PRO A CB  1 
ATOM   805  C  CG  . PRO A 1 106 ? 0.414   14.590  11.039  1.00 16.81 ? 105 PRO A CG  1 
ATOM   806  C  CD  . PRO A 1 106 ? 0.653   13.575  9.959   1.00 14.67 ? 105 PRO A CD  1 
ATOM   807  N  N   . LEU A 1 107 ? -2.415  11.584  12.929  1.00 16.26 ? 106 LEU A N   1 
ATOM   808  C  CA  . LEU A 1 107 ? -3.868  11.504  13.122  1.00 16.16 ? 106 LEU A CA  1 
ATOM   809  C  C   . LEU A 1 107 ? -4.318  12.353  14.303  1.00 16.86 ? 106 LEU A C   1 
ATOM   810  O  O   . LEU A 1 107 ? -3.635  12.405  15.316  1.00 16.69 ? 106 LEU A O   1 
ATOM   811  C  CB  . LEU A 1 107 ? -4.347  10.045  13.323  1.00 15.85 ? 106 LEU A CB  1 
ATOM   812  C  CG  . LEU A 1 107 ? -4.155  9.156   12.064  1.00 14.91 ? 106 LEU A CG  1 
ATOM   813  C  CD1 . LEU A 1 107 ? -4.459  7.691   12.360  1.00 17.68 ? 106 LEU A CD1 1 
ATOM   814  C  CD2 . LEU A 1 107 ? -4.969  9.685   10.901  1.00 17.03 ? 106 LEU A CD2 1 
ATOM   815  N  N   . PRO A 1 108 ? -5.491  12.955  14.166  1.00 16.79 ? 107 PRO A N   1 
ATOM   816  C  CA  . PRO A 1 108 ? -6.117  13.701  15.267  1.00 16.76 ? 107 PRO A CA  1 
ATOM   817  C  C   . PRO A 1 108 ? -6.436  12.777  16.442  1.00 15.38 ? 107 PRO A C   1 
ATOM   818  O  O   . PRO A 1 108 ? -6.768  11.621  16.211  1.00 13.74 ? 107 PRO A O   1 
ATOM   819  C  CB  . PRO A 1 108 ? -7.426  14.198  14.671  1.00 17.15 ? 107 PRO A CB  1 
ATOM   820  C  CG  . PRO A 1 108 ? -7.453  13.821  13.268  1.00 18.58 ? 107 PRO A CG  1 
ATOM   821  C  CD  . PRO A 1 108 ? -6.332  12.934  12.965  1.00 16.98 ? 107 PRO A CD  1 
ATOM   822  N  N   . ALA A 1 109 ? -6.383  13.287  17.678  1.00 14.27 ? 108 ALA A N   1 
ATOM   823  C  CA  . ALA A 1 109 ? -6.656  12.465  18.847  1.00 15.23 ? 108 ALA A CA  1 
ATOM   824  C  C   . ALA A 1 109 ? -8.037  11.825  18.776  1.00 15.00 ? 108 ALA A C   1 
ATOM   825  O  O   . ALA A 1 109 ? -8.230  10.688  19.156  1.00 15.26 ? 108 ALA A O   1 
ATOM   826  C  CB  . ALA A 1 109 ? -6.532  13.326  20.145  1.00 16.13 ? 108 ALA A CB  1 
ATOM   827  N  N   . VAL A 1 110 ? -9.032  12.568  18.306  1.00 16.40 ? 109 VAL A N   1 
ATOM   828  C  CA  . VAL A 1 110 ? -10.369 12.006  18.230  1.00 16.63 ? 109 VAL A CA  1 
ATOM   829  C  C   . VAL A 1 110 ? -10.481 10.775  17.307  1.00 16.52 ? 109 VAL A C   1 
ATOM   830  O  O   . VAL A 1 110 ? -11.281 9.883   17.560  1.00 16.77 ? 109 VAL A O   1 
ATOM   831  C  CB  . VAL A 1 110 ? -11.430 13.090  17.899  1.00 17.89 ? 109 VAL A CB  1 
ATOM   832  C  CG1 . VAL A 1 110 ? -11.376 13.522  16.465  1.00 17.22 ? 109 VAL A CG1 1 
ATOM   833  C  CG2 . VAL A 1 110 ? -12.791 12.560  18.271  1.00 20.91 ? 109 VAL A CG2 1 
ATOM   834  N  N   . ILE A 1 111 ? -9.648  10.726  16.279  1.00 15.10 ? 110 ILE A N   1 
ATOM   835  C  CA  . ILE A 1 111 ? -9.548  9.556   15.408  1.00 15.10 ? 110 ILE A CA  1 
ATOM   836  C  C   . ILE A 1 111 ? -8.659  8.503   16.065  1.00 16.69 ? 110 ILE A C   1 
ATOM   837  O  O   . ILE A 1 111 ? -8.987  7.328   16.062  1.00 16.94 ? 110 ILE A O   1 
ATOM   838  C  CB  . ILE A 1 111 ? -8.996  9.957   13.989  1.00 14.80 ? 110 ILE A CB  1 
ATOM   839  C  CG1 . ILE A 1 111 ? -9.822  11.087  13.327  1.00 15.90 ? 110 ILE A CG1 1 
ATOM   840  C  CG2 . ILE A 1 111 ? -8.891  8.751   13.090  1.00 14.15 ? 110 ILE A CG2 1 
ATOM   841  C  CD1 . ILE A 1 111 ? -11.219 10.733  13.007  1.00 17.28 ? 110 ILE A CD1 1 
ATOM   842  N  N   . LEU A 1 112 ? -7.537  8.901   16.650  1.00 17.83 ? 111 LEU A N   1 
ATOM   843  C  CA  . LEU A 1 112 ? -6.691  7.918   17.336  1.00 20.70 ? 111 LEU A CA  1 
ATOM   844  C  C   . LEU A 1 112 ? -7.391  7.168   18.482  1.00 22.06 ? 111 LEU A C   1 
ATOM   845  O  O   . LEU A 1 112 ? -7.184  5.963   18.663  1.00 23.77 ? 111 LEU A O   1 
ATOM   846  C  CB  . LEU A 1 112 ? -5.442  8.598   17.874  1.00 21.14 ? 111 LEU A CB  1 
ATOM   847  C  CG  . LEU A 1 112 ? -4.396  8.910   16.838  1.00 23.72 ? 111 LEU A CG  1 
ATOM   848  C  CD1 . LEU A 1 112 ? -3.336  9.759   17.495  1.00 27.02 ? 111 LEU A CD1 1 
ATOM   849  C  CD2 . LEU A 1 112 ? -3.788  7.612   16.241  1.00 25.59 ? 111 LEU A CD2 1 
ATOM   850  N  N   . ASP A 1 113 ? -8.227  7.866   19.240  1.00 23.69 ? 112 ASP A N   1 
ATOM   851  C  CA  . ASP A 1 113 ? -8.981  7.254   20.341  1.00 24.92 ? 112 ASP A CA  1 
ATOM   852  C  C   . ASP A 1 113 ? -9.839  6.077   19.851  1.00 25.40 ? 112 ASP A C   1 
ATOM   853  O  O   . ASP A 1 113 ? -10.032 5.077   20.550  1.00 26.17 ? 112 ASP A O   1 
ATOM   854  C  CB  . ASP A 1 113 ? -9.867  8.307   21.011  1.00 25.78 ? 112 ASP A CB  1 
ATOM   855  C  CG  . ASP A 1 113 ? -9.071  9.260   21.893  1.00 26.52 ? 112 ASP A CG  1 
ATOM   856  O  OD1 . ASP A 1 113 ? -7.833  9.088   22.033  1.00 29.64 ? 112 ASP A OD1 1 
ATOM   857  O  OD2 . ASP A 1 113 ? -9.608  10.223  22.458  1.00 30.56 ? 112 ASP A OD2 1 
ATOM   858  N  N   . ARG A 1 114 ? -10.325 6.206   18.628  1.00 24.94 ? 113 ARG A N   1 
ATOM   859  C  CA  . ARG A 1 114 ? -11.118 5.172   18.010  1.00 24.86 ? 113 ARG A CA  1 
ATOM   860  C  C   . ARG A 1 114 ? -10.266 4.059   17.453  1.00 25.35 ? 113 ARG A C   1 
ATOM   861  O  O   . ARG A 1 114 ? -10.577 2.891   17.653  1.00 24.59 ? 113 ARG A O   1 
ATOM   862  C  CB  . ARG A 1 114 ? -11.954 5.782   16.916  1.00 25.33 ? 113 ARG A CB  1 
ATOM   863  C  CG  . ARG A 1 114 ? -12.950 6.791   17.453  1.00 25.99 ? 113 ARG A CG  1 
ATOM   864  C  CD  . ARG A 1 114 ? -14.097 6.141   18.139  1.00 28.25 ? 113 ARG A CD  1 
ATOM   865  N  NE  . ARG A 1 114 ? -14.850 5.428   17.119  1.00 29.72 ? 113 ARG A NE  1 
ATOM   866  C  CZ  . ARG A 1 114 ? -16.085 5.706   16.751  1.00 31.73 ? 113 ARG A CZ  1 
ATOM   867  N  NH1 . ARG A 1 114 ? -16.759 6.674   17.345  1.00 33.11 ? 113 ARG A NH1 1 
ATOM   868  N  NH2 . ARG A 1 114 ? -16.650 5.008   15.775  1.00 31.25 ? 113 ARG A NH2 1 
ATOM   869  N  N   . VAL A 1 115 ? -9.201  4.384   16.737  1.00 25.84 ? 114 VAL A N   1 
ATOM   870  C  CA  . VAL A 1 115 ? -8.361  3.318   16.213  1.00 27.80 ? 114 VAL A CA  1 
ATOM   871  C  C   . VAL A 1 115 ? -7.769  2.520   17.383  1.00 29.43 ? 114 VAL A C   1 
ATOM   872  O  O   . VAL A 1 115 ? -7.464  1.346   17.221  1.00 30.06 ? 114 VAL A O   1 
ATOM   873  C  CB  . VAL A 1 115 ? -7.278  3.775   15.208  1.00 28.43 ? 114 VAL A CB  1 
ATOM   874  C  CG1 . VAL A 1 115 ? -7.928  4.384   13.967  1.00 27.84 ? 114 VAL A CG1 1 
ATOM   875  C  CG2 . VAL A 1 115 ? -6.281  4.725   15.824  1.00 30.02 ? 114 VAL A CG2 1 
ATOM   876  N  N   . ARG A 1 116 ? -7.688  3.136   18.569  1.00 30.39 ? 115 ARG A N   1 
ATOM   877  C  CA  . ARG A 1 116 ? -7.146  2.462   19.768  1.00 31.15 ? 115 ARG A CA  1 
ATOM   878  C  C   . ARG A 1 116 ? -8.145  1.590   20.551  1.00 30.15 ? 115 ARG A C   1 
ATOM   879  O  O   . ARG A 1 116 ? -7.740  0.803   21.408  1.00 30.91 ? 115 ARG A O   1 
ATOM   880  C  CB  . ARG A 1 116 ? -6.460  3.495   20.688  1.00 31.92 ? 115 ARG A CB  1 
ATOM   881  C  CG  . ARG A 1 116 ? -4.977  3.675   20.330  1.00 35.13 ? 115 ARG A CG  1 
ATOM   882  C  CD  . ARG A 1 116 ? -4.337  5.004   20.755  1.00 40.33 ? 115 ARG A CD  1 
ATOM   883  N  NE  . ARG A 1 116 ? -3.244  5.355   19.838  1.00 43.86 ? 115 ARG A NE  1 
ATOM   884  C  CZ  . ARG A 1 116 ? -1.978  4.944   19.943  1.00 46.59 ? 115 ARG A CZ  1 
ATOM   885  N  NH1 . ARG A 1 116 ? -1.570  4.180   20.956  1.00 47.41 ? 115 ARG A NH1 1 
ATOM   886  N  NH2 . ARG A 1 116 ? -1.098  5.321   19.024  1.00 48.21 ? 115 ARG A NH2 1 
ATOM   887  N  N   . GLN A 1 117 ? -9.443  1.733   20.286  1.00 29.24 ? 116 GLN A N   1 
ATOM   888  C  CA  . GLN A 1 117 ? -10.407 0.672   20.618  1.00 27.97 ? 116 GLN A CA  1 
ATOM   889  C  C   . GLN A 1 117 ? -10.604 -0.307  19.426  1.00 26.34 ? 116 GLN A C   1 
ATOM   890  O  O   . GLN A 1 117 ? -11.697 -0.899  19.297  1.00 25.67 ? 116 GLN A O   1 
ATOM   891  C  CB  . GLN A 1 117 ? -11.783 1.224   21.050  1.00 28.74 ? 116 GLN A CB  1 
ATOM   892  C  CG  . GLN A 1 117 ? -11.830 2.488   21.906  1.00 31.40 ? 116 GLN A CG  1 
ATOM   893  C  CD  . GLN A 1 117 ? -12.913 2.400   22.962  1.00 35.47 ? 116 GLN A CD  1 
ATOM   894  O  OE1 . GLN A 1 117 ? -12.845 1.536   23.846  1.00 36.91 ? 116 GLN A OE1 1 
ATOM   895  N  NE2 . GLN A 1 117 ? -13.923 3.276   22.874  1.00 36.62 ? 116 GLN A NE2 1 
ATOM   896  N  N   . GLY A 1 118 ? -9.584  -0.416  18.551  1.00 23.48 ? 117 GLY A N   1 
ATOM   897  C  CA  . GLY A 1 118 ? -9.485  -1.426  17.490  1.00 21.80 ? 117 GLY A CA  1 
ATOM   898  C  C   . GLY A 1 118 ? -10.133 -1.192  16.116  1.00 19.65 ? 117 GLY A C   1 
ATOM   899  O  O   . GLY A 1 118 ? -10.130 -2.069  15.228  1.00 17.51 ? 117 GLY A O   1 
ATOM   900  N  N   . GLU A 1 119 ? -10.698 -0.013  15.915  1.00 18.13 ? 118 GLU A N   1 
ATOM   901  C  CA  . GLU A 1 119 ? -11.452 0.249   14.700  1.00 18.40 ? 118 GLU A CA  1 
ATOM   902  C  C   . GLU A 1 119 ? -10.526 0.562   13.542  1.00 16.52 ? 118 GLU A C   1 
ATOM   903  O  O   . GLU A 1 119 ? -9.472  1.213   13.702  1.00 17.22 ? 118 GLU A O   1 
ATOM   904  C  CB  . GLU A 1 119 ? -12.481 1.381   14.905  1.00 18.99 ? 118 GLU A CB  1 
ATOM   905  C  CG  . GLU A 1 119 ? -13.891 0.896   14.606  1.00 24.36 ? 118 GLU A CG  1 
ATOM   906  C  CD  . GLU A 1 119 ? -14.951 1.991   14.584  1.00 27.19 ? 118 GLU A CD  1 
ATOM   907  O  OE1 . GLU A 1 119 ? -15.671 2.117   13.557  1.00 31.38 ? 118 GLU A OE1 1 
ATOM   908  O  OE2 . GLU A 1 119 ? -15.052 2.712   15.584  1.00 25.85 ? 118 GLU A OE2 1 
ATOM   909  N  N   . ALA A 1 120 ? -10.932 0.124   12.360  1.00 14.57 ? 119 ALA A N   1 
ATOM   910  C  CA  . ALA A 1 120 ? -10.155 0.385   11.167  1.00 14.35 ? 119 ALA A CA  1 
ATOM   911  C  C   . ALA A 1 120 ? -10.339 1.871   10.806  1.00 13.18 ? 119 ALA A C   1 
ATOM   912  O  O   . ALA A 1 120 ? -11.442 2.421   10.947  1.00 12.62 ? 119 ALA A O   1 
ATOM   913  C  CB  . ALA A 1 120 ? -10.588 -0.538  10.019  1.00 14.65 ? 119 ALA A CB  1 
ATOM   914  N  N   . LEU A 1 121 ? -9.257  2.490   10.372  1.00 13.11 ? 120 LEU A N   1 
ATOM   915  C  CA  . LEU A 1 121 ? -9.261  3.914   10.040  1.00 11.90 ? 120 LEU A CA  1 
ATOM   916  C  C   . LEU A 1 121 ? -10.301 4.273   8.989   1.00 11.74 ? 120 LEU A C   1 
ATOM   917  O  O   . LEU A 1 121 ? -10.964 5.285   9.095   1.00 11.11 ? 120 LEU A O   1 
ATOM   918  C  CB  . LEU A 1 121 ? -7.883  4.325   9.562   1.00 12.93 ? 120 LEU A CB  1 
ATOM   919  C  CG  . LEU A 1 121 ? -7.708  5.781   9.168   1.00 12.26 ? 120 LEU A CG  1 
ATOM   920  C  CD1 . LEU A 1 121 ? -7.998  6.683   10.354  1.00 13.25 ? 120 LEU A CD1 1 
ATOM   921  C  CD2 . LEU A 1 121 ? -6.282  6.007   8.608   1.00 13.59 ? 120 LEU A CD2 1 
ATOM   922  N  N   . GLY A 1 122 ? -10.422 3.455   7.954   1.00 12.96 ? 121 GLY A N   1 
ATOM   923  C  CA  . GLY A 1 122 ? -11.395 3.730   6.911   1.00 13.40 ? 121 GLY A CA  1 
ATOM   924  C  C   . GLY A 1 122 ? -12.796 3.978   7.392   1.00 13.23 ? 121 GLY A C   1 
ATOM   925  O  O   . GLY A 1 122 ? -13.379 5.044   7.125   1.00 12.93 ? 121 GLY A O   1 
ATOM   926  N  N   . PRO A 1 123 ? -13.404 2.994   8.037   1.00 13.92 ? 122 PRO A N   1 
ATOM   927  C  CA  . PRO A 1 123 ? -14.732 3.191   8.614   1.00 13.69 ? 122 PRO A CA  1 
ATOM   928  C  C   . PRO A 1 123 ? -14.839 4.404   9.558   1.00 12.60 ? 122 PRO A C   1 
ATOM   929  O  O   . PRO A 1 123 ? -15.876 5.051   9.532   1.00 13.69 ? 122 PRO A O   1 
ATOM   930  C  CB  . PRO A 1 123 ? -14.990 1.876   9.360   1.00 14.49 ? 122 PRO A CB  1 
ATOM   931  C  CG  . PRO A 1 123 ? -14.143 0.875   8.630   1.00 15.30 ? 122 PRO A CG  1 
ATOM   932  C  CD  . PRO A 1 123 ? -12.940 1.596   8.160   1.00 14.80 ? 122 PRO A CD  1 
ATOM   933  N  N   . VAL A 1 124 ? -13.809 4.668   10.365  1.00 11.99 ? 123 VAL A N   1 
ATOM   934  C  CA  . VAL A 1 124 ? -13.846 5.828   11.261  1.00 11.61 ? 123 VAL A CA  1 
ATOM   935  C  C   . VAL A 1 124 ? -13.904 7.100   10.431  1.00 11.64 ? 123 VAL A C   1 
ATOM   936  O  O   . VAL A 1 124 ? -14.753 7.950   10.690  1.00 12.23 ? 123 VAL A O   1 
ATOM   937  C  CB  . VAL A 1 124 ? -12.673 5.849   12.223  1.00 11.34 ? 123 VAL A CB  1 
ATOM   938  C  CG1 . VAL A 1 124 ? -12.653 7.174   12.998  1.00 12.72 ? 123 VAL A CG1 1 
ATOM   939  C  CG2 . VAL A 1 124 ? -12.773 4.673   13.173  1.00 11.91 ? 123 VAL A CG2 1 
HETATM 940  N  N   . MSE A 1 125 ? -13.039 7.201   9.422   1.00 11.83 ? 124 MSE A N   1 
HETATM 941  C  CA  . MSE A 1 125 ? -13.009 8.357   8.538   1.00 13.01 ? 124 MSE A CA  1 
HETATM 942  C  C   . MSE A 1 125 ? -14.301 8.506   7.725   1.00 12.77 ? 124 MSE A C   1 
HETATM 943  O  O   . MSE A 1 125 ? -14.752 9.630   7.474   1.00 13.14 ? 124 MSE A O   1 
HETATM 944  C  CB  . MSE A 1 125 ? -11.805 8.251   7.579   1.00 13.55 ? 124 MSE A CB  1 
HETATM 945  C  CG  . MSE A 1 125 ? -10.496 8.435   8.276   1.00 14.77 ? 124 MSE A CG  1 
HETATM 946  SE SE  . MSE A 1 125 ? -10.313 10.110  9.238   1.00 26.68 ? 124 MSE A SE  1 
HETATM 947  C  CE  . MSE A 1 125 ? -10.487 11.274  7.663   1.00 23.96 ? 124 MSE A CE  1 
ATOM   948  N  N   . SER A 1 126 ? -14.899 7.387   7.334   1.00 13.16 ? 125 SER A N   1 
ATOM   949  C  CA  . SER A 1 126 ? -16.197 7.407   6.644   1.00 14.24 ? 125 SER A CA  1 
ATOM   950  C  C   . SER A 1 126 ? -17.293 7.984   7.526   1.00 14.23 ? 125 SER A C   1 
ATOM   951  O  O   . SER A 1 126 ? -18.130 8.760   7.036   1.00 15.52 ? 125 SER A O   1 
ATOM   952  C  CB  . SER A 1 126 ? -16.588 6.012   6.155   1.00 15.44 ? 125 SER A CB  1 
ATOM   953  O  OG  . SER A 1 126 ? -15.725 5.604   5.103   1.00 18.05 ? 125 SER A OG  1 
ATOM   954  N  N   . GLN A 1 127 ? -17.311 7.633   8.810   1.00 14.00 ? 126 GLN A N   1 
ATOM   955  C  CA  . GLN A 1 127 ? -18.272 8.246   9.745   1.00 13.90 ? 126 GLN A CA  1 
ATOM   956  C  C   . GLN A 1 127 ? -17.946 9.713   9.986   1.00 14.20 ? 126 GLN A C   1 
ATOM   957  O  O   . GLN A 1 127 ? -18.856 10.529  10.096  1.00 14.57 ? 126 GLN A O   1 
ATOM   958  C  CB  . GLN A 1 127 ? -18.320 7.519   11.086  1.00 14.67 ? 126 GLN A CB  1 
ATOM   959  C  CG  . GLN A 1 127 ? -19.374 8.000   12.075  1.00 14.64 ? 126 GLN A CG  1 
ATOM   960  C  CD  . GLN A 1 127 ? -20.766 7.965   11.476  1.00 18.83 ? 126 GLN A CD  1 
ATOM   961  O  OE1 . GLN A 1 127 ? -21.481 8.965   11.462  1.00 20.02 ? 126 GLN A OE1 1 
ATOM   962  N  NE2 . GLN A 1 127 ? -21.128 6.802   10.913  1.00 23.10 ? 126 GLN A NE2 1 
ATOM   963  N  N   . TYR A 1 128 ? -16.660 10.051  10.094  1.00 14.14 ? 127 TYR A N   1 
ATOM   964  C  CA  . TYR A 1 128 ? -16.250 11.420  10.421  1.00 15.11 ? 127 TYR A CA  1 
ATOM   965  C  C   . TYR A 1 128 ? -16.585 12.393  9.291   1.00 15.78 ? 127 TYR A C   1 
ATOM   966  O  O   . TYR A 1 128 ? -16.990 13.521  9.558   1.00 16.39 ? 127 TYR A O   1 
ATOM   967  C  CB  . TYR A 1 128 ? -14.758 11.435  10.777  1.00 16.31 ? 127 TYR A CB  1 
ATOM   968  C  CG  . TYR A 1 128 ? -14.218 12.749  11.322  1.00 18.80 ? 127 TYR A CG  1 
ATOM   969  C  CD1 . TYR A 1 128 ? -14.558 13.208  12.600  1.00 22.74 ? 127 TYR A CD1 1 
ATOM   970  C  CD2 . TYR A 1 128 ? -13.360 13.519  10.552  1.00 24.73 ? 127 TYR A CD2 1 
ATOM   971  C  CE1 . TYR A 1 128 ? -14.051 14.434  13.089  1.00 25.74 ? 127 TYR A CE1 1 
ATOM   972  C  CE2 . TYR A 1 128 ? -12.845 14.747  11.016  1.00 25.19 ? 127 TYR A CE2 1 
ATOM   973  C  CZ  . TYR A 1 128 ? -13.180 15.191  12.285  1.00 27.97 ? 127 TYR A CZ  1 
ATOM   974  O  OH  . TYR A 1 128 ? -12.637 16.397  12.716  1.00 30.20 ? 127 TYR A OH  1 
ATOM   975  N  N   . THR A 1 129 ? -16.452 11.938  8.052   1.00 16.16 ? 128 THR A N   1 
ATOM   976  C  CA  . THR A 1 129 ? -16.559 12.810  6.868   1.00 16.80 ? 128 THR A CA  1 
ATOM   977  C  C   . THR A 1 129 ? -17.856 12.640  6.156   1.00 17.45 ? 128 THR A C   1 
ATOM   978  O  O   . THR A 1 129 ? -18.261 13.531  5.406   1.00 18.20 ? 128 THR A O   1 
ATOM   979  C  CB  . THR A 1 129 ? -15.451 12.512  5.826   1.00 17.40 ? 128 THR A CB  1 
ATOM   980  O  OG1 . THR A 1 129 ? -15.612 11.164  5.370   1.00 16.04 ? 128 THR A OG1 1 
ATOM   981  C  CG2 . THR A 1 129 ? -14.051 12.605  6.421   1.00 17.44 ? 128 THR A CG2 1 
ATOM   982  N  N   . GLY A 1 130 ? -18.502 11.497  6.347   1.00 17.97 ? 129 GLY A N   1 
ATOM   983  C  CA  . GLY A 1 130 ? -19.683 11.141  5.576   1.00 19.55 ? 129 GLY A CA  1 
ATOM   984  C  C   . GLY A 1 130 ? -19.433 10.586  4.178   1.00 20.00 ? 129 GLY A C   1 
ATOM   985  O  O   . GLY A 1 130 ? -20.399 10.374  3.448   1.00 21.08 ? 129 GLY A O   1 
ATOM   986  N  N   . ILE A 1 131 ? -18.164 10.344  3.825   1.00 20.56 ? 130 ILE A N   1 
ATOM   987  C  CA  . ILE A 1 131 ? -17.757 9.764   2.547   1.00 21.49 ? 130 ILE A CA  1 
ATOM   988  C  C   . ILE A 1 131 ? -17.624 8.245   2.730   1.00 21.51 ? 130 ILE A C   1 
ATOM   989  O  O   . ILE A 1 131 ? -16.722 7.768   3.427   1.00 20.76 ? 130 ILE A O   1 
ATOM   990  C  CB  . ILE A 1 131 ? -16.383 10.324  2.093   1.00 22.24 ? 130 ILE A CB  1 
ATOM   991  C  CG1 . ILE A 1 131 ? -16.393 11.855  1.961   1.00 23.54 ? 130 ILE A CG1 1 
ATOM   992  C  CG2 . ILE A 1 131 ? -15.915 9.651   0.779   1.00 23.46 ? 130 ILE A CG2 1 
ATOM   993  C  CD1 . ILE A 1 131 ? -15.022 12.425  1.573   1.00 25.08 ? 130 ILE A CD1 1 
ATOM   994  N  N   . ASP A 1 132 ? -18.505 7.494   2.089   1.00 22.18 ? 131 ASP A N   1 
ATOM   995  C  CA  . ASP A 1 132 ? -18.439 6.035   2.157   1.00 23.11 ? 131 ASP A CA  1 
ATOM   996  C  C   . ASP A 1 132 ? -17.164 5.502   1.473   1.00 22.91 ? 131 ASP A C   1 
ATOM   997  O  O   . ASP A 1 132 ? -16.714 6.050   0.467   1.00 22.30 ? 131 ASP A O   1 
ATOM   998  C  CB  . ASP A 1 132 ? -19.672 5.412   1.507   1.00 24.58 ? 131 ASP A CB  1 
ATOM   999  C  CG  . ASP A 1 132 ? -20.970 5.936   2.093   1.00 27.78 ? 131 ASP A CG  1 
ATOM   1000 O  OD1 . ASP A 1 132 ? -21.132 5.858   3.331   1.00 32.94 ? 131 ASP A OD1 1 
ATOM   1001 O  OD2 . ASP A 1 132 ? -21.876 6.462   1.402   1.00 33.38 ? 131 ASP A OD2 1 
ATOM   1002 N  N   . GLU A 1 133 ? -16.592 4.456   2.050   1.00 22.76 ? 132 GLU A N   1 
ATOM   1003 C  CA  . GLU A 1 133 ? -15.407 3.765   1.503   1.00 23.14 ? 132 GLU A CA  1 
ATOM   1004 C  C   . GLU A 1 133 ? -14.257 4.720   1.149   1.00 21.76 ? 132 GLU A C   1 
ATOM   1005 O  O   . GLU A 1 133 ? -13.578 4.570   0.131   1.00 20.58 ? 132 GLU A O   1 
ATOM   1006 C  CB  . GLU A 1 133 ? -15.807 2.898   0.299   1.00 24.30 ? 132 GLU A CB  1 
ATOM   1007 C  CG  . GLU A 1 133 ? -16.786 1.801   0.702   1.00 28.97 ? 132 GLU A CG  1 
ATOM   1008 C  CD  . GLU A 1 133 ? -16.932 0.717   -0.336  1.00 34.63 ? 132 GLU A CD  1 
ATOM   1009 O  OE1 . GLU A 1 133 ? -17.488 1.013   -1.418  1.00 38.62 ? 132 GLU A OE1 1 
ATOM   1010 O  OE2 . GLU A 1 133 ? -16.490 -0.430  -0.062  1.00 39.67 ? 132 GLU A OE2 1 
ATOM   1011 N  N   . ILE A 1 134 ? -14.041 5.691   2.031   1.00 21.27 ? 133 ILE A N   1 
ATOM   1012 C  CA  . ILE A 1 134 ? -12.996 6.697   1.852   1.00 21.16 ? 133 ILE A CA  1 
ATOM   1013 C  C   . ILE A 1 134 ? -11.590 6.094   1.588   1.00 20.72 ? 133 ILE A C   1 
ATOM   1014 O  O   . ILE A 1 134 ? -10.817 6.658   0.830   1.00 18.99 ? 133 ILE A O   1 
ATOM   1015 C  CB  . ILE A 1 134 ? -12.996 7.658   3.073   1.00 21.25 ? 133 ILE A CB  1 
ATOM   1016 C  CG1 . ILE A 1 134 ? -12.230 8.949   2.726   1.00 23.54 ? 133 ILE A CG1 1 
ATOM   1017 C  CG2 . ILE A 1 134 ? -12.451 6.921   4.313   1.00 22.06 ? 133 ILE A CG2 1 
ATOM   1018 C  CD1 . ILE A 1 134 ? -12.037 9.893   3.894   1.00 23.65 ? 133 ILE A CD1 1 
ATOM   1019 N  N   . GLY A 1 135 ? -11.268 4.932   2.167   1.00 21.39 ? 134 GLY A N   1 
ATOM   1020 C  CA  . GLY A 1 135 ? -9.976  4.286   1.927   1.00 21.50 ? 134 GLY A CA  1 
ATOM   1021 C  C   . GLY A 1 135 ? -9.693  3.721   0.540   1.00 22.60 ? 134 GLY A C   1 
ATOM   1022 O  O   . GLY A 1 135 ? -8.553  3.436   0.190   1.00 22.59 ? 134 GLY A O   1 
ATOM   1023 N  N   . ARG A 1 136 ? -10.727 3.550   -0.265  1.00 22.39 ? 135 ARG A N   1 
ATOM   1024 C  CA  . ARG A 1 136 ? -10.584 3.133   -1.659  1.00 23.15 ? 135 ARG A CA  1 
ATOM   1025 C  C   . ARG A 1 136 ? -10.542 4.333   -2.595  1.00 23.13 ? 135 ARG A C   1 
ATOM   1026 O  O   . ARG A 1 136 ? -10.451 4.193   -3.811  1.00 23.74 ? 135 ARG A O   1 
ATOM   1027 C  CB  . ARG A 1 136 ? -11.796 2.244   -2.015  1.00 24.42 ? 135 ARG A CB  1 
ATOM   1028 C  CG  . ARG A 1 136 ? -11.899 1.025   -1.138  1.00 26.96 ? 135 ARG A CG  1 
ATOM   1029 C  CD  . ARG A 1 136 ? -12.988 0.004   -1.559  1.00 33.09 ? 135 ARG A CD  1 
ATOM   1030 N  NE  . ARG A 1 136 ? -12.736 -0.554  -2.894  1.00 38.05 ? 135 ARG A NE  1 
ATOM   1031 C  CZ  . ARG A 1 136 ? -13.557 -1.360  -3.565  1.00 41.44 ? 135 ARG A CZ  1 
ATOM   1032 N  NH1 . ARG A 1 136 ? -14.721 -1.751  -3.042  1.00 42.59 ? 135 ARG A NH1 1 
ATOM   1033 N  NH2 . ARG A 1 136 ? -13.209 -1.788  -4.775  1.00 41.64 ? 135 ARG A NH2 1 
ATOM   1034 N  N   . LYS A 1 137 ? -10.656 5.527   -2.033  1.00 20.78 ? 136 LYS A N   1 
ATOM   1035 C  CA  . LYS A 1 137 ? -10.775 6.713   -2.833  1.00 21.36 ? 136 LYS A CA  1 
ATOM   1036 C  C   . LYS A 1 137 ? -9.523  7.538   -2.487  1.00 20.64 ? 136 LYS A C   1 
ATOM   1037 O  O   . LYS A 1 137 ? -8.410  7.009   -2.566  1.00 22.69 ? 136 LYS A O   1 
ATOM   1038 C  CB  . LYS A 1 137 ? -12.094 7.408   -2.523  1.00 20.66 ? 136 LYS A CB  1 
ATOM   1039 C  CG  . LYS A 1 137 ? -13.333 6.536   -2.809  1.00 22.32 ? 136 LYS A CG  1 
ATOM   1040 C  CD  . LYS A 1 137 ? -14.579 7.250   -2.345  1.00 21.26 ? 136 LYS A CD  1 
ATOM   1041 C  CE  . LYS A 1 137 ? -15.893 6.586   -2.832  1.00 23.92 ? 136 LYS A CE  1 
ATOM   1042 N  NZ  . LYS A 1 137 ? -17.072 7.218   -2.153  1.00 23.43 ? 136 LYS A NZ  1 
ATOM   1043 N  N   . GLU A 1 138 ? -9.698  8.784   -2.076  1.00 19.39 ? 137 GLU A N   1 
ATOM   1044 C  CA  . GLU A 1 138 ? -8.567  9.656   -1.745  1.00 18.94 ? 137 GLU A CA  1 
ATOM   1045 C  C   . GLU A 1 138 ? -8.038  9.481   -0.307  1.00 17.56 ? 137 GLU A C   1 
ATOM   1046 O  O   . GLU A 1 138 ? -6.938  9.915   -0.019  1.00 17.30 ? 137 GLU A O   1 
ATOM   1047 C  CB  . GLU A 1 138 ? -8.933  11.116  -2.053  1.00 19.84 ? 137 GLU A CB  1 
ATOM   1048 C  CG  . GLU A 1 138 ? -9.175  11.336  -3.544  1.00 23.67 ? 137 GLU A CG  1 
ATOM   1049 C  CD  . GLU A 1 138 ? -9.229  12.800  -3.999  1.00 27.94 ? 137 GLU A CD  1 
ATOM   1050 O  OE1 . GLU A 1 138 ? -9.317  13.724  -3.168  1.00 30.55 ? 137 GLU A OE1 1 
ATOM   1051 O  OE2 . GLU A 1 138 ? -9.180  13.024  -5.229  1.00 31.71 ? 137 GLU A OE2 1 
ATOM   1052 N  N   . GLY A 1 139 ? -8.788  8.807   0.554   1.00 15.79 ? 138 GLY A N   1 
ATOM   1053 C  CA  . GLY A 1 139 ? -8.343  8.441   1.888   1.00 15.98 ? 138 GLY A CA  1 
ATOM   1054 C  C   . GLY A 1 139 ? -8.335  9.560   2.908   1.00 14.26 ? 138 GLY A C   1 
ATOM   1055 O  O   . GLY A 1 139 ? -8.641  10.713  2.589   1.00 14.79 ? 138 GLY A O   1 
ATOM   1056 N  N   . ALA A 1 140 ? -7.982  9.185   4.139   1.00 14.71 ? 139 ALA A N   1 
ATOM   1057 C  CA  . ALA A 1 140 ? -7.637  10.137  5.185   1.00 13.99 ? 139 ALA A CA  1 
ATOM   1058 C  C   . ALA A 1 140 ? -6.616  11.164  4.660   1.00 13.01 ? 139 ALA A C   1 
ATOM   1059 O  O   . ALA A 1 140 ? -6.721  12.345  4.965   1.00 12.98 ? 139 ALA A O   1 
ATOM   1060 C  CB  . ALA A 1 140 ? -7.105  9.434   6.385   1.00 14.64 ? 139 ALA A CB  1 
ATOM   1061 N  N   . ILE A 1 141 ? -5.663  10.728  3.823   1.00 12.03 ? 140 ILE A N   1 
ATOM   1062 C  CA  . ILE A 1 141 ? -4.716  11.684  3.245   1.00 11.88 ? 140 ILE A CA  1 
ATOM   1063 C  C   . ILE A 1 141 ? -5.410  12.761  2.450   1.00 11.88 ? 140 ILE A C   1 
ATOM   1064 O  O   . ILE A 1 141 ? -5.118  13.940  2.621   1.00 12.09 ? 140 ILE A O   1 
ATOM   1065 C  CB  . ILE A 1 141 ? -3.659  10.947  2.380   1.00 11.50 ? 140 ILE A CB  1 
ATOM   1066 C  CG1 . ILE A 1 141 ? -2.697  10.206  3.306   1.00 14.15 ? 140 ILE A CG1 1 
ATOM   1067 C  CG2 . ILE A 1 141 ? -2.924  11.929  1.472   1.00 12.40 ? 140 ILE A CG2 1 
ATOM   1068 C  CD1 . ILE A 1 141 ? -1.896  9.097   2.609   1.00 16.22 ? 140 ILE A CD1 1 
ATOM   1069 N  N   . GLY A 1 142 ? -6.332  12.362  1.577   1.00 12.70 ? 141 GLY A N   1 
ATOM   1070 C  CA  . GLY A 1 142 ? -7.083  13.322  0.816   1.00 12.34 ? 141 GLY A CA  1 
ATOM   1071 C  C   . GLY A 1 142 ? -7.828  14.317  1.691   1.00 12.65 ? 141 GLY A C   1 
ATOM   1072 O  O   . GLY A 1 142 ? -7.816  15.535  1.420   1.00 13.48 ? 141 GLY A O   1 
ATOM   1073 N  N   . VAL A 1 143 ? -8.467  13.821  2.738   1.00 12.20 ? 142 VAL A N   1 
ATOM   1074 C  CA  . VAL A 1 143 ? -9.294  14.676  3.575   1.00 13.11 ? 142 VAL A CA  1 
ATOM   1075 C  C   . VAL A 1 143 ? -8.442  15.713  4.309   1.00 12.74 ? 142 VAL A C   1 
ATOM   1076 O  O   . VAL A 1 143 ? -8.722  16.913  4.237   1.00 12.57 ? 142 VAL A O   1 
ATOM   1077 C  CB  . VAL A 1 143 ? -10.094 13.869  4.600   1.00 14.22 ? 142 VAL A CB  1 
ATOM   1078 C  CG1 . VAL A 1 143 ? -10.770 14.829  5.616   1.00 16.03 ? 142 VAL A CG1 1 
ATOM   1079 C  CG2 . VAL A 1 143 ? -11.111 13.027  3.874   1.00 16.26 ? 142 VAL A CG2 1 
ATOM   1080 N  N   . PHE A 1 144 ? -7.404  15.238  4.975   1.00 10.70 ? 143 PHE A N   1 
ATOM   1081 C  CA  . PHE A 1 144 ? -6.600  16.107  5.836   1.00 11.79 ? 143 PHE A CA  1 
ATOM   1082 C  C   . PHE A 1 144 ? -5.639  16.994  5.076   1.00 11.36 ? 143 PHE A C   1 
ATOM   1083 O  O   . PHE A 1 144 ? -5.164  18.013  5.628   1.00 12.06 ? 143 PHE A O   1 
ATOM   1084 C  CB  . PHE A 1 144 ? -5.901  15.288  6.894   1.00 12.69 ? 143 PHE A CB  1 
ATOM   1085 C  CG  . PHE A 1 144 ? -6.866  14.653  7.883   1.00 13.89 ? 143 PHE A CG  1 
ATOM   1086 C  CD1 . PHE A 1 144 ? -8.039  15.304  8.251   1.00 16.74 ? 143 PHE A CD1 1 
ATOM   1087 C  CD2 . PHE A 1 144 ? -6.616  13.405  8.405   1.00 16.57 ? 143 PHE A CD2 1 
ATOM   1088 C  CE1 . PHE A 1 144 ? -8.941  14.728  9.153   1.00 16.84 ? 143 PHE A CE1 1 
ATOM   1089 C  CE2 . PHE A 1 144 ? -7.518  12.835  9.309   1.00 16.18 ? 143 PHE A CE2 1 
ATOM   1090 C  CZ  . PHE A 1 144 ? -8.664  13.488  9.670   1.00 16.03 ? 143 PHE A CZ  1 
ATOM   1091 N  N   . THR A 1 145 ? -5.403  16.672  3.798   1.00 11.24 ? 144 THR A N   1 
ATOM   1092 C  CA  . THR A 1 145 ? -4.578  17.554  2.982   1.00 11.10 ? 144 THR A CA  1 
ATOM   1093 C  C   . THR A 1 145 ? -5.409  18.466  2.077   1.00 12.29 ? 144 THR A C   1 
ATOM   1094 O  O   . THR A 1 145 ? -4.861  19.144  1.225   1.00 12.88 ? 144 THR A O   1 
ATOM   1095 C  CB  . THR A 1 145 ? -3.524  16.807  2.142   1.00 10.88 ? 144 THR A CB  1 
ATOM   1096 O  OG1 . THR A 1 145 ? -4.167  16.050  1.103   1.00 10.69 ? 144 THR A OG1 1 
ATOM   1097 C  CG2 . THR A 1 145 ? -2.661  15.871  3.006   1.00 11.04 ? 144 THR A CG2 1 
ATOM   1098 N  N   . ALA A 1 146 ? -6.710  18.493  2.290   1.00 13.63 ? 145 ALA A N   1 
ATOM   1099 C  CA  . ALA A 1 146 ? -7.635  19.279  1.458   1.00 14.69 ? 145 ALA A CA  1 
ATOM   1100 C  C   . ALA A 1 146 ? -7.474  18.943  -0.043  1.00 15.92 ? 145 ALA A C   1 
ATOM   1101 O  O   . ALA A 1 146 ? -7.553  19.836  -0.919  1.00 15.46 ? 145 ALA A O   1 
ATOM   1102 C  CB  . ALA A 1 146 ? -7.430  20.732  1.696   1.00 15.45 ? 145 ALA A CB  1 
ATOM   1103 N  N   . GLY A 1 147 ? -7.212  17.665  -0.319  1.00 16.31 ? 146 GLY A N   1 
ATOM   1104 C  CA  . GLY A 1 147 ? -7.062  17.140  -1.658  1.00 16.58 ? 146 GLY A CA  1 
ATOM   1105 C  C   . GLY A 1 147 ? -5.755  17.475  -2.347  1.00 17.32 ? 146 GLY A C   1 
ATOM   1106 O  O   . GLY A 1 147 ? -5.610  17.176  -3.532  1.00 18.01 ? 146 GLY A O   1 
ATOM   1107 N  N   . LYS A 1 148 ? -4.795  18.085  -1.640  1.00 16.02 ? 147 LYS A N   1 
ATOM   1108 C  CA  . LYS A 1 148 ? -3.495  18.410  -2.260  1.00 16.88 ? 147 LYS A CA  1 
ATOM   1109 C  C   . LYS A 1 148 ? -2.677  17.170  -2.469  1.00 15.65 ? 147 LYS A C   1 
ATOM   1110 O  O   . LYS A 1 148 ? -1.832  17.127  -3.374  1.00 17.19 ? 147 LYS A O   1 
ATOM   1111 C  CB  . LYS A 1 148 ? -2.716  19.410  -1.407  1.00 18.01 ? 147 LYS A CB  1 
ATOM   1112 C  CG  . LYS A 1 148 ? -3.457  20.705  -1.184  1.00 19.74 ? 147 LYS A CG  1 
ATOM   1113 C  CD  . LYS A 1 148 ? -3.988  21.310  -2.475  1.00 24.37 ? 147 LYS A CD  1 
ATOM   1114 C  CE  . LYS A 1 148 ? -4.776  22.576  -2.184  1.00 27.51 ? 147 LYS A CE  1 
ATOM   1115 N  NZ  . LYS A 1 148 ? -4.436  23.610  -3.173  1.00 27.31 ? 147 LYS A NZ  1 
ATOM   1116 N  N   . LEU A 1 149 ? -2.923  16.166  -1.643  1.00 13.71 ? 148 LEU A N   1 
ATOM   1117 C  CA  . LEU A 1 149 ? -2.378  14.834  -1.831  1.00 13.73 ? 148 LEU A CA  1 
ATOM   1118 C  C   . LEU A 1 149 ? -3.532  13.840  -1.737  1.00 14.36 ? 148 LEU A C   1 
ATOM   1119 O  O   . LEU A 1 149 ? -4.579  14.132  -1.179  1.00 14.72 ? 148 LEU A O   1 
ATOM   1120 C  CB  . LEU A 1 149 ? -1.332  14.502  -0.746  1.00 13.59 ? 148 LEU A CB  1 
ATOM   1121 C  CG  . LEU A 1 149 ? -0.090  15.393  -0.647  1.00 12.97 ? 148 LEU A CG  1 
ATOM   1122 C  CD1 . LEU A 1 149 ? 0.776   14.930  0.543   1.00 13.36 ? 148 LEU A CD1 1 
ATOM   1123 C  CD2 . LEU A 1 149 ? 0.694   15.387  -1.963  1.00 14.03 ? 148 LEU A CD2 1 
ATOM   1124 N  N   . THR A 1 150 ? -3.319  12.654  -2.274  1.00 14.68 ? 149 THR A N   1 
ATOM   1125 C  CA  . THR A 1 150 ? -4.209  11.528  -2.082  1.00 15.04 ? 149 THR A CA  1 
ATOM   1126 C  C   . THR A 1 150 ? -3.470  10.292  -1.613  1.00 15.93 ? 149 THR A C   1 
ATOM   1127 O  O   . THR A 1 150 ? -2.238  10.196  -1.668  1.00 13.63 ? 149 THR A O   1 
ATOM   1128 C  CB  . THR A 1 150 ? -4.969  11.197  -3.405  1.00 15.91 ? 149 THR A CB  1 
ATOM   1129 O  OG1 . THR A 1 150 ? -4.031  10.780  -4.415  1.00 14.86 ? 149 THR A OG1 1 
ATOM   1130 C  CG2 . THR A 1 150 ? -5.634  12.424  -4.005  1.00 16.01 ? 149 THR A CG2 1 
ATOM   1131 N  N   . ARG A 1 151 ? -4.233  9.311   -1.152  1.00 14.48 ? 150 ARG A N   1 
ATOM   1132 C  CA  . ARG A 1 151 ? -3.670  8.011   -0.824  1.00 15.27 ? 150 ARG A CA  1 
ATOM   1133 C  C   . ARG A 1 151 ? -2.774  7.524   -1.970  1.00 15.90 ? 150 ARG A C   1 
ATOM   1134 O  O   . ARG A 1 151 ? -1.649  7.098   -1.768  1.00 14.01 ? 150 ARG A O   1 
ATOM   1135 C  CB  . ARG A 1 151 ? -4.782  7.013   -0.520  1.00 16.60 ? 150 ARG A CB  1 
ATOM   1136 C  CG  . ARG A 1 151 ? -4.369  6.013   0.466   1.00 18.94 ? 150 ARG A CG  1 
ATOM   1137 C  CD  . ARG A 1 151 ? -5.465  5.069   0.933   1.00 21.49 ? 150 ARG A CD  1 
ATOM   1138 N  NE  . ARG A 1 151 ? -4.833  4.152   1.886   1.00 25.05 ? 150 ARG A NE  1 
ATOM   1139 C  CZ  . ARG A 1 151 ? -5.332  3.008   2.315   1.00 26.87 ? 150 ARG A CZ  1 
ATOM   1140 N  NH1 . ARG A 1 151 ? -4.630  2.261   3.168   1.00 27.83 ? 150 ARG A NH1 1 
ATOM   1141 N  NH2 . ARG A 1 151 ? -6.516  2.605   1.907   1.00 27.44 ? 150 ARG A NH2 1 
ATOM   1142 N  N   . SER A 1 152 ? -3.308  7.577   -3.171  1.00 15.10 ? 151 SER A N   1 
ATOM   1143 C  CA  . SER A 1 152 ? -2.572  7.184   -4.352  1.00 18.62 ? 151 SER A CA  1 
ATOM   1144 C  C   . SER A 1 152 ? -1.288  7.964   -4.622  1.00 15.81 ? 151 SER A C   1 
ATOM   1145 O  O   . SER A 1 152 ? -0.266  7.371   -4.992  1.00 14.08 ? 151 SER A O   1 
ATOM   1146 C  CB  . SER A 1 152 ? -3.439  7.406   -5.543  1.00 19.27 ? 151 SER A CB  1 
ATOM   1147 O  OG  A SER A 1 152 ? -3.195  6.361   -6.484  0.33 29.36 ? 151 SER A OG  1 
ATOM   1148 O  OG  B SER A 1 152 ? -2.824  6.982   -6.770  0.33 27.24 ? 151 SER A OG  1 
ATOM   1149 O  OG  C SER A 1 152 ? -4.249  6.251   -5.788  0.33 24.38 ? 151 SER A OG  1 
ATOM   1150 N  N   . SER A 1 153 ? -1.340  9.286   -4.506  1.00 13.69 ? 152 SER A N   1 
ATOM   1151 C  CA  . SER A 1 153 ? -0.137  10.056  -4.839  1.00 13.42 ? 152 SER A CA  1 
ATOM   1152 C  C   . SER A 1 153 ? 0.970   9.878   -3.812  1.00 12.73 ? 152 SER A C   1 
ATOM   1153 O  O   . SER A 1 153 ? 2.144   10.022  -4.138  1.00 12.55 ? 152 SER A O   1 
ATOM   1154 C  CB  . SER A 1 153 ? -0.433  11.547  -5.081  1.00 14.37 ? 152 SER A CB  1 
ATOM   1155 O  OG  . SER A 1 153 ? -0.794  12.234  -3.898  1.00 14.75 ? 152 SER A OG  1 
ATOM   1156 N  N   . VAL A 1 154 ? 0.594   9.600   -2.566  1.00 12.18 ? 153 VAL A N   1 
ATOM   1157 C  CA  . VAL A 1 154 ? 1.572   9.297   -1.509  1.00 13.29 ? 153 VAL A CA  1 
ATOM   1158 C  C   . VAL A 1 154 ? 2.128   7.871   -1.680  1.00 13.40 ? 153 VAL A C   1 
ATOM   1159 O  O   . VAL A 1 154 ? 3.339   7.648   -1.617  1.00 14.63 ? 153 VAL A O   1 
ATOM   1160 C  CB  . VAL A 1 154 ? 0.927   9.491   -0.116  1.00 12.40 ? 153 VAL A CB  1 
ATOM   1161 C  CG1 . VAL A 1 154 ? 1.825   8.979   1.047   1.00 16.04 ? 153 VAL A CG1 1 
ATOM   1162 C  CG2 . VAL A 1 154 ? 0.618   10.927  0.081   1.00 14.06 ? 153 VAL A CG2 1 
ATOM   1163 N  N   . TYR A 1 155 ? 1.259   6.911   -1.951  1.00 14.66 ? 154 TYR A N   1 
ATOM   1164 C  CA  . TYR A 1 155 ? 1.719   5.529   -2.200  1.00 14.59 ? 154 TYR A CA  1 
ATOM   1165 C  C   . TYR A 1 155 ? 2.585   5.441   -3.463  1.00 14.12 ? 154 TYR A C   1 
ATOM   1166 O  O   . TYR A 1 155 ? 3.562   4.679   -3.497  1.00 14.34 ? 154 TYR A O   1 
ATOM   1167 C  CB  . TYR A 1 155 ? 0.549   4.562   -2.221  1.00 16.87 ? 154 TYR A CB  1 
ATOM   1168 C  CG  . TYR A 1 155 ? -0.102  4.368   -0.836  1.00 16.60 ? 154 TYR A CG  1 
ATOM   1169 C  CD1 . TYR A 1 155 ? 0.393   5.008   0.303   1.00 18.52 ? 154 TYR A CD1 1 
ATOM   1170 C  CD2 . TYR A 1 155 ? -1.199  3.569   -0.684  1.00 21.31 ? 154 TYR A CD2 1 
ATOM   1171 C  CE1 . TYR A 1 155 ? -0.230  4.860   1.594   1.00 20.50 ? 154 TYR A CE1 1 
ATOM   1172 C  CE2 . TYR A 1 155 ? -1.790  3.389   0.570   1.00 22.25 ? 154 TYR A CE2 1 
ATOM   1173 C  CZ  . TYR A 1 155 ? -1.300  4.030   1.701   1.00 22.88 ? 154 TYR A CZ  1 
ATOM   1174 O  OH  . TYR A 1 155 ? -1.908  3.855   2.959   1.00 26.75 ? 154 TYR A OH  1 
ATOM   1175 N  N   . TYR A 1 156 ? 2.306   6.275   -4.454  1.00 12.23 ? 155 TYR A N   1 
ATOM   1176 C  CA  . TYR A 1 156 ? 3.140   6.369   -5.649  1.00 12.35 ? 155 TYR A CA  1 
ATOM   1177 C  C   . TYR A 1 156 ? 4.596   6.621   -5.315  1.00 11.56 ? 155 TYR A C   1 
ATOM   1178 O  O   . TYR A 1 156 ? 5.479   5.915   -5.853  1.00 10.92 ? 155 TYR A O   1 
ATOM   1179 C  CB  . TYR A 1 156 ? 2.632   7.473   -6.593  1.00 12.46 ? 155 TYR A CB  1 
ATOM   1180 C  CG  . TYR A 1 156 ? 3.575   7.862   -7.697  1.00 11.71 ? 155 TYR A CG  1 
ATOM   1181 C  CD1 . TYR A 1 156 ? 3.646   7.107   -8.862  1.00 12.95 ? 155 TYR A CD1 1 
ATOM   1182 C  CD2 . TYR A 1 156 ? 4.382   9.005   -7.610  1.00 13.27 ? 155 TYR A CD2 1 
ATOM   1183 C  CE1 . TYR A 1 156 ? 4.510   7.433   -9.845  1.00 14.13 ? 155 TYR A CE1 1 
ATOM   1184 C  CE2 . TYR A 1 156 ? 5.257   9.345   -8.614  1.00 14.51 ? 155 TYR A CE2 1 
ATOM   1185 C  CZ  . TYR A 1 156 ? 5.316   8.569   -9.736  1.00 16.61 ? 155 TYR A CZ  1 
ATOM   1186 O  OH  . TYR A 1 156 ? 6.184   8.904   -10.767 1.00 18.69 ? 155 TYR A OH  1 
ATOM   1187 N  N   . GLN A 1 157 ? 4.890   7.603   -4.451  1.00 10.84 ? 156 GLN A N   1 
ATOM   1188 C  CA  . GLN A 1 157 ? 6.288   7.862   -4.114  1.00 9.77  ? 156 GLN A CA  1 
ATOM   1189 C  C   . GLN A 1 157 ? 6.922   6.651   -3.437  1.00 10.18 ? 156 GLN A C   1 
ATOM   1190 O  O   . GLN A 1 157 ? 8.060   6.269   -3.715  1.00 9.69  ? 156 GLN A O   1 
ATOM   1191 C  CB  . GLN A 1 157 ? 6.451   9.095   -3.216  1.00 10.00 ? 156 GLN A CB  1 
ATOM   1192 C  CG  . GLN A 1 157 ? 6.093   10.394  -3.965  1.00 8.90  ? 156 GLN A CG  1 
ATOM   1193 C  CD  . GLN A 1 157 ? 6.680   11.623  -3.347  1.00 10.14 ? 156 GLN A CD  1 
ATOM   1194 O  OE1 . GLN A 1 157 ? 7.221   11.598  -2.219  1.00 10.81 ? 156 GLN A OE1 1 
ATOM   1195 N  NE2 . GLN A 1 157 ? 6.641   12.720  -4.105  1.00 9.76  ? 156 GLN A NE2 1 
ATOM   1196 N  N   . ALA A 1 158 ? 6.179   6.045   -2.516  1.00 9.21  ? 157 ALA A N   1 
ATOM   1197 C  CA  . ALA A 1 158 ? 6.688   4.872   -1.822  1.00 9.60  ? 157 ALA A CA  1 
ATOM   1198 C  C   . ALA A 1 158 ? 6.997   3.678   -2.747  1.00 9.53  ? 157 ALA A C   1 
ATOM   1199 O  O   . ALA A 1 158 ? 8.005   2.988   -2.583  1.00 9.39  ? 157 ALA A O   1 
ATOM   1200 C  CB  . ALA A 1 158 ? 5.731   4.450   -0.773  1.00 10.08 ? 157 ALA A CB  1 
ATOM   1201 N  N   . VAL A 1 159 ? 6.145   3.449   -3.719  1.00 8.86  ? 158 VAL A N   1 
ATOM   1202 C  CA  . VAL A 1 159 ? 6.427   2.415   -4.704  1.00 9.15  ? 158 VAL A CA  1 
ATOM   1203 C  C   . VAL A 1 159 ? 7.659   2.762   -5.551  1.00 8.73  ? 158 VAL A C   1 
ATOM   1204 O  O   . VAL A 1 159 ? 8.526   1.922   -5.751  1.00 9.91  ? 158 VAL A O   1 
ATOM   1205 C  CB  . VAL A 1 159 ? 5.206   2.102   -5.632  1.00 8.66  ? 158 VAL A CB  1 
ATOM   1206 C  CG1 . VAL A 1 159 ? 5.556   0.953   -6.539  1.00 10.87 ? 158 VAL A CG1 1 
ATOM   1207 C  CG2 . VAL A 1 159 ? 3.967   1.705   -4.787  1.00 10.01 ? 158 VAL A CG2 1 
ATOM   1208 N  N   . ILE A 1 160 ? 7.770   3.996   -6.025  1.00 8.79  ? 159 ILE A N   1 
ATOM   1209 C  CA  . ILE A 1 160 ? 8.984   4.401   -6.730  1.00 9.41  ? 159 ILE A CA  1 
ATOM   1210 C  C   . ILE A 1 160 ? 10.248  4.136   -5.913  1.00 9.33  ? 159 ILE A C   1 
ATOM   1211 O  O   . ILE A 1 160 ? 11.253  3.585   -6.412  1.00 9.04  ? 159 ILE A O   1 
ATOM   1212 C  CB  . ILE A 1 160 ? 8.934   5.902   -7.141  1.00 9.84  ? 159 ILE A CB  1 
ATOM   1213 C  CG1 . ILE A 1 160 ? 7.869   6.177   -8.218  1.00 13.34 ? 159 ILE A CG1 1 
ATOM   1214 C  CG2 . ILE A 1 160 ? 10.296  6.347   -7.564  1.00 10.61 ? 159 ILE A CG2 1 
ATOM   1215 C  CD1 . ILE A 1 160 ? 8.254   5.739   -9.598  1.00 14.79 ? 159 ILE A CD1 1 
ATOM   1216 N  N   . LEU A 1 161 ? 10.202  4.500   -4.635  1.00 7.98  ? 160 LEU A N   1 
ATOM   1217 C  CA  . LEU A 1 161 ? 11.328  4.306   -3.739  1.00 9.14  ? 160 LEU A CA  1 
ATOM   1218 C  C   . LEU A 1 161 ? 11.652  2.834   -3.521  1.00 8.79  ? 160 LEU A C   1 
ATOM   1219 O  O   . LEU A 1 161 ? 12.816  2.439   -3.558  1.00 9.50  ? 160 LEU A O   1 
ATOM   1220 C  CB  . LEU A 1 161 ? 11.072  5.038   -2.408  1.00 9.43  ? 160 LEU A CB  1 
ATOM   1221 C  CG  . LEU A 1 161 ? 11.084  6.572   -2.592  1.00 10.37 ? 160 LEU A CG  1 
ATOM   1222 C  CD1 . LEU A 1 161 ? 10.403  7.241   -1.417  1.00 11.48 ? 160 LEU A CD1 1 
ATOM   1223 C  CD2 . LEU A 1 161 ? 12.505  7.148   -2.850  1.00 11.03 ? 160 LEU A CD2 1 
ATOM   1224 N  N   . ALA A 1 162 ? 10.635  2.012   -3.362  1.00 8.97  ? 161 ALA A N   1 
ATOM   1225 C  CA  . ALA A 1 162 ? 10.830  0.572   -3.124  1.00 9.42  ? 161 ALA A CA  1 
ATOM   1226 C  C   . ALA A 1 162 ? 11.349  -0.101  -4.394  1.00 10.04 ? 161 ALA A C   1 
ATOM   1227 O  O   . ALA A 1 162 ? 11.939  -1.172  -4.322  1.00 9.59  ? 161 ALA A O   1 
ATOM   1228 C  CB  . ALA A 1 162 ? 9.547   -0.069  -2.678  1.00 11.32 ? 161 ALA A CB  1 
ATOM   1229 N  N   . LEU A 1 163 ? 11.142  0.532   -5.561  1.00 9.49  ? 162 LEU A N   1 
ATOM   1230 C  CA  . LEU A 1 163 ? 11.648  0.025   -6.833  1.00 9.90  ? 162 LEU A CA  1 
ATOM   1231 C  C   . LEU A 1 163 ? 13.133  0.267   -7.069  1.00 11.03 ? 162 LEU A C   1 
ATOM   1232 O  O   . LEU A 1 163 ? 13.703  -0.263  -8.008  1.00 11.08 ? 162 LEU A O   1 
ATOM   1233 C  CB  . LEU A 1 163 ? 10.821  0.606   -7.987  1.00 11.09 ? 162 LEU A CB  1 
ATOM   1234 C  CG  . LEU A 1 163 ? 9.530   -0.137  -8.369  1.00 12.45 ? 162 LEU A CG  1 
ATOM   1235 C  CD1 . LEU A 1 163 ? 8.718   0.665   -9.387  1.00 15.20 ? 162 LEU A CD1 1 
ATOM   1236 C  CD2 . LEU A 1 163 ? 9.841   -1.557  -8.878  1.00 13.15 ? 162 LEU A CD2 1 
ATOM   1237 N  N   . SER A 1 164 ? 13.785  1.033   -6.194  1.00 10.86 ? 163 SER A N   1 
ATOM   1238 C  CA  . SER A 1 164 ? 15.174  1.390   -6.347  1.00 10.09 ? 163 SER A CA  1 
ATOM   1239 C  C   . SER A 1 164 ? 16.151  0.234   -6.578  1.00 11.28 ? 163 SER A C   1 
ATOM   1240 O  O   . SER A 1 164 ? 17.021  0.347   -7.430  1.00 10.71 ? 163 SER A O   1 
ATOM   1241 C  CB  . SER A 1 164 ? 15.588  2.251   -5.168  1.00 10.06 ? 163 SER A CB  1 
ATOM   1242 O  OG  . SER A 1 164 ? 14.879  3.466   -5.187  1.00 10.32 ? 163 SER A OG  1 
ATOM   1243 N  N   . PRO A 1 165 ? 16.059  -0.862  -5.831  1.00 12.17 ? 164 PRO A N   1 
ATOM   1244 C  CA  . PRO A 1 165 ? 16.955  -1.994  -6.066  1.00 12.90 ? 164 PRO A CA  1 
ATOM   1245 C  C   . PRO A 1 165 ? 16.821  -2.621  -7.447  1.00 14.64 ? 164 PRO A C   1 
ATOM   1246 O  O   . PRO A 1 165 ? 17.772  -3.321  -7.837  1.00 15.67 ? 164 PRO A O   1 
ATOM   1247 C  CB  . PRO A 1 165 ? 16.549  -2.998  -4.986  1.00 13.57 ? 164 PRO A CB  1 
ATOM   1248 C  CG  . PRO A 1 165 ? 15.800  -2.224  -3.987  1.00 13.94 ? 164 PRO A CG  1 
ATOM   1249 C  CD  . PRO A 1 165 ? 15.129  -1.134  -4.713  1.00 13.41 ? 164 PRO A CD  1 
ATOM   1250 N  N   . PHE A 1 166 ? 15.749  -2.363  -8.199  1.00 15.25 ? 165 PHE A N   1 
ATOM   1251 C  CA  . PHE A 1 166 ? 15.457  -3.116  -9.416  1.00 15.83 ? 165 PHE A CA  1 
ATOM   1252 C  C   . PHE A 1 166 ? 15.848  -2.376  -10.681 1.00 17.54 ? 165 PHE A C   1 
ATOM   1253 O  O   . PHE A 1 166 ? 15.538  -2.818  -11.788 1.00 18.88 ? 165 PHE A O   1 
ATOM   1254 C  CB  . PHE A 1 166 ? 13.968  -3.439  -9.444  1.00 16.41 ? 165 PHE A CB  1 
ATOM   1255 C  CG  . PHE A 1 166 ? 13.522  -4.265  -8.273  1.00 14.50 ? 165 PHE A CG  1 
ATOM   1256 C  CD1 . PHE A 1 166 ? 13.821  -5.635  -8.209  1.00 13.31 ? 165 PHE A CD1 1 
ATOM   1257 C  CD2 . PHE A 1 166 ? 12.860  -3.688  -7.180  1.00 12.66 ? 165 PHE A CD2 1 
ATOM   1258 C  CE1 . PHE A 1 166 ? 13.425  -6.378  -7.156  1.00 13.11 ? 165 PHE A CE1 1 
ATOM   1259 C  CE2 . PHE A 1 166 ? 12.497  -4.460  -6.094  1.00 12.52 ? 165 PHE A CE2 1 
ATOM   1260 C  CZ  . PHE A 1 166 ? 12.756  -5.794  -6.079  1.00 12.66 ? 165 PHE A CZ  1 
ATOM   1261 N  N   . HIS A 1 167 ? 16.462  -1.212  -10.496 1.00 16.71 ? 166 HIS A N   1 
ATOM   1262 C  CA  . HIS A 1 167 ? 16.955  -0.433  -11.607 1.00 19.00 ? 166 HIS A CA  1 
ATOM   1263 C  C   . HIS A 1 167 ? 18.203  0.433   -11.216 1.00 19.20 ? 166 HIS A C   1 
ATOM   1264 O  O   . HIS A 1 167 ? 18.452  1.399   -11.854 1.00 22.25 ? 166 HIS A O   1 
ATOM   1265 C  CB  . HIS A 1 167 ? 15.791  0.368   -12.227 1.00 18.22 ? 166 HIS A CB  1 
ATOM   1266 C  CG  . HIS A 1 167 ? 15.477  1.642   -11.500 1.00 16.76 ? 166 HIS A CG  1 
ATOM   1267 N  ND1 . HIS A 1 167 ? 14.769  1.678   -10.319 1.00 14.93 ? 166 HIS A ND1 1 
ATOM   1268 C  CD2 . HIS A 1 167 ? 15.790  2.925   -11.793 1.00 13.43 ? 166 HIS A CD2 1 
ATOM   1269 C  CE1 . HIS A 1 167 ? 14.698  2.931   -9.897  1.00 8.41  ? 166 HIS A CE1 1 
ATOM   1270 N  NE2 . HIS A 1 167 ? 15.279  3.709   -10.788 1.00 17.74 ? 166 HIS A NE2 1 
ATOM   1271 N  N   . ASN A 1 168 ? 18.999  0.059   -10.197 1.00 22.27 ? 167 ASN A N   1 
ATOM   1272 C  CA  . ASN A 1 168 ? 20.361  0.665   -9.933  1.00 22.55 ? 167 ASN A CA  1 
ATOM   1273 C  C   . ASN A 1 168 ? 21.560  -0.255  -9.570  1.00 25.07 ? 167 ASN A C   1 
ATOM   1274 O  O   . ASN A 1 168 ? 21.498  -0.965  -8.569  1.00 25.24 ? 167 ASN A O   1 
ATOM   1275 C  CB  . ASN A 1 168 ? 20.329  1.676   -8.766  1.00 21.95 ? 167 ASN A CB  1 
ATOM   1276 C  CG  . ASN A 1 168 ? 19.425  2.827   -9.025  1.00 21.24 ? 167 ASN A CG  1 
ATOM   1277 O  OD1 . ASN A 1 168 ? 19.867  3.869   -9.499  1.00 23.81 ? 167 ASN A OD1 1 
ATOM   1278 N  ND2 . ASN A 1 168 ? 18.157  2.672   -8.688  1.00 16.60 ? 167 ASN A ND2 1 
ATOM   1279 N  N   . ALA A 1 169 ? 22.629  -0.256  -10.367 0.50 26.37 ? 168 ALA A N   1 
ATOM   1280 C  CA  . ALA A 1 169 ? 24.017  -0.537  -9.901  1.00 28.66 ? 168 ALA A CA  1 
ATOM   1281 C  C   . ALA A 1 169 ? 24.631  -1.869  -10.341 1.00 29.02 ? 168 ALA A C   1 
ATOM   1282 O  O   . ALA A 1 169 ? 25.829  -2.170  -10.121 1.00 32.52 ? 168 ALA A O   1 
ATOM   1283 C  CB  . ALA A 1 169 ? 24.140  -0.381  -8.397  1.00 27.94 ? 168 ALA A CB  1 
HETATM 1284 P  P   . PO4 B 2 .   ? -7.231  5.121   4.589   0.50 25.48 ? 201 PO4 A P   1 
HETATM 1285 O  O1  . PO4 B 2 .   ? -7.231  6.505   4.075   0.50 11.77 ? 201 PO4 A O1  1 
HETATM 1286 O  O2  . PO4 B 2 .   ? -5.912  4.738   5.177   0.50 20.29 ? 201 PO4 A O2  1 
HETATM 1287 O  O3  . PO4 B 2 .   ? -7.480  4.238   3.388   0.50 25.73 ? 201 PO4 A O3  1 
HETATM 1288 O  O4  . PO4 B 2 .   ? -8.390  4.878   5.532   0.50 23.07 ? 201 PO4 A O4  1 
HETATM 1289 O  O   . HOH C 3 .   ? -0.075  -7.756  13.487  1.00 27.96 ? 330 HOH A O   1 
HETATM 1290 O  O   . HOH C 3 .   ? 1.497   -17.975 4.402   1.00 20.65 ? 331 HOH A O   1 
HETATM 1291 O  O   . HOH C 3 .   ? -1.251  -5.026  -0.463  1.00 14.86 ? 334 HOH A O   1 
HETATM 1292 O  O   . HOH C 3 .   ? 4.615   -11.149 -21.891 1.00 26.88 ? 344 HOH A O   1 
HETATM 1293 O  O   . HOH C 3 .   ? 16.470  -1.196  3.651   1.00 70.21 ? 374 HOH A O   1 
HETATM 1294 O  O   . HOH C 3 .   ? 3.259   11.797  11.535  1.00 25.29 ? 375 HOH A O   1 
HETATM 1295 O  O   . HOH C 3 .   ? 12.889  -2.792  5.507   1.00 17.65 ? 377 HOH A O   1 
HETATM 1296 O  O   . HOH C 3 .   ? 5.127   8.228   0.509   1.00 9.96  ? 383 HOH A O   1 
HETATM 1297 O  O   . HOH C 3 .   ? 13.597  4.048   -7.609  1.00 10.79 ? 385 HOH A O   1 
HETATM 1298 O  O   . HOH C 3 .   ? -9.110  1.059   6.909   1.00 19.64 ? 386 HOH A O   1 
HETATM 1299 O  O   . HOH C 3 .   ? -1.873  -3.243  -16.343 1.00 17.90 ? 387 HOH A O   1 
HETATM 1300 O  O   . HOH C 3 .   ? 14.870  -2.603  0.370   1.00 15.53 ? 388 HOH A O   1 
HETATM 1301 O  O   . HOH C 3 .   ? -5.063  7.843   3.415   1.00 18.43 ? 389 HOH A O   1 
HETATM 1302 O  O   . HOH C 3 .   ? 2.847   -22.260 -5.542  1.00 20.90 ? 390 HOH A O   1 
HETATM 1303 O  O   . HOH C 3 .   ? -10.661 18.065  3.089   1.00 23.08 ? 392 HOH A O   1 
HETATM 1304 O  O   . HOH C 3 .   ? 0.348   7.951   5.353   1.00 17.40 ? 393 HOH A O   1 
HETATM 1305 O  O   . HOH C 3 .   ? -3.791  -1.840  4.196   1.00 19.90 ? 394 HOH A O   1 
HETATM 1306 O  O   . HOH C 3 .   ? -8.822  15.496  17.800  1.00 16.15 ? 395 HOH A O   1 
HETATM 1307 O  O   . HOH C 3 .   ? 13.697  -0.469  4.375   1.00 28.08 ? 396 HOH A O   1 
HETATM 1308 O  O   . HOH C 3 .   ? -7.296  0.101   2.939   1.00 32.86 ? 398 HOH A O   1 
HETATM 1309 O  O   . HOH C 3 .   ? 1.686   -17.957 -12.151 1.00 24.81 ? 399 HOH A O   1 
HETATM 1310 O  O   . HOH C 3 .   ? -9.322  17.080  15.749  1.00 21.75 ? 401 HOH A O   1 
HETATM 1311 O  O   . HOH C 3 .   ? 8.817   -6.589  9.693   1.00 18.62 ? 402 HOH A O   1 
HETATM 1312 O  O   . HOH C 3 .   ? -5.340  15.996  17.870  1.00 25.69 ? 404 HOH A O   1 
HETATM 1313 O  O   . HOH C 3 .   ? -5.865  -0.111  4.493   1.00 31.25 ? 406 HOH A O   1 
HETATM 1314 O  O   . HOH C 3 .   ? 5.478   12.532  -6.747  1.00 17.24 ? 407 HOH A O   1 
HETATM 1315 O  O   . HOH C 3 .   ? 0.482   -9.743  -14.197 1.00 15.34 ? 408 HOH A O   1 
HETATM 1316 O  O   . HOH C 3 .   ? 7.477   11.135  -10.657 1.00 21.59 ? 410 HOH A O   1 
HETATM 1317 O  O   . HOH C 3 .   ? 10.774  -13.185 -13.948 1.00 24.70 ? 411 HOH A O   1 
HETATM 1318 O  O   . HOH C 3 .   ? -3.541  -3.213  6.689   1.00 27.56 ? 412 HOH A O   1 
HETATM 1319 O  O   . HOH C 3 .   ? -0.889  14.662  -5.094  1.00 24.32 ? 413 HOH A O   1 
HETATM 1320 O  O   . HOH C 3 .   ? -4.161  -10.246 -15.547 1.00 27.67 ? 415 HOH A O   1 
HETATM 1321 O  O   . HOH C 3 .   ? -6.216  2.285   6.455   1.00 29.36 ? 416 HOH A O   1 
HETATM 1322 O  O   . HOH C 3 .   ? 11.019  -2.317  -19.434 1.00 30.38 ? 418 HOH A O   1 
HETATM 1323 O  O   . HOH C 3 .   ? 3.312   -12.755 10.483  1.00 27.58 ? 419 HOH A O   1 
HETATM 1324 O  O   . HOH C 3 .   ? -1.280  5.410   5.068   1.00 29.37 ? 421 HOH A O   1 
HETATM 1325 O  O   . HOH C 3 .   ? 3.510   6.679   -14.690 1.00 25.91 ? 424 HOH A O   1 
HETATM 1326 O  O   . HOH C 3 .   ? -17.850 3.058   4.331   1.00 30.65 ? 426 HOH A O   1 
HETATM 1327 O  O   . HOH C 3 .   ? 8.351   -11.001 -18.775 1.00 23.94 ? 435 HOH A O   1 
HETATM 1328 O  O   . HOH C 3 .   ? 24.001  1.997   -9.394  1.00 18.93 ? 436 HOH A O   1 
HETATM 1329 O  O   . HOH C 3 .   ? -22.805 11.079  4.391   1.00 22.91 ? 440 HOH A O   1 
HETATM 1330 O  O   . HOH C 3 .   ? -6.262  18.855  17.351  1.00 21.69 ? 442 HOH A O   1 
HETATM 1331 O  O   . HOH C 3 .   ? -4.275  11.044  -7.017  1.00 28.89 ? 446 HOH A O   1 
HETATM 1332 O  O   . HOH C 3 .   ? 9.142   -10.140 -20.143 1.00 39.87 ? 448 HOH A O   1 
HETATM 1333 O  O   . HOH C 3 .   ? -2.930  -4.751  1.915   1.00 27.19 ? 449 HOH A O   1 
HETATM 1334 O  O   . HOH C 3 .   ? 13.124  -12.738 -3.022  1.00 34.82 ? 453 HOH A O   1 
HETATM 1335 O  O   . HOH C 3 .   ? -24.032 10.181  2.383   1.00 26.66 ? 459 HOH A O   1 
HETATM 1336 O  O   . HOH C 3 .   ? -7.034  17.900  15.159  1.00 31.58 ? 468 HOH A O   1 
HETATM 1337 O  O   . HOH C 3 .   ? -7.363  -6.065  -1.398  1.00 28.87 ? 473 HOH A O   1 
HETATM 1338 O  O   . HOH C 3 .   ? 6.523   -11.914 -20.149 1.00 27.59 ? 474 HOH A O   1 
HETATM 1339 O  O   . HOH C 3 .   ? -6.855  9.181   -6.177  1.00 37.72 ? 478 HOH A O   1 
HETATM 1340 O  O   . HOH C 3 .   ? -18.342 4.118   9.177   1.00 21.20 ? 493 HOH A O   1 
HETATM 1341 O  O   . HOH C 3 .   ? -1.141  9.668   -8.185  1.00 33.44 ? 499 HOH A O   1 
HETATM 1342 O  O   . HOH C 3 .   ? -0.669  7.446   -8.367  1.00 33.46 ? 504 HOH A O   1 
HETATM 1343 O  O   . HOH C 3 .   ? 8.337   -16.548 -11.828 1.00 32.41 ? 508 HOH A O   1 
HETATM 1344 O  O   . HOH C 3 .   ? 22.945  -4.441  -5.949  1.00 24.94 ? 542 HOH A O   1 
HETATM 1345 O  O   . HOH C 3 .   ? -6.213  7.986   -3.851  1.00 12.81 ? 588 HOH A O   1 
HETATM 1346 O  O   . HOH C 3 .   ? -5.854  -3.823  0.204   1.00 26.07 ? 589 HOH A O   1 
HETATM 1347 O  O   . HOH C 3 .   ? -12.025 10.230  -1.159  1.00 25.75 ? 614 HOH A O   1 
HETATM 1348 O  O   . HOH C 3 .   ? -11.046 15.532  13.943  1.00 31.16 ? 617 HOH A O   1 
HETATM 1349 O  O   . HOH C 3 .   ? 13.958  -7.490  -11.870 1.00 27.38 ? 636 HOH A O   1 
HETATM 1350 O  O   . HOH C 3 .   ? -8.720  17.436  11.384  1.00 31.92 ? 637 HOH A O   1 
HETATM 1351 O  O   . HOH C 3 .   ? -10.419 17.720  14.147  1.00 29.96 ? 638 HOH A O   1 
HETATM 1352 O  O   . HOH C 3 .   ? 6.043   11.035  0.119   0.50 11.31 ? 701 HOH A O   1 
HETATM 1353 O  O   . HOH C 3 .   ? 7.694   7.218   6.981   0.50 8.11  ? 702 HOH A O   1 
HETATM 1354 O  O   . HOH C 3 .   ? -21.065 11.632  10.469  1.00 14.97 ? 703 HOH A O   1 
HETATM 1355 O  O   . HOH C 3 .   ? -6.897  -13.785 5.137   1.00 35.94 ? 704 HOH A O   1 
HETATM 1356 O  O   . HOH C 3 .   ? 6.379   3.966   13.487  1.00 25.62 ? 706 HOH A O   1 
HETATM 1357 O  O   . HOH C 3 .   ? 19.942  0.627   -14.137 1.00 57.92 ? 707 HOH A O   1 
HETATM 1358 O  O   . HOH C 3 .   ? 22.797  1.502   -12.364 1.00 17.40 ? 708 HOH A O   1 
HETATM 1359 O  O   . HOH C 3 .   ? -12.137 20.259  3.700   1.00 29.73 ? 709 HOH A O   1 
HETATM 1360 O  O   . HOH C 3 .   ? -11.025 20.733  5.272   1.00 35.65 ? 710 HOH A O   1 
HETATM 1361 O  O   . HOH C 3 .   ? 21.868  -2.900  -7.407  1.00 19.63 ? 711 HOH A O   1 
HETATM 1362 O  O   . HOH C 3 .   ? -11.943 20.717  17.274  1.00 26.13 ? 712 HOH A O   1 
HETATM 1363 O  O   . HOH C 3 .   ? -8.387  18.381  14.241  1.00 25.58 ? 713 HOH A O   1 
HETATM 1364 O  O   . HOH C 3 .   ? 21.222  -4.390  -15.900 1.00 25.97 ? 715 HOH A O   1 
HETATM 1365 O  O   . HOH C 3 .   ? -0.707  2.433   3.718   1.00 37.41 ? 718 HOH A O   1 
HETATM 1366 O  O   . HOH C 3 .   ? 7.976   -4.965  -21.198 1.00 37.96 ? 802 HOH A O   1 
HETATM 1367 O  O   . HOH C 3 .   ? 2.140   -0.848  -18.651 1.00 34.69 ? 804 HOH A O   1 
HETATM 1368 O  O   . HOH C 3 .   ? 12.252  -10.012 -12.391 1.00 25.91 ? 806 HOH A O   1 
HETATM 1369 O  O   . HOH C 3 .   ? 3.510   -5.214  -22.045 1.00 8.13  ? 807 HOH A O   1 
HETATM 1370 O  O   . HOH C 3 .   ? 3.115   -16.999 -25.204 1.00 69.37 ? 808 HOH A O   1 
HETATM 1371 O  O   . HOH C 3 .   ? 0.462   -15.145 -12.929 1.00 36.14 ? 810 HOH A O   1 
HETATM 1372 O  O   . HOH C 3 .   ? -3.038  -5.540  -8.088  1.00 39.74 ? 811 HOH A O   1 
HETATM 1373 O  O   . HOH C 3 .   ? -6.086  2.362   -0.692  1.00 55.88 ? 812 HOH A O   1 
HETATM 1374 O  O   . HOH C 3 .   ? -10.782 -2.291  -1.986  1.00 37.01 ? 813 HOH A O   1 
HETATM 1375 O  O   . HOH C 3 .   ? -5.003  -8.385  -0.634  1.00 33.77 ? 814 HOH A O   1 
HETATM 1376 O  O   . HOH C 3 .   ? -6.897  1.777   -10.107 1.00 33.25 ? 815 HOH A O   1 
HETATM 1377 O  O   . HOH C 3 .   ? 20.572  2.977   -12.509 1.00 35.95 ? 816 HOH A O   1 
HETATM 1378 O  O   . HOH C 3 .   ? -3.078  -7.371  7.278   1.00 29.70 ? 820 HOH A O   1 
HETATM 1379 O  O   . HOH C 3 .   ? -2.462  -7.133  12.765  1.00 21.56 ? 821 HOH A O   1 
HETATM 1380 O  O   . HOH C 3 .   ? 1.962   -8.335  11.675  1.00 23.25 ? 822 HOH A O   1 
HETATM 1381 O  O   . HOH C 3 .   ? 6.709   -11.345 7.770   1.00 25.68 ? 823 HOH A O   1 
HETATM 1382 O  O   . HOH C 3 .   ? 0.685   -9.780  15.286  1.00 30.19 ? 824 HOH A O   1 
HETATM 1383 O  O   . HOH C 3 .   ? -9.791  -2.997  13.404  1.00 32.17 ? 825 HOH A O   1 
HETATM 1384 O  O   . HOH C 3 .   ? 8.769   -9.977  8.780   1.00 33.33 ? 827 HOH A O   1 
HETATM 1385 O  O   . HOH C 3 .   ? 10.471  -0.068  11.234  1.00 38.39 ? 828 HOH A O   1 
HETATM 1386 O  O   . HOH C 3 .   ? 8.802   -12.477 6.314   1.00 28.82 ? 829 HOH A O   1 
HETATM 1387 O  O   . HOH C 3 .   ? 12.393  -9.236  3.738   1.00 40.44 ? 830 HOH A O   1 
HETATM 1388 O  O   . HOH C 3 .   ? 7.602   -21.329 -10.224 1.00 58.05 ? 837 HOH A O   1 
HETATM 1389 O  O   . HOH C 3 .   ? 3.313   -10.570 12.090  1.00 35.07 ? 838 HOH A O   1 
HETATM 1390 O  O   . HOH C 3 .   ? 10.566  -8.951  -15.819 1.00 53.12 ? 840 HOH A O   1 
HETATM 1391 O  O   . HOH C 3 .   ? 10.119  -9.604  -17.812 1.00 34.44 ? 841 HOH A O   1 
HETATM 1392 O  O   . HOH C 3 .   ? 13.043  -6.775  -14.867 1.00 30.86 ? 842 HOH A O   1 
HETATM 1393 O  O   . HOH C 3 .   ? -5.321  1.642   8.326   1.00 30.54 ? 844 HOH A O   1 
HETATM 1394 O  O   . HOH C 3 .   ? -3.275  3.169   8.440   1.00 35.19 ? 848 HOH A O   1 
HETATM 1395 O  O   . HOH C 3 .   ? -2.749  7.831   20.660  1.00 65.36 ? 850 HOH A O   1 
HETATM 1396 O  O   . HOH C 3 .   ? -5.399  7.209   22.634  1.00 43.19 ? 851 HOH A O   1 
HETATM 1397 O  O   . HOH C 3 .   ? 17.320  -2.286  -0.590  1.00 33.51 ? 855 HOH A O   1 
HETATM 1398 O  O   . HOH C 3 .   ? 19.774  -1.096  -4.004  1.00 31.51 ? 856 HOH A O   1 
HETATM 1399 O  O   . HOH C 3 .   ? -4.426  14.999  10.454  1.00 22.16 ? 857 HOH A O   1 
HETATM 1400 O  O   . HOH C 3 .   ? -4.039  15.730  12.460  1.00 28.88 ? 858 HOH A O   1 
HETATM 1401 O  O   . HOH C 3 .   ? -12.797 9.548   19.493  1.00 32.64 ? 859 HOH A O   1 
HETATM 1402 O  O   . HOH C 3 .   ? -13.013 17.625  15.170  1.00 30.97 ? 862 HOH A O   1 
HETATM 1403 O  O   . HOH C 3 .   ? -16.175 -1.213  13.487  1.00 31.45 ? 863 HOH A O   1 
HETATM 1404 O  O   . HOH C 3 .   ? -12.559 2.716   3.784   1.00 21.83 ? 865 HOH A O   1 
HETATM 1405 O  O   . HOH C 3 .   ? -20.192 14.570  8.245   1.00 34.48 ? 867 HOH A O   1 
HETATM 1406 O  O   . HOH C 3 .   ? -17.042 9.754   -2.672  1.00 33.83 ? 868 HOH A O   1 
HETATM 1407 O  O   . HOH C 3 .   ? -10.113 14.189  -0.589  1.00 33.50 ? 870 HOH A O   1 
HETATM 1408 O  O   . HOH C 3 .   ? -10.641 11.782  0.706   1.00 26.65 ? 871 HOH A O   1 
HETATM 1409 O  O   . HOH C 3 .   ? -8.599  20.262  4.849   1.00 32.52 ? 872 HOH A O   1 
HETATM 1410 O  O   . HOH C 3 .   ? -8.902  22.559  5.230   1.00 30.83 ? 873 HOH A O   1 
HETATM 1411 O  O   . HOH C 3 .   ? -10.789 16.383  0.346   1.00 39.83 ? 874 HOH A O   1 
HETATM 1412 O  O   . HOH C 3 .   ? -7.478  24.014  3.530   1.00 31.84 ? 877 HOH A O   1 
HETATM 1413 O  O   . HOH C 3 .   ? -7.489  15.523  -4.790  1.00 33.62 ? 878 HOH A O   1 
HETATM 1414 O  O   . HOH C 3 .   ? -6.370  25.453  -2.498  1.00 46.93 ? 879 HOH A O   1 
HETATM 1415 O  O   . HOH C 3 .   ? 3.546   12.539  -9.198  1.00 81.90 ? 880 HOH A O   1 
HETATM 1416 O  O   . HOH C 3 .   ? 2.827   11.808  -6.487  1.00 21.68 ? 881 HOH A O   1 
HETATM 1417 O  O   . HOH C 3 .   ? 19.825  0.820   -5.377  1.00 43.64 ? 882 HOH A O   1 
HETATM 1418 O  O   . HOH C 3 .   ? 18.619  -4.402  -10.723 1.00 38.38 ? 886 HOH A O   1 
HETATM 1419 O  O   . HOH C 3 .   ? 17.405  -0.304  -15.511 1.00 36.34 ? 887 HOH A O   1 
HETATM 1420 O  O   . HOH C 3 .   ? 14.551  -6.420  8.019   1.00 30.84 ? 892 HOH A O   1 
HETATM 1421 O  O   . HOH C 3 .   ? 15.205  -3.767  6.665   1.00 36.29 ? 893 HOH A O   1 
HETATM 1422 O  O   . HOH C 3 .   ? -14.628 19.197  3.112   1.00 30.42 ? 894 HOH A O   1 
HETATM 1423 O  O   . HOH C 3 .   ? -11.355 20.773  0.857   1.00 42.08 ? 895 HOH A O   1 
HETATM 1424 O  O   . HOH C 3 .   ? -7.229  16.875  19.899  0.50 24.88 ? 896 HOH A O   1 
HETATM 1425 O  O   . HOH C 3 .   ? -6.231  16.478  22.075  0.50 27.38 ? 897 HOH A O   1 
HETATM 1426 O  O   . HOH C 3 .   ? 7.579   5.674   -21.220 1.00 29.61 ? 898 HOH A O   1 
HETATM 1427 O  O   . HOH C 3 .   ? 22.798  -7.589  -0.639  0.50 24.37 ? 901 HOH A O   1 
HETATM 1428 O  O   . HOH C 3 .   ? -3.403  5.818   3.777   1.00 40.47 ? 902 HOH A O   1 
HETATM 1429 O  O   . HOH C 3 .   ? 0.874   5.208   17.236  1.00 32.40 ? 903 HOH A O   1 
HETATM 1430 O  O   . HOH C 3 .   ? 9.510   -1.956  10.430  1.00 94.95 ? 904 HOH A O   1 
HETATM 1431 O  O   . HOH C 3 .   ? 6.641   -2.551  16.277  1.00 40.50 ? 905 HOH A O   1 
# 
